data_9GV4
# 
_entry.id   9GV4 
# 
_audit_conform.dict_name       mmcif_pdbx.dic 
_audit_conform.dict_version    5.404 
_audit_conform.dict_location   http://mmcif.pdb.org/dictionaries/ascii/mmcif_pdbx.dic 
# 
loop_
_database_2.database_id 
_database_2.database_code 
_database_2.pdbx_database_accession 
_database_2.pdbx_DOI 
PDB   9GV4         pdb_00009gv4 10.2210/pdb9gv4/pdb 
WWPDB D_1292141922 ?            ?                   
# 
_pdbx_audit_revision_history.ordinal             1 
_pdbx_audit_revision_history.data_content_type   'Structure model' 
_pdbx_audit_revision_history.major_revision      1 
_pdbx_audit_revision_history.minor_revision      0 
_pdbx_audit_revision_history.revision_date       2025-06-11 
_pdbx_audit_revision_history.part_number         ? 
# 
_pdbx_audit_revision_details.ordinal             1 
_pdbx_audit_revision_details.revision_ordinal    1 
_pdbx_audit_revision_details.data_content_type   'Structure model' 
_pdbx_audit_revision_details.provider            repository 
_pdbx_audit_revision_details.type                'Initial release' 
_pdbx_audit_revision_details.description         ? 
_pdbx_audit_revision_details.details             ? 
# 
_pdbx_database_status.status_code                     REL 
_pdbx_database_status.status_code_sf                  REL 
_pdbx_database_status.status_code_mr                  ? 
_pdbx_database_status.entry_id                        9GV4 
_pdbx_database_status.recvd_initial_deposition_date   2024-09-21 
_pdbx_database_status.SG_entry                        N 
_pdbx_database_status.deposit_site                    PDBE 
_pdbx_database_status.process_site                    PDBE 
_pdbx_database_status.status_code_cs                  ? 
_pdbx_database_status.status_code_nmr_data            ? 
_pdbx_database_status.methods_development_category    ? 
_pdbx_database_status.pdb_format_compatible           Y 
# 
_pdbx_contact_author.id                 2 
_pdbx_contact_author.email              sanahadzi@gmail.com 
_pdbx_contact_author.name_first         San 
_pdbx_contact_author.name_last          Hadzi 
_pdbx_contact_author.name_mi            ? 
_pdbx_contact_author.role               'principal investigator/group leader' 
_pdbx_contact_author.identifier_ORCID   0000-0002-5615-7918 
# 
loop_
_audit_author.name 
_audit_author.pdbx_ordinal 
_audit_author.identifier_ORCID 
'Pevec, M.' 1 0000-0001-5968-3895 
'Hadzi, S.' 2 0000-0002-5615-7918 
# 
_citation.abstract                  ? 
_citation.abstract_id_CAS           ? 
_citation.book_id_ISBN              ? 
_citation.book_publisher            ? 
_citation.book_publisher_city       ? 
_citation.book_title                ? 
_citation.coordinate_linkage        ? 
_citation.country                   UK 
_citation.database_id_Medline       ? 
_citation.details                   ? 
_citation.id                        primary 
_citation.journal_abbrev            'Nucleic Acids Res.' 
_citation.journal_id_ASTM           NARHAD 
_citation.journal_id_CSD            0389 
_citation.journal_id_ISSN           1362-4962 
_citation.journal_full              ? 
_citation.journal_issue             ? 
_citation.journal_volume            53 
_citation.language                  ? 
_citation.page_first                ? 
_citation.page_last                 ? 
_citation.title                     'Structural basis of G-quadruplex recognition by a camelid antibody fragment.' 
_citation.year                      2025 
_citation.database_id_CSD           ? 
_citation.pdbx_database_id_DOI      10.1093/nar/gkaf453 
_citation.pdbx_database_id_PubMed   40433978 
_citation.pdbx_database_id_patent   ? 
_citation.unpublished_flag          ? 
# 
loop_
_citation_author.citation_id 
_citation_author.name 
_citation_author.ordinal 
_citation_author.identifier_ORCID 
primary 'Pevec, M.'   1 0000-0001-5968-3895 
primary 'Medved, T.'  2 ?                   
primary 'Kovacic, M.' 3 ?                   
primary 'Zerjav, N.'  4 ?                   
primary 'Imperl, J.'  5 ?                   
primary 'Plavec, J.'  6 0000-0003-1570-8602 
primary 'Lah, J.'     7 0000-0003-1021-3803 
primary 'Loris, R.'   8 0000-0002-8862-3338 
primary 'Hadzi, S.'   9 0000-0002-5615-7918 
# 
loop_
_entity.id 
_entity.type 
_entity.src_method 
_entity.pdbx_description 
_entity.formula_weight 
_entity.pdbx_number_of_molecules 
_entity.pdbx_ec 
_entity.pdbx_mutation 
_entity.pdbx_fragment 
_entity.details 
1 polymer     man Nanobody       13424.901 1   ? ? ? ? 
2 non-polymer syn 1,2-ETHANEDIOL 62.068    1   ? ? ? ? 
3 non-polymer syn 'SULFATE ION'  96.063    5   ? ? ? ? 
4 non-polymer syn GLYCEROL       92.094    2   ? ? ? ? 
5 water       nat water          18.015    126 ? ? ? ? 
# 
_entity_poly.entity_id                      1 
_entity_poly.type                           'polypeptide(L)' 
_entity_poly.nstd_linkage                   no 
_entity_poly.nstd_monomer                   no 
_entity_poly.pdbx_seq_one_letter_code       
;QVQLQESGGGLVQAGGSLRLSCAASGSRFSSNTMTWYRQAPGKQREWVATMRSIGTTRYASSVEGRFTLSRDNAKNTVYL
QMNSLKPEDTAVYYCNLRRGGGIYWGQGTQVTVSSHHHHHH
;
_entity_poly.pdbx_seq_one_letter_code_can   
;QVQLQESGGGLVQAGGSLRLSCAASGSRFSSNTMTWYRQAPGKQREWVATMRSIGTTRYASSVEGRFTLSRDNAKNTVYL
QMNSLKPEDTAVYYCNLRRGGGIYWGQGTQVTVSSHHHHHH
;
_entity_poly.pdbx_strand_id                 A 
_entity_poly.pdbx_target_identifier         ? 
# 
loop_
_pdbx_entity_nonpoly.entity_id 
_pdbx_entity_nonpoly.name 
_pdbx_entity_nonpoly.comp_id 
2 1,2-ETHANEDIOL EDO 
3 'SULFATE ION'  SO4 
4 GLYCEROL       GOL 
5 water          HOH 
# 
loop_
_entity_poly_seq.entity_id 
_entity_poly_seq.num 
_entity_poly_seq.mon_id 
_entity_poly_seq.hetero 
1 1   GLN n 
1 2   VAL n 
1 3   GLN n 
1 4   LEU n 
1 5   GLN n 
1 6   GLU n 
1 7   SER n 
1 8   GLY n 
1 9   GLY n 
1 10  GLY n 
1 11  LEU n 
1 12  VAL n 
1 13  GLN n 
1 14  ALA n 
1 15  GLY n 
1 16  GLY n 
1 17  SER n 
1 18  LEU n 
1 19  ARG n 
1 20  LEU n 
1 21  SER n 
1 22  CYS n 
1 23  ALA n 
1 24  ALA n 
1 25  SER n 
1 26  GLY n 
1 27  SER n 
1 28  ARG n 
1 29  PHE n 
1 30  SER n 
1 31  SER n 
1 32  ASN n 
1 33  THR n 
1 34  MET n 
1 35  THR n 
1 36  TRP n 
1 37  TYR n 
1 38  ARG n 
1 39  GLN n 
1 40  ALA n 
1 41  PRO n 
1 42  GLY n 
1 43  LYS n 
1 44  GLN n 
1 45  ARG n 
1 46  GLU n 
1 47  TRP n 
1 48  VAL n 
1 49  ALA n 
1 50  THR n 
1 51  MET n 
1 52  ARG n 
1 53  SER n 
1 54  ILE n 
1 55  GLY n 
1 56  THR n 
1 57  THR n 
1 58  ARG n 
1 59  TYR n 
1 60  ALA n 
1 61  SER n 
1 62  SER n 
1 63  VAL n 
1 64  GLU n 
1 65  GLY n 
1 66  ARG n 
1 67  PHE n 
1 68  THR n 
1 69  LEU n 
1 70  SER n 
1 71  ARG n 
1 72  ASP n 
1 73  ASN n 
1 74  ALA n 
1 75  LYS n 
1 76  ASN n 
1 77  THR n 
1 78  VAL n 
1 79  TYR n 
1 80  LEU n 
1 81  GLN n 
1 82  MET n 
1 83  ASN n 
1 84  SER n 
1 85  LEU n 
1 86  LYS n 
1 87  PRO n 
1 88  GLU n 
1 89  ASP n 
1 90  THR n 
1 91  ALA n 
1 92  VAL n 
1 93  TYR n 
1 94  TYR n 
1 95  CYS n 
1 96  ASN n 
1 97  LEU n 
1 98  ARG n 
1 99  ARG n 
1 100 GLY n 
1 101 GLY n 
1 102 GLY n 
1 103 ILE n 
1 104 TYR n 
1 105 TRP n 
1 106 GLY n 
1 107 GLN n 
1 108 GLY n 
1 109 THR n 
1 110 GLN n 
1 111 VAL n 
1 112 THR n 
1 113 VAL n 
1 114 SER n 
1 115 SER n 
1 116 HIS n 
1 117 HIS n 
1 118 HIS n 
1 119 HIS n 
1 120 HIS n 
1 121 HIS n 
# 
_entity_src_gen.entity_id                          1 
_entity_src_gen.pdbx_src_id                        1 
_entity_src_gen.pdbx_alt_source_flag               sample 
_entity_src_gen.pdbx_seq_type                      'Biological sequence' 
_entity_src_gen.pdbx_beg_seq_num                   1 
_entity_src_gen.pdbx_end_seq_num                   121 
_entity_src_gen.gene_src_common_name               ? 
_entity_src_gen.gene_src_genus                     ? 
_entity_src_gen.pdbx_gene_src_gene                 ? 
_entity_src_gen.gene_src_species                   ? 
_entity_src_gen.gene_src_strain                    ? 
_entity_src_gen.gene_src_tissue                    ? 
_entity_src_gen.gene_src_tissue_fraction           ? 
_entity_src_gen.gene_src_details                   ? 
_entity_src_gen.pdbx_gene_src_fragment             ? 
_entity_src_gen.pdbx_gene_src_scientific_name      'Lama glama' 
_entity_src_gen.pdbx_gene_src_ncbi_taxonomy_id     9844 
_entity_src_gen.pdbx_gene_src_variant              ? 
_entity_src_gen.pdbx_gene_src_cell_line            ? 
_entity_src_gen.pdbx_gene_src_atcc                 ? 
_entity_src_gen.pdbx_gene_src_organ                ? 
_entity_src_gen.pdbx_gene_src_organelle            ? 
_entity_src_gen.pdbx_gene_src_cell                 ? 
_entity_src_gen.pdbx_gene_src_cellular_location    ? 
_entity_src_gen.host_org_common_name               ? 
_entity_src_gen.pdbx_host_org_scientific_name      'Escherichia coli' 
_entity_src_gen.pdbx_host_org_ncbi_taxonomy_id     562 
_entity_src_gen.host_org_genus                     ? 
_entity_src_gen.pdbx_host_org_gene                 ? 
_entity_src_gen.pdbx_host_org_organ                ? 
_entity_src_gen.host_org_species                   ? 
_entity_src_gen.pdbx_host_org_tissue               ? 
_entity_src_gen.pdbx_host_org_tissue_fraction      ? 
_entity_src_gen.pdbx_host_org_strain               WK6 
_entity_src_gen.pdbx_host_org_variant              ? 
_entity_src_gen.pdbx_host_org_cell_line            ? 
_entity_src_gen.pdbx_host_org_atcc                 ? 
_entity_src_gen.pdbx_host_org_culture_collection   ? 
_entity_src_gen.pdbx_host_org_cell                 ? 
_entity_src_gen.pdbx_host_org_organelle            ? 
_entity_src_gen.pdbx_host_org_cellular_location    ? 
_entity_src_gen.pdbx_host_org_vector_type          ? 
_entity_src_gen.pdbx_host_org_vector               ? 
_entity_src_gen.host_org_details                   ? 
_entity_src_gen.expression_system_id               ? 
_entity_src_gen.plasmid_name                       pHEN6c 
_entity_src_gen.plasmid_details                    ? 
_entity_src_gen.pdbx_description                   ? 
# 
loop_
_chem_comp.id 
_chem_comp.type 
_chem_comp.mon_nstd_flag 
_chem_comp.name 
_chem_comp.pdbx_synonyms 
_chem_comp.formula 
_chem_comp.formula_weight 
ALA 'L-peptide linking' y ALANINE         ?                               'C3 H7 N O2'     89.093  
ARG 'L-peptide linking' y ARGININE        ?                               'C6 H15 N4 O2 1' 175.209 
ASN 'L-peptide linking' y ASPARAGINE      ?                               'C4 H8 N2 O3'    132.118 
ASP 'L-peptide linking' y 'ASPARTIC ACID' ?                               'C4 H7 N O4'     133.103 
CYS 'L-peptide linking' y CYSTEINE        ?                               'C3 H7 N O2 S'   121.158 
EDO non-polymer         . 1,2-ETHANEDIOL  'ETHYLENE GLYCOL'               'C2 H6 O2'       62.068  
GLN 'L-peptide linking' y GLUTAMINE       ?                               'C5 H10 N2 O3'   146.144 
GLU 'L-peptide linking' y 'GLUTAMIC ACID' ?                               'C5 H9 N O4'     147.129 
GLY 'peptide linking'   y GLYCINE         ?                               'C2 H5 N O2'     75.067  
GOL non-polymer         . GLYCEROL        'GLYCERIN; PROPANE-1,2,3-TRIOL' 'C3 H8 O3'       92.094  
HIS 'L-peptide linking' y HISTIDINE       ?                               'C6 H10 N3 O2 1' 156.162 
HOH non-polymer         . WATER           ?                               'H2 O'           18.015  
ILE 'L-peptide linking' y ISOLEUCINE      ?                               'C6 H13 N O2'    131.173 
LEU 'L-peptide linking' y LEUCINE         ?                               'C6 H13 N O2'    131.173 
LYS 'L-peptide linking' y LYSINE          ?                               'C6 H15 N2 O2 1' 147.195 
MET 'L-peptide linking' y METHIONINE      ?                               'C5 H11 N O2 S'  149.211 
PHE 'L-peptide linking' y PHENYLALANINE   ?                               'C9 H11 N O2'    165.189 
PRO 'L-peptide linking' y PROLINE         ?                               'C5 H9 N O2'     115.130 
SER 'L-peptide linking' y SERINE          ?                               'C3 H7 N O3'     105.093 
SO4 non-polymer         . 'SULFATE ION'   ?                               'O4 S -2'        96.063  
THR 'L-peptide linking' y THREONINE       ?                               'C4 H9 N O3'     119.119 
TRP 'L-peptide linking' y TRYPTOPHAN      ?                               'C11 H12 N2 O2'  204.225 
TYR 'L-peptide linking' y TYROSINE        ?                               'C9 H11 N O3'    181.189 
VAL 'L-peptide linking' y VALINE          ?                               'C5 H11 N O2'    117.146 
# 
loop_
_pdbx_poly_seq_scheme.asym_id 
_pdbx_poly_seq_scheme.entity_id 
_pdbx_poly_seq_scheme.seq_id 
_pdbx_poly_seq_scheme.mon_id 
_pdbx_poly_seq_scheme.ndb_seq_num 
_pdbx_poly_seq_scheme.pdb_seq_num 
_pdbx_poly_seq_scheme.auth_seq_num 
_pdbx_poly_seq_scheme.pdb_mon_id 
_pdbx_poly_seq_scheme.auth_mon_id 
_pdbx_poly_seq_scheme.pdb_strand_id 
_pdbx_poly_seq_scheme.pdb_ins_code 
_pdbx_poly_seq_scheme.hetero 
A 1 1   GLN 1   1   1   GLN GLN A . n 
A 1 2   VAL 2   2   2   VAL VAL A . n 
A 1 3   GLN 3   3   3   GLN GLN A . n 
A 1 4   LEU 4   4   4   LEU LEU A . n 
A 1 5   GLN 5   5   5   GLN GLN A . n 
A 1 6   GLU 6   6   6   GLU GLU A . n 
A 1 7   SER 7   7   7   SER SER A . n 
A 1 8   GLY 8   8   8   GLY GLY A . n 
A 1 9   GLY 9   9   9   GLY GLY A . n 
A 1 10  GLY 10  10  10  GLY GLY A . n 
A 1 11  LEU 11  11  11  LEU LEU A . n 
A 1 12  VAL 12  12  12  VAL VAL A . n 
A 1 13  GLN 13  13  13  GLN GLN A . n 
A 1 14  ALA 14  14  14  ALA ALA A . n 
A 1 15  GLY 15  15  15  GLY GLY A . n 
A 1 16  GLY 16  16  16  GLY GLY A . n 
A 1 17  SER 17  17  17  SER SER A . n 
A 1 18  LEU 18  18  18  LEU LEU A . n 
A 1 19  ARG 19  19  19  ARG ARG A . n 
A 1 20  LEU 20  20  20  LEU LEU A . n 
A 1 21  SER 21  21  21  SER SER A . n 
A 1 22  CYS 22  22  22  CYS CYS A . n 
A 1 23  ALA 23  23  23  ALA ALA A . n 
A 1 24  ALA 24  24  24  ALA ALA A . n 
A 1 25  SER 25  25  25  SER SER A . n 
A 1 26  GLY 26  26  26  GLY GLY A . n 
A 1 27  SER 27  27  27  SER SER A . n 
A 1 28  ARG 28  28  28  ARG ARG A . n 
A 1 29  PHE 29  29  29  PHE PHE A . n 
A 1 30  SER 30  30  30  SER SER A . n 
A 1 31  SER 31  31  31  SER SER A . n 
A 1 32  ASN 32  32  32  ASN ASN A . n 
A 1 33  THR 33  33  33  THR THR A . n 
A 1 34  MET 34  34  34  MET MET A . n 
A 1 35  THR 35  35  35  THR THR A . n 
A 1 36  TRP 36  36  36  TRP TRP A . n 
A 1 37  TYR 37  37  37  TYR TYR A . n 
A 1 38  ARG 38  38  38  ARG ARG A . n 
A 1 39  GLN 39  39  39  GLN GLN A . n 
A 1 40  ALA 40  40  40  ALA ALA A . n 
A 1 41  PRO 41  41  41  PRO PRO A . n 
A 1 42  GLY 42  42  42  GLY GLY A . n 
A 1 43  LYS 43  43  43  LYS LYS A . n 
A 1 44  GLN 44  44  44  GLN GLN A . n 
A 1 45  ARG 45  45  45  ARG ARG A . n 
A 1 46  GLU 46  46  46  GLU GLU A . n 
A 1 47  TRP 47  47  47  TRP TRP A . n 
A 1 48  VAL 48  48  48  VAL VAL A . n 
A 1 49  ALA 49  49  49  ALA ALA A . n 
A 1 50  THR 50  50  50  THR THR A . n 
A 1 51  MET 51  51  51  MET MET A . n 
A 1 52  ARG 52  52  52  ARG ARG A . n 
A 1 53  SER 53  53  53  SER SER A . n 
A 1 54  ILE 54  54  54  ILE ILE A . n 
A 1 55  GLY 55  55  55  GLY GLY A . n 
A 1 56  THR 56  56  56  THR THR A . n 
A 1 57  THR 57  57  57  THR THR A . n 
A 1 58  ARG 58  58  58  ARG ARG A . n 
A 1 59  TYR 59  59  59  TYR TYR A . n 
A 1 60  ALA 60  60  60  ALA ALA A . n 
A 1 61  SER 61  61  61  SER SER A . n 
A 1 62  SER 62  62  62  SER SER A . n 
A 1 63  VAL 63  63  63  VAL VAL A . n 
A 1 64  GLU 64  64  64  GLU GLU A . n 
A 1 65  GLY 65  65  65  GLY GLY A . n 
A 1 66  ARG 66  66  66  ARG ARG A . n 
A 1 67  PHE 67  67  67  PHE PHE A . n 
A 1 68  THR 68  68  68  THR THR A . n 
A 1 69  LEU 69  69  69  LEU LEU A . n 
A 1 70  SER 70  70  70  SER SER A . n 
A 1 71  ARG 71  71  71  ARG ARG A . n 
A 1 72  ASP 72  72  72  ASP ASP A . n 
A 1 73  ASN 73  73  73  ASN ASN A . n 
A 1 74  ALA 74  74  74  ALA ALA A . n 
A 1 75  LYS 75  75  75  LYS LYS A . n 
A 1 76  ASN 76  76  76  ASN ASN A . n 
A 1 77  THR 77  77  77  THR THR A . n 
A 1 78  VAL 78  78  78  VAL VAL A . n 
A 1 79  TYR 79  79  79  TYR TYR A . n 
A 1 80  LEU 80  80  80  LEU LEU A . n 
A 1 81  GLN 81  81  81  GLN GLN A . n 
A 1 82  MET 82  82  82  MET MET A . n 
A 1 83  ASN 83  83  83  ASN ASN A . n 
A 1 84  SER 84  84  84  SER SER A . n 
A 1 85  LEU 85  85  85  LEU LEU A . n 
A 1 86  LYS 86  86  86  LYS LYS A . n 
A 1 87  PRO 87  87  87  PRO PRO A . n 
A 1 88  GLU 88  88  88  GLU GLU A . n 
A 1 89  ASP 89  89  89  ASP ASP A . n 
A 1 90  THR 90  90  90  THR THR A . n 
A 1 91  ALA 91  91  91  ALA ALA A . n 
A 1 92  VAL 92  92  92  VAL VAL A . n 
A 1 93  TYR 93  93  93  TYR TYR A . n 
A 1 94  TYR 94  94  94  TYR TYR A . n 
A 1 95  CYS 95  95  95  CYS CYS A . n 
A 1 96  ASN 96  96  96  ASN ASN A . n 
A 1 97  LEU 97  97  97  LEU LEU A . n 
A 1 98  ARG 98  98  98  ARG ARG A . n 
A 1 99  ARG 99  99  99  ARG ARG A . n 
A 1 100 GLY 100 100 100 GLY GLY A . n 
A 1 101 GLY 101 101 101 GLY GLY A . n 
A 1 102 GLY 102 102 102 GLY GLY A . n 
A 1 103 ILE 103 103 103 ILE ILE A . n 
A 1 104 TYR 104 104 104 TYR TYR A . n 
A 1 105 TRP 105 105 105 TRP TRP A . n 
A 1 106 GLY 106 106 106 GLY GLY A . n 
A 1 107 GLN 107 107 107 GLN GLN A . n 
A 1 108 GLY 108 108 108 GLY GLY A . n 
A 1 109 THR 109 109 109 THR THR A . n 
A 1 110 GLN 110 110 110 GLN GLN A . n 
A 1 111 VAL 111 111 111 VAL VAL A . n 
A 1 112 THR 112 112 112 THR THR A . n 
A 1 113 VAL 113 113 113 VAL VAL A . n 
A 1 114 SER 114 114 114 SER SER A . n 
A 1 115 SER 115 115 115 SER SER A . n 
A 1 116 HIS 116 116 116 HIS HIS A . n 
A 1 117 HIS 117 117 117 HIS HIS A . n 
A 1 118 HIS 118 118 118 HIS HIS A . n 
A 1 119 HIS 119 119 119 HIS HIS A . n 
A 1 120 HIS 120 120 ?   ?   ?   A . n 
A 1 121 HIS 121 121 ?   ?   ?   A . n 
# 
loop_
_pdbx_nonpoly_scheme.asym_id 
_pdbx_nonpoly_scheme.entity_id 
_pdbx_nonpoly_scheme.mon_id 
_pdbx_nonpoly_scheme.ndb_seq_num 
_pdbx_nonpoly_scheme.pdb_seq_num 
_pdbx_nonpoly_scheme.auth_seq_num 
_pdbx_nonpoly_scheme.pdb_mon_id 
_pdbx_nonpoly_scheme.auth_mon_id 
_pdbx_nonpoly_scheme.pdb_strand_id 
_pdbx_nonpoly_scheme.pdb_ins_code 
B 2 EDO 1   201 201 EDO EDO A . 
C 3 SO4 1   202 1   SO4 SO4 A . 
D 3 SO4 1   203 2   SO4 SO4 A . 
E 3 SO4 1   204 3   SO4 SO4 A . 
F 3 SO4 1   205 4   SO4 SO4 A . 
G 3 SO4 1   206 5   SO4 SO4 A . 
H 4 GOL 1   207 6   GOL GOL A . 
I 4 GOL 1   208 7   GOL GOL A . 
J 5 HOH 1   301 72  HOH HOH A . 
J 5 HOH 2   302 133 HOH HOH A . 
J 5 HOH 3   303 113 HOH HOH A . 
J 5 HOH 4   304 93  HOH HOH A . 
J 5 HOH 5   305 82  HOH HOH A . 
J 5 HOH 6   306 80  HOH HOH A . 
J 5 HOH 7   307 135 HOH HOH A . 
J 5 HOH 8   308 29  HOH HOH A . 
J 5 HOH 9   309 88  HOH HOH A . 
J 5 HOH 10  310 132 HOH HOH A . 
J 5 HOH 11  311 58  HOH HOH A . 
J 5 HOH 12  312 14  HOH HOH A . 
J 5 HOH 13  313 124 HOH HOH A . 
J 5 HOH 14  314 148 HOH HOH A . 
J 5 HOH 15  315 104 HOH HOH A . 
J 5 HOH 16  316 5   HOH HOH A . 
J 5 HOH 17  317 76  HOH HOH A . 
J 5 HOH 18  318 11  HOH HOH A . 
J 5 HOH 19  319 79  HOH HOH A . 
J 5 HOH 20  320 77  HOH HOH A . 
J 5 HOH 21  321 84  HOH HOH A . 
J 5 HOH 22  322 15  HOH HOH A . 
J 5 HOH 23  323 27  HOH HOH A . 
J 5 HOH 24  324 103 HOH HOH A . 
J 5 HOH 25  325 23  HOH HOH A . 
J 5 HOH 26  326 10  HOH HOH A . 
J 5 HOH 27  327 149 HOH HOH A . 
J 5 HOH 28  328 51  HOH HOH A . 
J 5 HOH 29  329 24  HOH HOH A . 
J 5 HOH 30  330 56  HOH HOH A . 
J 5 HOH 31  331 90  HOH HOH A . 
J 5 HOH 32  332 13  HOH HOH A . 
J 5 HOH 33  333 12  HOH HOH A . 
J 5 HOH 34  334 110 HOH HOH A . 
J 5 HOH 35  335 28  HOH HOH A . 
J 5 HOH 36  336 53  HOH HOH A . 
J 5 HOH 37  337 129 HOH HOH A . 
J 5 HOH 38  338 87  HOH HOH A . 
J 5 HOH 39  339 126 HOH HOH A . 
J 5 HOH 40  340 108 HOH HOH A . 
J 5 HOH 41  341 74  HOH HOH A . 
J 5 HOH 42  342 91  HOH HOH A . 
J 5 HOH 43  343 78  HOH HOH A . 
J 5 HOH 44  344 34  HOH HOH A . 
J 5 HOH 45  345 4   HOH HOH A . 
J 5 HOH 46  346 37  HOH HOH A . 
J 5 HOH 47  347 141 HOH HOH A . 
J 5 HOH 48  348 75  HOH HOH A . 
J 5 HOH 49  349 30  HOH HOH A . 
J 5 HOH 50  350 1   HOH HOH A . 
J 5 HOH 51  351 50  HOH HOH A . 
J 5 HOH 52  352 22  HOH HOH A . 
J 5 HOH 53  353 31  HOH HOH A . 
J 5 HOH 54  354 71  HOH HOH A . 
J 5 HOH 55  355 54  HOH HOH A . 
J 5 HOH 56  356 62  HOH HOH A . 
J 5 HOH 57  357 48  HOH HOH A . 
J 5 HOH 58  358 3   HOH HOH A . 
J 5 HOH 59  359 38  HOH HOH A . 
J 5 HOH 60  360 17  HOH HOH A . 
J 5 HOH 61  361 98  HOH HOH A . 
J 5 HOH 62  362 39  HOH HOH A . 
J 5 HOH 63  363 89  HOH HOH A . 
J 5 HOH 64  364 9   HOH HOH A . 
J 5 HOH 65  365 8   HOH HOH A . 
J 5 HOH 66  366 55  HOH HOH A . 
J 5 HOH 67  367 46  HOH HOH A . 
J 5 HOH 68  368 69  HOH HOH A . 
J 5 HOH 69  369 61  HOH HOH A . 
J 5 HOH 70  370 41  HOH HOH A . 
J 5 HOH 71  371 63  HOH HOH A . 
J 5 HOH 72  372 42  HOH HOH A . 
J 5 HOH 73  373 109 HOH HOH A . 
J 5 HOH 74  374 60  HOH HOH A . 
J 5 HOH 75  375 118 HOH HOH A . 
J 5 HOH 76  376 47  HOH HOH A . 
J 5 HOH 77  377 95  HOH HOH A . 
J 5 HOH 78  378 16  HOH HOH A . 
J 5 HOH 79  379 18  HOH HOH A . 
J 5 HOH 80  380 26  HOH HOH A . 
J 5 HOH 81  381 112 HOH HOH A . 
J 5 HOH 82  382 107 HOH HOH A . 
J 5 HOH 83  383 52  HOH HOH A . 
J 5 HOH 84  384 85  HOH HOH A . 
J 5 HOH 85  385 44  HOH HOH A . 
J 5 HOH 86  386 101 HOH HOH A . 
J 5 HOH 87  387 119 HOH HOH A . 
J 5 HOH 88  388 21  HOH HOH A . 
J 5 HOH 89  389 2   HOH HOH A . 
J 5 HOH 90  390 73  HOH HOH A . 
J 5 HOH 91  391 81  HOH HOH A . 
J 5 HOH 92  392 6   HOH HOH A . 
J 5 HOH 93  393 25  HOH HOH A . 
J 5 HOH 94  394 67  HOH HOH A . 
J 5 HOH 95  395 106 HOH HOH A . 
J 5 HOH 96  396 136 HOH HOH A . 
J 5 HOH 97  397 64  HOH HOH A . 
J 5 HOH 98  398 86  HOH HOH A . 
J 5 HOH 99  399 45  HOH HOH A . 
J 5 HOH 100 400 36  HOH HOH A . 
J 5 HOH 101 401 35  HOH HOH A . 
J 5 HOH 102 402 139 HOH HOH A . 
J 5 HOH 103 403 137 HOH HOH A . 
J 5 HOH 104 404 128 HOH HOH A . 
J 5 HOH 105 405 146 HOH HOH A . 
J 5 HOH 106 406 33  HOH HOH A . 
J 5 HOH 107 407 105 HOH HOH A . 
J 5 HOH 108 408 70  HOH HOH A . 
J 5 HOH 109 409 120 HOH HOH A . 
J 5 HOH 110 410 142 HOH HOH A . 
J 5 HOH 111 411 116 HOH HOH A . 
J 5 HOH 112 412 138 HOH HOH A . 
J 5 HOH 113 413 150 HOH HOH A . 
J 5 HOH 114 414 115 HOH HOH A . 
J 5 HOH 115 415 66  HOH HOH A . 
J 5 HOH 116 416 100 HOH HOH A . 
J 5 HOH 117 417 121 HOH HOH A . 
J 5 HOH 118 418 117 HOH HOH A . 
J 5 HOH 119 419 59  HOH HOH A . 
J 5 HOH 120 420 57  HOH HOH A . 
J 5 HOH 121 421 65  HOH HOH A . 
J 5 HOH 122 422 111 HOH HOH A . 
J 5 HOH 123 423 68  HOH HOH A . 
J 5 HOH 124 424 40  HOH HOH A . 
J 5 HOH 125 425 19  HOH HOH A . 
J 5 HOH 126 426 32  HOH HOH A . 
# 
loop_
_pdbx_unobs_or_zero_occ_atoms.id 
_pdbx_unobs_or_zero_occ_atoms.PDB_model_num 
_pdbx_unobs_or_zero_occ_atoms.polymer_flag 
_pdbx_unobs_or_zero_occ_atoms.occupancy_flag 
_pdbx_unobs_or_zero_occ_atoms.auth_asym_id 
_pdbx_unobs_or_zero_occ_atoms.auth_comp_id 
_pdbx_unobs_or_zero_occ_atoms.auth_seq_id 
_pdbx_unobs_or_zero_occ_atoms.PDB_ins_code 
_pdbx_unobs_or_zero_occ_atoms.auth_atom_id 
_pdbx_unobs_or_zero_occ_atoms.label_alt_id 
_pdbx_unobs_or_zero_occ_atoms.label_asym_id 
_pdbx_unobs_or_zero_occ_atoms.label_comp_id 
_pdbx_unobs_or_zero_occ_atoms.label_seq_id 
_pdbx_unobs_or_zero_occ_atoms.label_atom_id 
1 1 Y 1 A HIS 119 ? C   ? A HIS 119 C   
2 1 Y 1 A HIS 119 ? O   ? A HIS 119 O   
3 1 Y 1 A HIS 119 ? CB  ? A HIS 119 CB  
4 1 Y 1 A HIS 119 ? CG  ? A HIS 119 CG  
5 1 Y 1 A HIS 119 ? ND1 ? A HIS 119 ND1 
6 1 Y 1 A HIS 119 ? CD2 ? A HIS 119 CD2 
7 1 Y 1 A HIS 119 ? CE1 ? A HIS 119 CE1 
8 1 Y 1 A HIS 119 ? NE2 ? A HIS 119 NE2 
# 
loop_
_software.citation_id 
_software.classification 
_software.compiler_name 
_software.compiler_version 
_software.contact_author 
_software.contact_author_email 
_software.date 
_software.description 
_software.dependencies 
_software.hardware 
_software.language 
_software.location 
_software.mods 
_software.name 
_software.os 
_software.os_version 
_software.type 
_software.version 
_software.pdbx_ordinal 
? refinement       ? ? ? ? ? ? ? ? ? ? ? PHENIX  ? ? ? '(1.12_2829: ???)' 1 
? 'data scaling'   ? ? ? ? ? ? ? ? ? ? ? Aimless ? ? ? .                  2 
? 'data reduction' ? ? ? ? ? ? ? ? ? ? ? XDS     ? ? ? .                  3 
? phasing          ? ? ? ? ? ? ? ? ? ? ? PHASER  ? ? ? .                  4 
# 
_cell.angle_alpha                  90.00 
_cell.angle_alpha_esd              ? 
_cell.angle_beta                   90.00 
_cell.angle_beta_esd               ? 
_cell.angle_gamma                  90.00 
_cell.angle_gamma_esd              ? 
_cell.entry_id                     9GV4 
_cell.details                      ? 
_cell.formula_units_Z              ? 
_cell.length_a                     24.125 
_cell.length_a_esd                 ? 
_cell.length_b                     84.257 
_cell.length_b_esd                 ? 
_cell.length_c                     97.441 
_cell.length_c_esd                 ? 
_cell.volume                       ? 
_cell.volume_esd                   ? 
_cell.Z_PDB                        8 
_cell.reciprocal_angle_alpha       ? 
_cell.reciprocal_angle_beta        ? 
_cell.reciprocal_angle_gamma       ? 
_cell.reciprocal_angle_alpha_esd   ? 
_cell.reciprocal_angle_beta_esd    ? 
_cell.reciprocal_angle_gamma_esd   ? 
_cell.reciprocal_length_a          ? 
_cell.reciprocal_length_b          ? 
_cell.reciprocal_length_c          ? 
_cell.reciprocal_length_a_esd      ? 
_cell.reciprocal_length_b_esd      ? 
_cell.reciprocal_length_c_esd      ? 
_cell.pdbx_unique_axis             ? 
_cell.pdbx_esd_method              ? 
# 
_symmetry.entry_id                         9GV4 
_symmetry.cell_setting                     ? 
_symmetry.Int_Tables_number                20 
_symmetry.space_group_name_Hall            ? 
_symmetry.space_group_name_H-M             'C 2 2 21' 
_symmetry.pdbx_full_space_group_name_H-M   ? 
# 
_exptl.absorpt_coefficient_mu     ? 
_exptl.absorpt_correction_T_max   ? 
_exptl.absorpt_correction_T_min   ? 
_exptl.absorpt_correction_type    ? 
_exptl.absorpt_process_details    ? 
_exptl.entry_id                   9GV4 
_exptl.crystals_number            1 
_exptl.details                    ? 
_exptl.method                     'X-RAY DIFFRACTION' 
_exptl.method_details             ? 
# 
_exptl_crystal.colour                       ? 
_exptl_crystal.density_diffrn               ? 
_exptl_crystal.density_Matthews             1.67 
_exptl_crystal.density_method               ? 
_exptl_crystal.density_percent_sol          26.50 
_exptl_crystal.description                  ? 
_exptl_crystal.F_000                        ? 
_exptl_crystal.id                           1 
_exptl_crystal.preparation                  ? 
_exptl_crystal.size_max                     ? 
_exptl_crystal.size_mid                     ? 
_exptl_crystal.size_min                     ? 
_exptl_crystal.size_rad                     ? 
_exptl_crystal.colour_lustre                ? 
_exptl_crystal.colour_modifier              ? 
_exptl_crystal.colour_primary               ? 
_exptl_crystal.density_meas                 ? 
_exptl_crystal.density_meas_esd             ? 
_exptl_crystal.density_meas_gt              ? 
_exptl_crystal.density_meas_lt              ? 
_exptl_crystal.density_meas_temp            ? 
_exptl_crystal.density_meas_temp_esd        ? 
_exptl_crystal.density_meas_temp_gt         ? 
_exptl_crystal.density_meas_temp_lt         ? 
_exptl_crystal.pdbx_crystal_image_url       ? 
_exptl_crystal.pdbx_crystal_image_format    ? 
_exptl_crystal.pdbx_mosaicity               ? 
_exptl_crystal.pdbx_mosaicity_esd           ? 
_exptl_crystal.pdbx_mosaic_method           ? 
_exptl_crystal.pdbx_mosaic_block_size       ? 
_exptl_crystal.pdbx_mosaic_block_size_esd   ? 
# 
_exptl_crystal_grow.apparatus       ? 
_exptl_crystal_grow.atmosphere      ? 
_exptl_crystal_grow.crystal_id      1 
_exptl_crystal_grow.details         ? 
_exptl_crystal_grow.method          'VAPOR DIFFUSION, SITTING DROP' 
_exptl_crystal_grow.method_ref      ? 
_exptl_crystal_grow.pH              7.25 
_exptl_crystal_grow.pressure        ? 
_exptl_crystal_grow.pressure_esd    ? 
_exptl_crystal_grow.seeding         ? 
_exptl_crystal_grow.seeding_ref     ? 
_exptl_crystal_grow.temp_details    ? 
_exptl_crystal_grow.temp_esd        ? 
_exptl_crystal_grow.time            ? 
_exptl_crystal_grow.pdbx_details    
;1.6 M Ammonium sulphate
0.1 M HEPES, pH=7.25
cryoprotection=25% glycerol
;
_exptl_crystal_grow.pdbx_pH_range   ? 
_exptl_crystal_grow.temp            298 
# 
_diffrn.ambient_environment              ? 
_diffrn.ambient_temp                     100 
_diffrn.ambient_temp_details             ? 
_diffrn.ambient_temp_esd                 ? 
_diffrn.crystal_id                       1 
_diffrn.crystal_support                  ? 
_diffrn.crystal_treatment                ? 
_diffrn.details                          ? 
_diffrn.id                               1 
_diffrn.ambient_pressure                 ? 
_diffrn.ambient_pressure_esd             ? 
_diffrn.ambient_pressure_gt              ? 
_diffrn.ambient_pressure_lt              ? 
_diffrn.ambient_temp_gt                  ? 
_diffrn.ambient_temp_lt                  ? 
_diffrn.pdbx_serial_crystal_experiment   N 
# 
_diffrn_detector.details                      ? 
_diffrn_detector.detector                     PIXEL 
_diffrn_detector.diffrn_id                    1 
_diffrn_detector.type                         'DECTRIS EIGER X 16M' 
_diffrn_detector.area_resol_mean              ? 
_diffrn_detector.dtime                        ? 
_diffrn_detector.pdbx_frames_total            ? 
_diffrn_detector.pdbx_collection_time_total   ? 
_diffrn_detector.pdbx_collection_date         2021-09-30 
_diffrn_detector.pdbx_frequency               ? 
_diffrn_detector.id                           ? 
_diffrn_detector.number_of_axes               ? 
# 
_diffrn_radiation.collimation                      ? 
_diffrn_radiation.diffrn_id                        1 
_diffrn_radiation.filter_edge                      ? 
_diffrn_radiation.inhomogeneity                    ? 
_diffrn_radiation.monochromator                    ? 
_diffrn_radiation.polarisn_norm                    ? 
_diffrn_radiation.polarisn_ratio                   ? 
_diffrn_radiation.probe                            ? 
_diffrn_radiation.type                             ? 
_diffrn_radiation.xray_symbol                      ? 
_diffrn_radiation.wavelength_id                    1 
_diffrn_radiation.pdbx_monochromatic_or_laue_m_l   M 
_diffrn_radiation.pdbx_wavelength_list             ? 
_diffrn_radiation.pdbx_wavelength                  ? 
_diffrn_radiation.pdbx_diffrn_protocol             'SINGLE WAVELENGTH' 
_diffrn_radiation.pdbx_analyzer                    ? 
_diffrn_radiation.pdbx_scattering_type             x-ray 
# 
_diffrn_radiation_wavelength.id           1 
_diffrn_radiation_wavelength.wavelength   0.978565 
_diffrn_radiation_wavelength.wt           1.0 
# 
_diffrn_source.current                     ? 
_diffrn_source.details                     ? 
_diffrn_source.diffrn_id                   1 
_diffrn_source.power                       ? 
_diffrn_source.size                        ? 
_diffrn_source.source                      SYNCHROTRON 
_diffrn_source.target                      ? 
_diffrn_source.type                        'SOLEIL BEAMLINE PROXIMA 1' 
_diffrn_source.voltage                     ? 
_diffrn_source.take-off_angle              ? 
_diffrn_source.pdbx_wavelength_list        0.978565 
_diffrn_source.pdbx_wavelength             ? 
_diffrn_source.pdbx_synchrotron_beamline   'PROXIMA 1' 
_diffrn_source.pdbx_synchrotron_site       SOLEIL 
# 
_reflns.B_iso_Wilson_estimate                          ? 
_reflns.entry_id                                       9GV4 
_reflns.data_reduction_details                         ? 
_reflns.data_reduction_method                          ? 
_reflns.d_resolution_high                              1.53 
_reflns.d_resolution_low                               48.721 
_reflns.details                                        ? 
_reflns.limit_h_max                                    ? 
_reflns.limit_h_min                                    ? 
_reflns.limit_k_max                                    ? 
_reflns.limit_k_min                                    ? 
_reflns.limit_l_max                                    ? 
_reflns.limit_l_min                                    ? 
_reflns.number_all                                     ? 
_reflns.number_obs                                     15415 
_reflns.observed_criterion                             ? 
_reflns.observed_criterion_F_max                       ? 
_reflns.observed_criterion_F_min                       ? 
_reflns.observed_criterion_I_max                       ? 
_reflns.observed_criterion_I_min                       ? 
_reflns.observed_criterion_sigma_F                     ? 
_reflns.observed_criterion_sigma_I                     ? 
_reflns.percent_possible_obs                           99.8 
_reflns.R_free_details                                 ? 
_reflns.Rmerge_F_all                                   ? 
_reflns.Rmerge_F_obs                                   ? 
_reflns.Friedel_coverage                               ? 
_reflns.number_gt                                      ? 
_reflns.threshold_expression                           ? 
_reflns.pdbx_redundancy                                6.5 
_reflns.pdbx_netI_over_av_sigmaI                       ? 
_reflns.pdbx_netI_over_sigmaI                          16.1 
_reflns.pdbx_res_netI_over_av_sigmaI_2                 ? 
_reflns.pdbx_res_netI_over_sigmaI_2                    ? 
_reflns.pdbx_chi_squared                               0.96 
_reflns.pdbx_scaling_rejects                           ? 
_reflns.pdbx_d_res_high_opt                            ? 
_reflns.pdbx_d_res_low_opt                             ? 
_reflns.pdbx_d_res_opt_method                          ? 
_reflns.phase_calculation_details                      ? 
_reflns.pdbx_Rrim_I_all                                0.074 
_reflns.pdbx_Rpim_I_all                                0.029 
_reflns.pdbx_d_opt                                     ? 
_reflns.pdbx_number_measured_all                       ? 
_reflns.pdbx_diffrn_id                                 1 
_reflns.pdbx_ordinal                                   1 
_reflns.pdbx_CC_half                                   0.999 
_reflns.pdbx_CC_star                                   ? 
_reflns.pdbx_R_split                                   ? 
_reflns.pdbx_Rmerge_I_obs                              0.068 
_reflns.pdbx_Rmerge_I_all                              ? 
_reflns.pdbx_Rsym_value                                ? 
_reflns.pdbx_CC_split_method                           ? 
_reflns.pdbx_aniso_diffraction_limit_axis_1_ortho[1]   ? 
_reflns.pdbx_aniso_diffraction_limit_axis_1_ortho[2]   ? 
_reflns.pdbx_aniso_diffraction_limit_axis_1_ortho[3]   ? 
_reflns.pdbx_aniso_diffraction_limit_axis_2_ortho[1]   ? 
_reflns.pdbx_aniso_diffraction_limit_axis_2_ortho[2]   ? 
_reflns.pdbx_aniso_diffraction_limit_axis_2_ortho[3]   ? 
_reflns.pdbx_aniso_diffraction_limit_axis_3_ortho[1]   ? 
_reflns.pdbx_aniso_diffraction_limit_axis_3_ortho[2]   ? 
_reflns.pdbx_aniso_diffraction_limit_axis_3_ortho[3]   ? 
_reflns.pdbx_aniso_diffraction_limit_1                 ? 
_reflns.pdbx_aniso_diffraction_limit_2                 ? 
_reflns.pdbx_aniso_diffraction_limit_3                 ? 
_reflns.pdbx_aniso_B_tensor_eigenvector_1_ortho[1]     ? 
_reflns.pdbx_aniso_B_tensor_eigenvector_1_ortho[2]     ? 
_reflns.pdbx_aniso_B_tensor_eigenvector_1_ortho[3]     ? 
_reflns.pdbx_aniso_B_tensor_eigenvector_2_ortho[1]     ? 
_reflns.pdbx_aniso_B_tensor_eigenvector_2_ortho[2]     ? 
_reflns.pdbx_aniso_B_tensor_eigenvector_2_ortho[3]     ? 
_reflns.pdbx_aniso_B_tensor_eigenvector_3_ortho[1]     ? 
_reflns.pdbx_aniso_B_tensor_eigenvector_3_ortho[2]     ? 
_reflns.pdbx_aniso_B_tensor_eigenvector_3_ortho[3]     ? 
_reflns.pdbx_aniso_B_tensor_eigenvalue_1               ? 
_reflns.pdbx_aniso_B_tensor_eigenvalue_2               ? 
_reflns.pdbx_aniso_B_tensor_eigenvalue_3               ? 
_reflns.pdbx_orthogonalization_convention              ? 
_reflns.pdbx_percent_possible_ellipsoidal              ? 
_reflns.pdbx_percent_possible_spherical                ? 
_reflns.pdbx_percent_possible_ellipsoidal_anomalous    ? 
_reflns.pdbx_percent_possible_spherical_anomalous      ? 
_reflns.pdbx_redundancy_anomalous                      ? 
_reflns.pdbx_CC_half_anomalous                         ? 
_reflns.pdbx_absDiff_over_sigma_anomalous              ? 
_reflns.pdbx_percent_possible_anomalous                ? 
_reflns.pdbx_observed_signal_threshold                 ? 
_reflns.pdbx_signal_type                               ? 
_reflns.pdbx_signal_details                            ? 
_reflns.pdbx_signal_software_id                        ? 
# 
_reflns_shell.d_res_high                                    1.53 
_reflns_shell.d_res_low                                     1.57 
_reflns_shell.meanI_over_sigI_all                           ? 
_reflns_shell.meanI_over_sigI_obs                           ? 
_reflns_shell.number_measured_all                           7056 
_reflns_shell.number_measured_obs                           ? 
_reflns_shell.number_possible                               ? 
_reflns_shell.number_unique_all                             ? 
_reflns_shell.number_unique_obs                             1099 
_reflns_shell.percent_possible_obs                          98.1 
_reflns_shell.Rmerge_F_all                                  ? 
_reflns_shell.Rmerge_F_obs                                  ? 
_reflns_shell.meanI_over_sigI_gt                            ? 
_reflns_shell.meanI_over_uI_all                             ? 
_reflns_shell.meanI_over_uI_gt                              ? 
_reflns_shell.number_measured_gt                            ? 
_reflns_shell.number_unique_gt                              ? 
_reflns_shell.percent_possible_gt                           ? 
_reflns_shell.Rmerge_F_gt                                   ? 
_reflns_shell.Rmerge_I_gt                                   ? 
_reflns_shell.pdbx_redundancy                               6.4 
_reflns_shell.pdbx_chi_squared                              0.93 
_reflns_shell.pdbx_netI_over_sigmaI_all                     ? 
_reflns_shell.pdbx_netI_over_sigmaI_obs                     3.2 
_reflns_shell.pdbx_Rrim_I_all                               0.480 
_reflns_shell.pdbx_Rpim_I_all                               0.188 
_reflns_shell.pdbx_rejects                                  ? 
_reflns_shell.pdbx_ordinal                                  1 
_reflns_shell.pdbx_diffrn_id                                1 
_reflns_shell.pdbx_CC_half                                  0.931 
_reflns_shell.pdbx_CC_star                                  ? 
_reflns_shell.pdbx_R_split                                  ? 
_reflns_shell.percent_possible_all                          ? 
_reflns_shell.Rmerge_I_all                                  ? 
_reflns_shell.Rmerge_I_obs                                  0.441 
_reflns_shell.pdbx_Rsym_value                               ? 
_reflns_shell.pdbx_percent_possible_ellipsoidal             ? 
_reflns_shell.pdbx_percent_possible_spherical               ? 
_reflns_shell.pdbx_percent_possible_ellipsoidal_anomalous   ? 
_reflns_shell.pdbx_percent_possible_spherical_anomalous     ? 
_reflns_shell.pdbx_redundancy_anomalous                     ? 
_reflns_shell.pdbx_CC_half_anomalous                        ? 
_reflns_shell.pdbx_absDiff_over_sigma_anomalous             ? 
_reflns_shell.pdbx_percent_possible_anomalous               ? 
# 
_refine.aniso_B[1][1]                            ? 
_refine.aniso_B[1][2]                            ? 
_refine.aniso_B[1][3]                            ? 
_refine.aniso_B[2][2]                            ? 
_refine.aniso_B[2][3]                            ? 
_refine.aniso_B[3][3]                            ? 
_refine.B_iso_max                                ? 
_refine.B_iso_mean                               ? 
_refine.B_iso_min                                ? 
_refine.correlation_coeff_Fo_to_Fc               ? 
_refine.correlation_coeff_Fo_to_Fc_free          ? 
_refine.details                                  ? 
_refine.diff_density_max                         ? 
_refine.diff_density_max_esd                     ? 
_refine.diff_density_min                         ? 
_refine.diff_density_min_esd                     ? 
_refine.diff_density_rms                         ? 
_refine.diff_density_rms_esd                     ? 
_refine.entry_id                                 9GV4 
_refine.pdbx_refine_id                           'X-RAY DIFFRACTION' 
_refine.ls_abs_structure_details                 ? 
_refine.ls_abs_structure_Flack                   ? 
_refine.ls_abs_structure_Flack_esd               ? 
_refine.ls_abs_structure_Rogers                  ? 
_refine.ls_abs_structure_Rogers_esd              ? 
_refine.ls_d_res_high                            1.534 
_refine.ls_d_res_low                             48.721 
_refine.ls_extinction_coef                       ? 
_refine.ls_extinction_coef_esd                   ? 
_refine.ls_extinction_expression                 ? 
_refine.ls_extinction_method                     ? 
_refine.ls_goodness_of_fit_all                   ? 
_refine.ls_goodness_of_fit_all_esd               ? 
_refine.ls_goodness_of_fit_obs                   ? 
_refine.ls_goodness_of_fit_obs_esd               ? 
_refine.ls_hydrogen_treatment                    ? 
_refine.ls_matrix_type                           ? 
_refine.ls_number_constraints                    ? 
_refine.ls_number_parameters                     ? 
_refine.ls_number_reflns_all                     ? 
_refine.ls_number_reflns_obs                     15380 
_refine.ls_number_reflns_R_free                  1539 
_refine.ls_number_reflns_R_work                  ? 
_refine.ls_number_restraints                     ? 
_refine.ls_percent_reflns_obs                    99.75 
_refine.ls_percent_reflns_R_free                 10.01 
_refine.ls_R_factor_all                          ? 
_refine.ls_R_factor_obs                          0.1732 
_refine.ls_R_factor_R_free                       0.2028 
_refine.ls_R_factor_R_free_error                 ? 
_refine.ls_R_factor_R_free_error_details         ? 
_refine.ls_R_factor_R_work                       0.1699 
_refine.ls_R_Fsqd_factor_obs                     ? 
_refine.ls_R_I_factor_obs                        ? 
_refine.ls_redundancy_reflns_all                 ? 
_refine.ls_redundancy_reflns_obs                 ? 
_refine.ls_restrained_S_all                      ? 
_refine.ls_restrained_S_obs                      ? 
_refine.ls_shift_over_esd_max                    ? 
_refine.ls_shift_over_esd_mean                   ? 
_refine.ls_structure_factor_coef                 ? 
_refine.ls_weighting_details                     ? 
_refine.ls_weighting_scheme                      ? 
_refine.ls_wR_factor_all                         ? 
_refine.ls_wR_factor_obs                         ? 
_refine.ls_wR_factor_R_free                      ? 
_refine.ls_wR_factor_R_work                      ? 
_refine.occupancy_max                            ? 
_refine.occupancy_min                            ? 
_refine.solvent_model_details                    'FLAT BULK SOLVENT MODEL' 
_refine.solvent_model_param_bsol                 ? 
_refine.solvent_model_param_ksol                 ? 
_refine.pdbx_R_complete                          ? 
_refine.ls_R_factor_gt                           ? 
_refine.ls_goodness_of_fit_gt                    ? 
_refine.ls_goodness_of_fit_ref                   ? 
_refine.ls_shift_over_su_max                     ? 
_refine.ls_shift_over_su_max_lt                  ? 
_refine.ls_shift_over_su_mean                    ? 
_refine.ls_shift_over_su_mean_lt                 ? 
_refine.pdbx_ls_sigma_I                          ? 
_refine.pdbx_ls_sigma_F                          1.34 
_refine.pdbx_ls_sigma_Fsqd                       ? 
_refine.pdbx_data_cutoff_high_absF               ? 
_refine.pdbx_data_cutoff_high_rms_absF           ? 
_refine.pdbx_data_cutoff_low_absF                ? 
_refine.pdbx_isotropic_thermal_model             ? 
_refine.pdbx_ls_cross_valid_method               'FREE R-VALUE' 
_refine.pdbx_method_to_determine_struct          'MOLECULAR REPLACEMENT' 
_refine.pdbx_starting_model                      ? 
_refine.pdbx_stereochemistry_target_values       ML 
_refine.pdbx_R_Free_selection_details            ? 
_refine.pdbx_stereochem_target_val_spec_case     ? 
_refine.pdbx_overall_ESU_R                       ? 
_refine.pdbx_overall_ESU_R_Free                  ? 
_refine.pdbx_solvent_vdw_probe_radii             1.11 
_refine.pdbx_solvent_ion_probe_radii             ? 
_refine.pdbx_solvent_shrinkage_radii             0.90 
_refine.pdbx_real_space_R                        ? 
_refine.pdbx_density_correlation                 ? 
_refine.pdbx_pd_number_of_powder_patterns        ? 
_refine.pdbx_pd_number_of_points                 ? 
_refine.pdbx_pd_meas_number_of_points            ? 
_refine.pdbx_pd_proc_ls_prof_R_factor            ? 
_refine.pdbx_pd_proc_ls_prof_wR_factor           ? 
_refine.pdbx_pd_Marquardt_correlation_coeff      ? 
_refine.pdbx_pd_Fsqrd_R_factor                   ? 
_refine.pdbx_pd_ls_matrix_band_width             ? 
_refine.pdbx_overall_phase_error                 23.28 
_refine.pdbx_overall_SU_R_free_Cruickshank_DPI   ? 
_refine.pdbx_overall_SU_R_free_Blow_DPI          ? 
_refine.pdbx_overall_SU_R_Blow_DPI               ? 
_refine.pdbx_TLS_residual_ADP_flag               ? 
_refine.pdbx_diffrn_id                           1 
_refine.overall_SU_B                             ? 
_refine.overall_SU_ML                            0.23 
_refine.overall_SU_R_Cruickshank_DPI             ? 
_refine.overall_SU_R_free                        ? 
_refine.overall_FOM_free_R_set                   ? 
_refine.overall_FOM_work_R_set                   ? 
_refine.pdbx_average_fsc_overall                 ? 
_refine.pdbx_average_fsc_work                    ? 
_refine.pdbx_average_fsc_free                    ? 
# 
_refine_hist.pdbx_refine_id                   'X-RAY DIFFRACTION' 
_refine_hist.cycle_id                         LAST 
_refine_hist.details                          ? 
_refine_hist.d_res_high                       1.534 
_refine_hist.d_res_low                        48.721 
_refine_hist.number_atoms_solvent             126 
_refine_hist.number_atoms_total               1081 
_refine_hist.number_reflns_all                ? 
_refine_hist.number_reflns_obs                ? 
_refine_hist.number_reflns_R_free             ? 
_refine_hist.number_reflns_R_work             ? 
_refine_hist.R_factor_all                     ? 
_refine_hist.R_factor_obs                     ? 
_refine_hist.R_factor_R_free                  ? 
_refine_hist.R_factor_R_work                  ? 
_refine_hist.pdbx_number_residues_total       ? 
_refine_hist.pdbx_B_iso_mean_ligand           ? 
_refine_hist.pdbx_B_iso_mean_solvent          ? 
_refine_hist.pdbx_number_atoms_protein        914 
_refine_hist.pdbx_number_atoms_nucleic_acid   0 
_refine_hist.pdbx_number_atoms_ligand         41 
_refine_hist.pdbx_number_atoms_lipid          ? 
_refine_hist.pdbx_number_atoms_carb           ? 
_refine_hist.pdbx_pseudo_atom_details         ? 
# 
loop_
_refine_ls_restr.pdbx_refine_id 
_refine_ls_restr.criterion 
_refine_ls_restr.dev_ideal 
_refine_ls_restr.dev_ideal_target 
_refine_ls_restr.number 
_refine_ls_restr.rejects 
_refine_ls_restr.type 
_refine_ls_restr.weight 
_refine_ls_restr.pdbx_restraint_function 
'X-RAY DIFFRACTION' ? 0.007  ? 1036 ? f_bond_d           ? ? 
'X-RAY DIFFRACTION' ? 0.941  ? 1409 ? f_angle_d          ? ? 
'X-RAY DIFFRACTION' ? 16.314 ? 604  ? f_dihedral_angle_d ? ? 
'X-RAY DIFFRACTION' ? 0.054  ? 143  ? f_chiral_restr     ? ? 
'X-RAY DIFFRACTION' ? 0.004  ? 182  ? f_plane_restr      ? ? 
# 
loop_
_refine_ls_shell.pdbx_refine_id 
_refine_ls_shell.d_res_high 
_refine_ls_shell.d_res_low 
_refine_ls_shell.number_reflns_all 
_refine_ls_shell.number_reflns_obs 
_refine_ls_shell.number_reflns_R_free 
_refine_ls_shell.number_reflns_R_work 
_refine_ls_shell.percent_reflns_obs 
_refine_ls_shell.percent_reflns_R_free 
_refine_ls_shell.R_factor_all 
_refine_ls_shell.R_factor_obs 
_refine_ls_shell.R_factor_R_free_error 
_refine_ls_shell.R_factor_R_work 
_refine_ls_shell.redundancy_reflns_all 
_refine_ls_shell.redundancy_reflns_obs 
_refine_ls_shell.wR_factor_all 
_refine_ls_shell.wR_factor_obs 
_refine_ls_shell.wR_factor_R_free 
_refine_ls_shell.wR_factor_R_work 
_refine_ls_shell.pdbx_R_complete 
_refine_ls_shell.pdbx_total_number_of_bins_used 
_refine_ls_shell.pdbx_phase_error 
_refine_ls_shell.pdbx_fsc_work 
_refine_ls_shell.pdbx_fsc_free 
_refine_ls_shell.R_factor_R_free 
'X-RAY DIFFRACTION' 1.534  1.5833 . . 134 1212 98.00  . . . . 0.3339 . . . . . . . . . . . 0.3972 
'X-RAY DIFFRACTION' 1.5833 1.6399 . . 138 1236 100.00 . . . . 0.3021 . . . . . . . . . . . 0.4062 
'X-RAY DIFFRACTION' 1.6399 1.7056 . . 138 1238 100.00 . . . . 0.2577 . . . . . . . . . . . 0.3003 
'X-RAY DIFFRACTION' 1.7056 1.7832 . . 137 1233 100.00 . . . . 0.2113 . . . . . . . . . . . 0.2668 
'X-RAY DIFFRACTION' 1.7832 1.8772 . . 139 1249 100.00 . . . . 0.1794 . . . . . . . . . . . 0.2297 
'X-RAY DIFFRACTION' 1.8772 1.9949 . . 140 1260 100.00 . . . . 0.1772 . . . . . . . . . . . 0.1819 
'X-RAY DIFFRACTION' 1.9949 2.1489 . . 136 1236 100.00 . . . . 0.1553 . . . . . . . . . . . 0.2134 
'X-RAY DIFFRACTION' 2.1489 2.3651 . . 141 1258 100.00 . . . . 0.1614 . . . . . . . . . . . 0.1971 
'X-RAY DIFFRACTION' 2.3651 2.7074 . . 142 1275 100.00 . . . . 0.1653 . . . . . . . . . . . 0.1938 
'X-RAY DIFFRACTION' 2.7074 3.4109 . . 143 1283 100.00 . . . . 0.1381 . . . . . . . . . . . 0.1818 
'X-RAY DIFFRACTION' 3.4109 48.721 . . 151 1361 100.00 . . . . 0.1380 . . . . . . . . . . . 0.1481 
# 
_struct.entry_id                     9GV4 
_struct.title                        'TBA G-quadruplex binding nanobody (free form)' 
_struct.pdbx_model_details           ? 
_struct.pdbx_formula_weight          ? 
_struct.pdbx_formula_weight_method   ? 
_struct.pdbx_model_type_details      ? 
_struct.pdbx_CASP_flag               N 
# 
_struct_keywords.entry_id        9GV4 
_struct_keywords.text            'Nanobody, G-quadruplex, TBA, thrombin, DNA, IMMUNE SYSTEM' 
_struct_keywords.pdbx_keywords   'IMMUNE SYSTEM' 
# 
loop_
_struct_asym.id 
_struct_asym.pdbx_blank_PDB_chainid_flag 
_struct_asym.pdbx_modified 
_struct_asym.entity_id 
_struct_asym.details 
A N N 1 ? 
B N N 2 ? 
C N N 3 ? 
D N N 3 ? 
E N N 3 ? 
F N N 3 ? 
G N N 3 ? 
H N N 4 ? 
I N N 4 ? 
J N N 5 ? 
# 
_struct_ref.id                         1 
_struct_ref.db_name                    PDB 
_struct_ref.db_code                    9GV4 
_struct_ref.pdbx_db_accession          9GV4 
_struct_ref.pdbx_db_isoform            ? 
_struct_ref.entity_id                  1 
_struct_ref.pdbx_seq_one_letter_code   ? 
_struct_ref.pdbx_align_begin           1 
# 
_struct_ref_seq.align_id                      1 
_struct_ref_seq.ref_id                        1 
_struct_ref_seq.pdbx_PDB_id_code              9GV4 
_struct_ref_seq.pdbx_strand_id                A 
_struct_ref_seq.seq_align_beg                 1 
_struct_ref_seq.pdbx_seq_align_beg_ins_code   ? 
_struct_ref_seq.seq_align_end                 121 
_struct_ref_seq.pdbx_seq_align_end_ins_code   ? 
_struct_ref_seq.pdbx_db_accession             9GV4 
_struct_ref_seq.db_align_beg                  1 
_struct_ref_seq.pdbx_db_align_beg_ins_code    ? 
_struct_ref_seq.db_align_end                  121 
_struct_ref_seq.pdbx_db_align_end_ins_code    ? 
_struct_ref_seq.pdbx_auth_seq_align_beg       1 
_struct_ref_seq.pdbx_auth_seq_align_end       121 
# 
_pdbx_struct_assembly.id                   1 
_pdbx_struct_assembly.details              author_defined_assembly 
_pdbx_struct_assembly.method_details       ? 
_pdbx_struct_assembly.oligomeric_details   monomeric 
_pdbx_struct_assembly.oligomeric_count     1 
# 
loop_
_pdbx_struct_assembly_prop.biol_id 
_pdbx_struct_assembly_prop.type 
_pdbx_struct_assembly_prop.value 
_pdbx_struct_assembly_prop.details 
1 'ABSA (A^2)' 1200 ? 
1 MORE         -48  ? 
1 'SSA (A^2)'  6870 ? 
# 
_pdbx_struct_assembly_gen.assembly_id       1 
_pdbx_struct_assembly_gen.oper_expression   1 
_pdbx_struct_assembly_gen.asym_id_list      A,B,C,D,E,F,G,H,I,J 
# 
_pdbx_struct_assembly_auth_evidence.id                     1 
_pdbx_struct_assembly_auth_evidence.assembly_id            1 
_pdbx_struct_assembly_auth_evidence.experimental_support   'isothermal titration calorimetry' 
_pdbx_struct_assembly_auth_evidence.details                ? 
# 
_pdbx_struct_oper_list.id                   1 
_pdbx_struct_oper_list.type                 'identity operation' 
_pdbx_struct_oper_list.name                 1_555 
_pdbx_struct_oper_list.symmetry_operation   x,y,z 
_pdbx_struct_oper_list.matrix[1][1]         1.0000000000 
_pdbx_struct_oper_list.matrix[1][2]         0.0000000000 
_pdbx_struct_oper_list.matrix[1][3]         0.0000000000 
_pdbx_struct_oper_list.vector[1]            0.0000000000 
_pdbx_struct_oper_list.matrix[2][1]         0.0000000000 
_pdbx_struct_oper_list.matrix[2][2]         1.0000000000 
_pdbx_struct_oper_list.matrix[2][3]         0.0000000000 
_pdbx_struct_oper_list.vector[2]            0.0000000000 
_pdbx_struct_oper_list.matrix[3][1]         0.0000000000 
_pdbx_struct_oper_list.matrix[3][2]         0.0000000000 
_pdbx_struct_oper_list.matrix[3][3]         1.0000000000 
_pdbx_struct_oper_list.vector[3]            0.0000000000 
# 
loop_
_struct_conf.conf_type_id 
_struct_conf.id 
_struct_conf.pdbx_PDB_helix_id 
_struct_conf.beg_label_comp_id 
_struct_conf.beg_label_asym_id 
_struct_conf.beg_label_seq_id 
_struct_conf.pdbx_beg_PDB_ins_code 
_struct_conf.end_label_comp_id 
_struct_conf.end_label_asym_id 
_struct_conf.end_label_seq_id 
_struct_conf.pdbx_end_PDB_ins_code 
_struct_conf.beg_auth_comp_id 
_struct_conf.beg_auth_asym_id 
_struct_conf.beg_auth_seq_id 
_struct_conf.end_auth_comp_id 
_struct_conf.end_auth_asym_id 
_struct_conf.end_auth_seq_id 
_struct_conf.pdbx_PDB_helix_class 
_struct_conf.details 
_struct_conf.pdbx_PDB_helix_length 
HELX_P HELX_P1 AA1 ARG A 28 ? ASN A 32 ? ARG A 28 ASN A 32 5 ? 5 
HELX_P HELX_P2 AA2 LYS A 86 ? THR A 90 ? LYS A 86 THR A 90 5 ? 5 
# 
_struct_conf_type.id          HELX_P 
_struct_conf_type.criteria    ? 
_struct_conf_type.reference   ? 
# 
loop_
_struct_conn.id 
_struct_conn.conn_type_id 
_struct_conn.pdbx_leaving_atom_flag 
_struct_conn.pdbx_PDB_id 
_struct_conn.ptnr1_label_asym_id 
_struct_conn.ptnr1_label_comp_id 
_struct_conn.ptnr1_label_seq_id 
_struct_conn.ptnr1_label_atom_id 
_struct_conn.pdbx_ptnr1_label_alt_id 
_struct_conn.pdbx_ptnr1_PDB_ins_code 
_struct_conn.pdbx_ptnr1_standard_comp_id 
_struct_conn.ptnr1_symmetry 
_struct_conn.ptnr2_label_asym_id 
_struct_conn.ptnr2_label_comp_id 
_struct_conn.ptnr2_label_seq_id 
_struct_conn.ptnr2_label_atom_id 
_struct_conn.pdbx_ptnr2_label_alt_id 
_struct_conn.pdbx_ptnr2_PDB_ins_code 
_struct_conn.ptnr1_auth_asym_id 
_struct_conn.ptnr1_auth_comp_id 
_struct_conn.ptnr1_auth_seq_id 
_struct_conn.ptnr2_auth_asym_id 
_struct_conn.ptnr2_auth_comp_id 
_struct_conn.ptnr2_auth_seq_id 
_struct_conn.ptnr2_symmetry 
_struct_conn.pdbx_ptnr3_label_atom_id 
_struct_conn.pdbx_ptnr3_label_seq_id 
_struct_conn.pdbx_ptnr3_label_comp_id 
_struct_conn.pdbx_ptnr3_label_asym_id 
_struct_conn.pdbx_ptnr3_label_alt_id 
_struct_conn.pdbx_ptnr3_PDB_ins_code 
_struct_conn.details 
_struct_conn.pdbx_dist_value 
_struct_conn.pdbx_value_order 
_struct_conn.pdbx_role 
disulf1 disulf ? ? A CYS 22 SG ? ? ? 1_555 A CYS 95 SG A ? A CYS 22 A CYS 95 1_555 ? ? ? ? ? ? ? 2.052 ? ? 
disulf2 disulf ? ? A CYS 22 SG ? ? ? 1_555 A CYS 95 SG B ? A CYS 22 A CYS 95 1_555 ? ? ? ? ? ? ? 2.031 ? ? 
# 
_struct_conn_type.id          disulf 
_struct_conn_type.criteria    ? 
_struct_conn_type.reference   ? 
# 
loop_
_pdbx_modification_feature.ordinal 
_pdbx_modification_feature.label_comp_id 
_pdbx_modification_feature.label_asym_id 
_pdbx_modification_feature.label_seq_id 
_pdbx_modification_feature.label_alt_id 
_pdbx_modification_feature.modified_residue_label_comp_id 
_pdbx_modification_feature.modified_residue_label_asym_id 
_pdbx_modification_feature.modified_residue_label_seq_id 
_pdbx_modification_feature.modified_residue_label_alt_id 
_pdbx_modification_feature.auth_comp_id 
_pdbx_modification_feature.auth_asym_id 
_pdbx_modification_feature.auth_seq_id 
_pdbx_modification_feature.PDB_ins_code 
_pdbx_modification_feature.symmetry 
_pdbx_modification_feature.modified_residue_auth_comp_id 
_pdbx_modification_feature.modified_residue_auth_asym_id 
_pdbx_modification_feature.modified_residue_auth_seq_id 
_pdbx_modification_feature.modified_residue_PDB_ins_code 
_pdbx_modification_feature.modified_residue_symmetry 
_pdbx_modification_feature.comp_id_linking_atom 
_pdbx_modification_feature.modified_residue_id_linking_atom 
_pdbx_modification_feature.modified_residue_id 
_pdbx_modification_feature.ref_pcm_id 
_pdbx_modification_feature.ref_comp_id 
_pdbx_modification_feature.type 
_pdbx_modification_feature.category 
1 CYS A 22 ? CYS A 95 A CYS A 22 ? 1_555 CYS A 95 ? 1_555 SG SG . . . None 'Disulfide bridge' 
2 CYS A 22 ? CYS A 95 B CYS A 22 ? 1_555 CYS A 95 ? 1_555 SG SG . . . None 'Disulfide bridge' 
# 
loop_
_struct_sheet.id 
_struct_sheet.type 
_struct_sheet.number_strands 
_struct_sheet.details 
AA1 ? 4 ? 
AA2 ? 6 ? 
AA3 ? 4 ? 
# 
loop_
_struct_sheet_order.sheet_id 
_struct_sheet_order.range_id_1 
_struct_sheet_order.range_id_2 
_struct_sheet_order.offset 
_struct_sheet_order.sense 
AA1 1 2 ? anti-parallel 
AA1 2 3 ? anti-parallel 
AA1 3 4 ? anti-parallel 
AA2 1 2 ? parallel      
AA2 2 3 ? anti-parallel 
AA2 3 4 ? anti-parallel 
AA2 4 5 ? anti-parallel 
AA2 5 6 ? anti-parallel 
AA3 1 2 ? parallel      
AA3 2 3 ? anti-parallel 
AA3 3 4 ? anti-parallel 
# 
loop_
_struct_sheet_range.sheet_id 
_struct_sheet_range.id 
_struct_sheet_range.beg_label_comp_id 
_struct_sheet_range.beg_label_asym_id 
_struct_sheet_range.beg_label_seq_id 
_struct_sheet_range.pdbx_beg_PDB_ins_code 
_struct_sheet_range.end_label_comp_id 
_struct_sheet_range.end_label_asym_id 
_struct_sheet_range.end_label_seq_id 
_struct_sheet_range.pdbx_end_PDB_ins_code 
_struct_sheet_range.beg_auth_comp_id 
_struct_sheet_range.beg_auth_asym_id 
_struct_sheet_range.beg_auth_seq_id 
_struct_sheet_range.end_auth_comp_id 
_struct_sheet_range.end_auth_asym_id 
_struct_sheet_range.end_auth_seq_id 
AA1 1 GLN A 3   ? SER A 7   ? GLN A 3   SER A 7   
AA1 2 LEU A 18  ? SER A 25  ? LEU A 18  SER A 25  
AA1 3 THR A 77  ? MET A 82  ? THR A 77  MET A 82  
AA1 4 PHE A 67  ? ASP A 72  ? PHE A 67  ASP A 72  
AA2 1 GLY A 10  ? VAL A 12  ? GLY A 10  VAL A 12  
AA2 2 THR A 109 ? VAL A 113 ? THR A 109 VAL A 113 
AA2 3 ALA A 91  ? ARG A 99  ? ALA A 91  ARG A 99  
AA2 4 THR A 33  ? GLN A 39  ? THR A 33  GLN A 39  
AA2 5 GLU A 46  ? MET A 51  ? GLU A 46  MET A 51  
AA2 6 THR A 57  ? TYR A 59  ? THR A 57  TYR A 59  
AA3 1 GLY A 10  ? VAL A 12  ? GLY A 10  VAL A 12  
AA3 2 THR A 109 ? VAL A 113 ? THR A 109 VAL A 113 
AA3 3 ALA A 91  ? ARG A 99  ? ALA A 91  ARG A 99  
AA3 4 GLY A 102 ? TRP A 105 ? GLY A 102 TRP A 105 
# 
loop_
_pdbx_struct_sheet_hbond.sheet_id 
_pdbx_struct_sheet_hbond.range_id_1 
_pdbx_struct_sheet_hbond.range_id_2 
_pdbx_struct_sheet_hbond.range_1_label_atom_id 
_pdbx_struct_sheet_hbond.range_1_label_comp_id 
_pdbx_struct_sheet_hbond.range_1_label_asym_id 
_pdbx_struct_sheet_hbond.range_1_label_seq_id 
_pdbx_struct_sheet_hbond.range_1_PDB_ins_code 
_pdbx_struct_sheet_hbond.range_1_auth_atom_id 
_pdbx_struct_sheet_hbond.range_1_auth_comp_id 
_pdbx_struct_sheet_hbond.range_1_auth_asym_id 
_pdbx_struct_sheet_hbond.range_1_auth_seq_id 
_pdbx_struct_sheet_hbond.range_2_label_atom_id 
_pdbx_struct_sheet_hbond.range_2_label_comp_id 
_pdbx_struct_sheet_hbond.range_2_label_asym_id 
_pdbx_struct_sheet_hbond.range_2_label_seq_id 
_pdbx_struct_sheet_hbond.range_2_PDB_ins_code 
_pdbx_struct_sheet_hbond.range_2_auth_atom_id 
_pdbx_struct_sheet_hbond.range_2_auth_comp_id 
_pdbx_struct_sheet_hbond.range_2_auth_asym_id 
_pdbx_struct_sheet_hbond.range_2_auth_seq_id 
AA1 1 2 N GLN A 3   ? N GLN A 3   O SER A 25  ? O SER A 25  
AA1 2 3 N LEU A 18  ? N LEU A 18  O MET A 82  ? O MET A 82  
AA1 3 4 O GLN A 81  ? O GLN A 81  N THR A 68  ? N THR A 68  
AA2 1 2 N GLY A 10  ? N GLY A 10  O GLN A 110 ? O GLN A 110 
AA2 2 3 O VAL A 111 ? O VAL A 111 N ALA A 91  ? N ALA A 91  
AA2 3 4 O ARG A 98  ? O ARG A 98  N THR A 33  ? N THR A 33  
AA2 4 5 N TRP A 36  ? N TRP A 36  O VAL A 48  ? O VAL A 48  
AA2 5 6 N THR A 50  ? N THR A 50  O ARG A 58  ? O ARG A 58  
AA3 1 2 N GLY A 10  ? N GLY A 10  O GLN A 110 ? O GLN A 110 
AA3 2 3 O VAL A 111 ? O VAL A 111 N ALA A 91  ? N ALA A 91  
AA3 3 4 N ARG A 99  ? N ARG A 99  O GLY A 102 ? O GLY A 102 
# 
_pdbx_entry_details.entry_id                   9GV4 
_pdbx_entry_details.nonpolymer_details         ? 
_pdbx_entry_details.sequence_details           ? 
_pdbx_entry_details.compound_details           ? 
_pdbx_entry_details.source_details             ? 
_pdbx_entry_details.has_ligand_of_interest     N 
_pdbx_entry_details.has_protein_modification   Y 
# 
_pdbx_validate_close_contact.id               1 
_pdbx_validate_close_contact.PDB_model_num    1 
_pdbx_validate_close_contact.auth_atom_id_1   OE1 
_pdbx_validate_close_contact.auth_asym_id_1   A 
_pdbx_validate_close_contact.auth_comp_id_1   GLN 
_pdbx_validate_close_contact.auth_seq_id_1    1 
_pdbx_validate_close_contact.PDB_ins_code_1   ? 
_pdbx_validate_close_contact.label_alt_id_1   ? 
_pdbx_validate_close_contact.auth_atom_id_2   OH 
_pdbx_validate_close_contact.auth_asym_id_2   A 
_pdbx_validate_close_contact.auth_comp_id_2   TYR 
_pdbx_validate_close_contact.auth_seq_id_2    104 
_pdbx_validate_close_contact.PDB_ins_code_2   ? 
_pdbx_validate_close_contact.label_alt_id_2   ? 
_pdbx_validate_close_contact.dist             2.17 
# 
_pdbx_validate_rmsd_angle.id                         1 
_pdbx_validate_rmsd_angle.PDB_model_num              1 
_pdbx_validate_rmsd_angle.auth_atom_id_1             CA 
_pdbx_validate_rmsd_angle.auth_asym_id_1             A 
_pdbx_validate_rmsd_angle.auth_comp_id_1             CYS 
_pdbx_validate_rmsd_angle.auth_seq_id_1              95 
_pdbx_validate_rmsd_angle.PDB_ins_code_1             ? 
_pdbx_validate_rmsd_angle.label_alt_id_1             A 
_pdbx_validate_rmsd_angle.auth_atom_id_2             CB 
_pdbx_validate_rmsd_angle.auth_asym_id_2             A 
_pdbx_validate_rmsd_angle.auth_comp_id_2             CYS 
_pdbx_validate_rmsd_angle.auth_seq_id_2              95 
_pdbx_validate_rmsd_angle.PDB_ins_code_2             ? 
_pdbx_validate_rmsd_angle.label_alt_id_2             A 
_pdbx_validate_rmsd_angle.auth_atom_id_3             SG 
_pdbx_validate_rmsd_angle.auth_asym_id_3             A 
_pdbx_validate_rmsd_angle.auth_comp_id_3             CYS 
_pdbx_validate_rmsd_angle.auth_seq_id_3              95 
_pdbx_validate_rmsd_angle.PDB_ins_code_3             ? 
_pdbx_validate_rmsd_angle.label_alt_id_3             A 
_pdbx_validate_rmsd_angle.angle_value                121.52 
_pdbx_validate_rmsd_angle.angle_target_value         114.20 
_pdbx_validate_rmsd_angle.angle_deviation            7.32 
_pdbx_validate_rmsd_angle.angle_standard_deviation   1.10 
_pdbx_validate_rmsd_angle.linker_flag                N 
# 
loop_
_pdbx_struct_special_symmetry.id 
_pdbx_struct_special_symmetry.PDB_model_num 
_pdbx_struct_special_symmetry.auth_asym_id 
_pdbx_struct_special_symmetry.auth_comp_id 
_pdbx_struct_special_symmetry.auth_seq_id 
_pdbx_struct_special_symmetry.PDB_ins_code 
_pdbx_struct_special_symmetry.label_asym_id 
_pdbx_struct_special_symmetry.label_comp_id 
_pdbx_struct_special_symmetry.label_seq_id 
1 1 A SO4 204 ? E SO4 . 
2 1 A HOH 312 ? J HOH . 
3 1 A HOH 345 ? J HOH . 
# 
loop_
_pdbx_unobs_or_zero_occ_residues.id 
_pdbx_unobs_or_zero_occ_residues.PDB_model_num 
_pdbx_unobs_or_zero_occ_residues.polymer_flag 
_pdbx_unobs_or_zero_occ_residues.occupancy_flag 
_pdbx_unobs_or_zero_occ_residues.auth_asym_id 
_pdbx_unobs_or_zero_occ_residues.auth_comp_id 
_pdbx_unobs_or_zero_occ_residues.auth_seq_id 
_pdbx_unobs_or_zero_occ_residues.PDB_ins_code 
_pdbx_unobs_or_zero_occ_residues.label_asym_id 
_pdbx_unobs_or_zero_occ_residues.label_comp_id 
_pdbx_unobs_or_zero_occ_residues.label_seq_id 
1 1 Y 1 A HIS 120 ? A HIS 120 
2 1 Y 1 A HIS 121 ? A HIS 121 
# 
loop_
_chem_comp_atom.comp_id 
_chem_comp_atom.atom_id 
_chem_comp_atom.type_symbol 
_chem_comp_atom.pdbx_aromatic_flag 
_chem_comp_atom.pdbx_stereo_config 
_chem_comp_atom.pdbx_ordinal 
ALA N    N N N 1   
ALA CA   C N S 2   
ALA C    C N N 3   
ALA O    O N N 4   
ALA CB   C N N 5   
ALA OXT  O N N 6   
ALA H    H N N 7   
ALA H2   H N N 8   
ALA HA   H N N 9   
ALA HB1  H N N 10  
ALA HB2  H N N 11  
ALA HB3  H N N 12  
ALA HXT  H N N 13  
ARG N    N N N 14  
ARG CA   C N S 15  
ARG C    C N N 16  
ARG O    O N N 17  
ARG CB   C N N 18  
ARG CG   C N N 19  
ARG CD   C N N 20  
ARG NE   N N N 21  
ARG CZ   C N N 22  
ARG NH1  N N N 23  
ARG NH2  N N N 24  
ARG OXT  O N N 25  
ARG H    H N N 26  
ARG H2   H N N 27  
ARG HA   H N N 28  
ARG HB2  H N N 29  
ARG HB3  H N N 30  
ARG HG2  H N N 31  
ARG HG3  H N N 32  
ARG HD2  H N N 33  
ARG HD3  H N N 34  
ARG HE   H N N 35  
ARG HH11 H N N 36  
ARG HH12 H N N 37  
ARG HH21 H N N 38  
ARG HH22 H N N 39  
ARG HXT  H N N 40  
ASN N    N N N 41  
ASN CA   C N S 42  
ASN C    C N N 43  
ASN O    O N N 44  
ASN CB   C N N 45  
ASN CG   C N N 46  
ASN OD1  O N N 47  
ASN ND2  N N N 48  
ASN OXT  O N N 49  
ASN H    H N N 50  
ASN H2   H N N 51  
ASN HA   H N N 52  
ASN HB2  H N N 53  
ASN HB3  H N N 54  
ASN HD21 H N N 55  
ASN HD22 H N N 56  
ASN HXT  H N N 57  
ASP N    N N N 58  
ASP CA   C N S 59  
ASP C    C N N 60  
ASP O    O N N 61  
ASP CB   C N N 62  
ASP CG   C N N 63  
ASP OD1  O N N 64  
ASP OD2  O N N 65  
ASP OXT  O N N 66  
ASP H    H N N 67  
ASP H2   H N N 68  
ASP HA   H N N 69  
ASP HB2  H N N 70  
ASP HB3  H N N 71  
ASP HD2  H N N 72  
ASP HXT  H N N 73  
CYS N    N N N 74  
CYS CA   C N R 75  
CYS C    C N N 76  
CYS O    O N N 77  
CYS CB   C N N 78  
CYS SG   S N N 79  
CYS OXT  O N N 80  
CYS H    H N N 81  
CYS H2   H N N 82  
CYS HA   H N N 83  
CYS HB2  H N N 84  
CYS HB3  H N N 85  
CYS HG   H N N 86  
CYS HXT  H N N 87  
EDO C1   C N N 88  
EDO O1   O N N 89  
EDO C2   C N N 90  
EDO O2   O N N 91  
EDO H11  H N N 92  
EDO H12  H N N 93  
EDO HO1  H N N 94  
EDO H21  H N N 95  
EDO H22  H N N 96  
EDO HO2  H N N 97  
GLN N    N N N 98  
GLN CA   C N S 99  
GLN C    C N N 100 
GLN O    O N N 101 
GLN CB   C N N 102 
GLN CG   C N N 103 
GLN CD   C N N 104 
GLN OE1  O N N 105 
GLN NE2  N N N 106 
GLN OXT  O N N 107 
GLN H    H N N 108 
GLN H2   H N N 109 
GLN HA   H N N 110 
GLN HB2  H N N 111 
GLN HB3  H N N 112 
GLN HG2  H N N 113 
GLN HG3  H N N 114 
GLN HE21 H N N 115 
GLN HE22 H N N 116 
GLN HXT  H N N 117 
GLU N    N N N 118 
GLU CA   C N S 119 
GLU C    C N N 120 
GLU O    O N N 121 
GLU CB   C N N 122 
GLU CG   C N N 123 
GLU CD   C N N 124 
GLU OE1  O N N 125 
GLU OE2  O N N 126 
GLU OXT  O N N 127 
GLU H    H N N 128 
GLU H2   H N N 129 
GLU HA   H N N 130 
GLU HB2  H N N 131 
GLU HB3  H N N 132 
GLU HG2  H N N 133 
GLU HG3  H N N 134 
GLU HE2  H N N 135 
GLU HXT  H N N 136 
GLY N    N N N 137 
GLY CA   C N N 138 
GLY C    C N N 139 
GLY O    O N N 140 
GLY OXT  O N N 141 
GLY H    H N N 142 
GLY H2   H N N 143 
GLY HA2  H N N 144 
GLY HA3  H N N 145 
GLY HXT  H N N 146 
GOL C1   C N N 147 
GOL O1   O N N 148 
GOL C2   C N N 149 
GOL O2   O N N 150 
GOL C3   C N N 151 
GOL O3   O N N 152 
GOL H11  H N N 153 
GOL H12  H N N 154 
GOL HO1  H N N 155 
GOL H2   H N N 156 
GOL HO2  H N N 157 
GOL H31  H N N 158 
GOL H32  H N N 159 
GOL HO3  H N N 160 
HIS N    N N N 161 
HIS CA   C N S 162 
HIS C    C N N 163 
HIS O    O N N 164 
HIS CB   C N N 165 
HIS CG   C Y N 166 
HIS ND1  N Y N 167 
HIS CD2  C Y N 168 
HIS CE1  C Y N 169 
HIS NE2  N Y N 170 
HIS OXT  O N N 171 
HIS H    H N N 172 
HIS H2   H N N 173 
HIS HA   H N N 174 
HIS HB2  H N N 175 
HIS HB3  H N N 176 
HIS HD1  H N N 177 
HIS HD2  H N N 178 
HIS HE1  H N N 179 
HIS HE2  H N N 180 
HIS HXT  H N N 181 
HOH O    O N N 182 
HOH H1   H N N 183 
HOH H2   H N N 184 
ILE N    N N N 185 
ILE CA   C N S 186 
ILE C    C N N 187 
ILE O    O N N 188 
ILE CB   C N S 189 
ILE CG1  C N N 190 
ILE CG2  C N N 191 
ILE CD1  C N N 192 
ILE OXT  O N N 193 
ILE H    H N N 194 
ILE H2   H N N 195 
ILE HA   H N N 196 
ILE HB   H N N 197 
ILE HG12 H N N 198 
ILE HG13 H N N 199 
ILE HG21 H N N 200 
ILE HG22 H N N 201 
ILE HG23 H N N 202 
ILE HD11 H N N 203 
ILE HD12 H N N 204 
ILE HD13 H N N 205 
ILE HXT  H N N 206 
LEU N    N N N 207 
LEU CA   C N S 208 
LEU C    C N N 209 
LEU O    O N N 210 
LEU CB   C N N 211 
LEU CG   C N N 212 
LEU CD1  C N N 213 
LEU CD2  C N N 214 
LEU OXT  O N N 215 
LEU H    H N N 216 
LEU H2   H N N 217 
LEU HA   H N N 218 
LEU HB2  H N N 219 
LEU HB3  H N N 220 
LEU HG   H N N 221 
LEU HD11 H N N 222 
LEU HD12 H N N 223 
LEU HD13 H N N 224 
LEU HD21 H N N 225 
LEU HD22 H N N 226 
LEU HD23 H N N 227 
LEU HXT  H N N 228 
LYS N    N N N 229 
LYS CA   C N S 230 
LYS C    C N N 231 
LYS O    O N N 232 
LYS CB   C N N 233 
LYS CG   C N N 234 
LYS CD   C N N 235 
LYS CE   C N N 236 
LYS NZ   N N N 237 
LYS OXT  O N N 238 
LYS H    H N N 239 
LYS H2   H N N 240 
LYS HA   H N N 241 
LYS HB2  H N N 242 
LYS HB3  H N N 243 
LYS HG2  H N N 244 
LYS HG3  H N N 245 
LYS HD2  H N N 246 
LYS HD3  H N N 247 
LYS HE2  H N N 248 
LYS HE3  H N N 249 
LYS HZ1  H N N 250 
LYS HZ2  H N N 251 
LYS HZ3  H N N 252 
LYS HXT  H N N 253 
MET N    N N N 254 
MET CA   C N S 255 
MET C    C N N 256 
MET O    O N N 257 
MET CB   C N N 258 
MET CG   C N N 259 
MET SD   S N N 260 
MET CE   C N N 261 
MET OXT  O N N 262 
MET H    H N N 263 
MET H2   H N N 264 
MET HA   H N N 265 
MET HB2  H N N 266 
MET HB3  H N N 267 
MET HG2  H N N 268 
MET HG3  H N N 269 
MET HE1  H N N 270 
MET HE2  H N N 271 
MET HE3  H N N 272 
MET HXT  H N N 273 
PHE N    N N N 274 
PHE CA   C N S 275 
PHE C    C N N 276 
PHE O    O N N 277 
PHE CB   C N N 278 
PHE CG   C Y N 279 
PHE CD1  C Y N 280 
PHE CD2  C Y N 281 
PHE CE1  C Y N 282 
PHE CE2  C Y N 283 
PHE CZ   C Y N 284 
PHE OXT  O N N 285 
PHE H    H N N 286 
PHE H2   H N N 287 
PHE HA   H N N 288 
PHE HB2  H N N 289 
PHE HB3  H N N 290 
PHE HD1  H N N 291 
PHE HD2  H N N 292 
PHE HE1  H N N 293 
PHE HE2  H N N 294 
PHE HZ   H N N 295 
PHE HXT  H N N 296 
PRO N    N N N 297 
PRO CA   C N S 298 
PRO C    C N N 299 
PRO O    O N N 300 
PRO CB   C N N 301 
PRO CG   C N N 302 
PRO CD   C N N 303 
PRO OXT  O N N 304 
PRO H    H N N 305 
PRO HA   H N N 306 
PRO HB2  H N N 307 
PRO HB3  H N N 308 
PRO HG2  H N N 309 
PRO HG3  H N N 310 
PRO HD2  H N N 311 
PRO HD3  H N N 312 
PRO HXT  H N N 313 
SER N    N N N 314 
SER CA   C N S 315 
SER C    C N N 316 
SER O    O N N 317 
SER CB   C N N 318 
SER OG   O N N 319 
SER OXT  O N N 320 
SER H    H N N 321 
SER H2   H N N 322 
SER HA   H N N 323 
SER HB2  H N N 324 
SER HB3  H N N 325 
SER HG   H N N 326 
SER HXT  H N N 327 
SO4 S    S N N 328 
SO4 O1   O N N 329 
SO4 O2   O N N 330 
SO4 O3   O N N 331 
SO4 O4   O N N 332 
THR N    N N N 333 
THR CA   C N S 334 
THR C    C N N 335 
THR O    O N N 336 
THR CB   C N R 337 
THR OG1  O N N 338 
THR CG2  C N N 339 
THR OXT  O N N 340 
THR H    H N N 341 
THR H2   H N N 342 
THR HA   H N N 343 
THR HB   H N N 344 
THR HG1  H N N 345 
THR HG21 H N N 346 
THR HG22 H N N 347 
THR HG23 H N N 348 
THR HXT  H N N 349 
TRP N    N N N 350 
TRP CA   C N S 351 
TRP C    C N N 352 
TRP O    O N N 353 
TRP CB   C N N 354 
TRP CG   C Y N 355 
TRP CD1  C Y N 356 
TRP CD2  C Y N 357 
TRP NE1  N Y N 358 
TRP CE2  C Y N 359 
TRP CE3  C Y N 360 
TRP CZ2  C Y N 361 
TRP CZ3  C Y N 362 
TRP CH2  C Y N 363 
TRP OXT  O N N 364 
TRP H    H N N 365 
TRP H2   H N N 366 
TRP HA   H N N 367 
TRP HB2  H N N 368 
TRP HB3  H N N 369 
TRP HD1  H N N 370 
TRP HE1  H N N 371 
TRP HE3  H N N 372 
TRP HZ2  H N N 373 
TRP HZ3  H N N 374 
TRP HH2  H N N 375 
TRP HXT  H N N 376 
TYR N    N N N 377 
TYR CA   C N S 378 
TYR C    C N N 379 
TYR O    O N N 380 
TYR CB   C N N 381 
TYR CG   C Y N 382 
TYR CD1  C Y N 383 
TYR CD2  C Y N 384 
TYR CE1  C Y N 385 
TYR CE2  C Y N 386 
TYR CZ   C Y N 387 
TYR OH   O N N 388 
TYR OXT  O N N 389 
TYR H    H N N 390 
TYR H2   H N N 391 
TYR HA   H N N 392 
TYR HB2  H N N 393 
TYR HB3  H N N 394 
TYR HD1  H N N 395 
TYR HD2  H N N 396 
TYR HE1  H N N 397 
TYR HE2  H N N 398 
TYR HH   H N N 399 
TYR HXT  H N N 400 
VAL N    N N N 401 
VAL CA   C N S 402 
VAL C    C N N 403 
VAL O    O N N 404 
VAL CB   C N N 405 
VAL CG1  C N N 406 
VAL CG2  C N N 407 
VAL OXT  O N N 408 
VAL H    H N N 409 
VAL H2   H N N 410 
VAL HA   H N N 411 
VAL HB   H N N 412 
VAL HG11 H N N 413 
VAL HG12 H N N 414 
VAL HG13 H N N 415 
VAL HG21 H N N 416 
VAL HG22 H N N 417 
VAL HG23 H N N 418 
VAL HXT  H N N 419 
# 
loop_
_chem_comp_bond.comp_id 
_chem_comp_bond.atom_id_1 
_chem_comp_bond.atom_id_2 
_chem_comp_bond.value_order 
_chem_comp_bond.pdbx_aromatic_flag 
_chem_comp_bond.pdbx_stereo_config 
_chem_comp_bond.pdbx_ordinal 
ALA N   CA   sing N N 1   
ALA N   H    sing N N 2   
ALA N   H2   sing N N 3   
ALA CA  C    sing N N 4   
ALA CA  CB   sing N N 5   
ALA CA  HA   sing N N 6   
ALA C   O    doub N N 7   
ALA C   OXT  sing N N 8   
ALA CB  HB1  sing N N 9   
ALA CB  HB2  sing N N 10  
ALA CB  HB3  sing N N 11  
ALA OXT HXT  sing N N 12  
ARG N   CA   sing N N 13  
ARG N   H    sing N N 14  
ARG N   H2   sing N N 15  
ARG CA  C    sing N N 16  
ARG CA  CB   sing N N 17  
ARG CA  HA   sing N N 18  
ARG C   O    doub N N 19  
ARG C   OXT  sing N N 20  
ARG CB  CG   sing N N 21  
ARG CB  HB2  sing N N 22  
ARG CB  HB3  sing N N 23  
ARG CG  CD   sing N N 24  
ARG CG  HG2  sing N N 25  
ARG CG  HG3  sing N N 26  
ARG CD  NE   sing N N 27  
ARG CD  HD2  sing N N 28  
ARG CD  HD3  sing N N 29  
ARG NE  CZ   sing N N 30  
ARG NE  HE   sing N N 31  
ARG CZ  NH1  sing N N 32  
ARG CZ  NH2  doub N N 33  
ARG NH1 HH11 sing N N 34  
ARG NH1 HH12 sing N N 35  
ARG NH2 HH21 sing N N 36  
ARG NH2 HH22 sing N N 37  
ARG OXT HXT  sing N N 38  
ASN N   CA   sing N N 39  
ASN N   H    sing N N 40  
ASN N   H2   sing N N 41  
ASN CA  C    sing N N 42  
ASN CA  CB   sing N N 43  
ASN CA  HA   sing N N 44  
ASN C   O    doub N N 45  
ASN C   OXT  sing N N 46  
ASN CB  CG   sing N N 47  
ASN CB  HB2  sing N N 48  
ASN CB  HB3  sing N N 49  
ASN CG  OD1  doub N N 50  
ASN CG  ND2  sing N N 51  
ASN ND2 HD21 sing N N 52  
ASN ND2 HD22 sing N N 53  
ASN OXT HXT  sing N N 54  
ASP N   CA   sing N N 55  
ASP N   H    sing N N 56  
ASP N   H2   sing N N 57  
ASP CA  C    sing N N 58  
ASP CA  CB   sing N N 59  
ASP CA  HA   sing N N 60  
ASP C   O    doub N N 61  
ASP C   OXT  sing N N 62  
ASP CB  CG   sing N N 63  
ASP CB  HB2  sing N N 64  
ASP CB  HB3  sing N N 65  
ASP CG  OD1  doub N N 66  
ASP CG  OD2  sing N N 67  
ASP OD2 HD2  sing N N 68  
ASP OXT HXT  sing N N 69  
CYS N   CA   sing N N 70  
CYS N   H    sing N N 71  
CYS N   H2   sing N N 72  
CYS CA  C    sing N N 73  
CYS CA  CB   sing N N 74  
CYS CA  HA   sing N N 75  
CYS C   O    doub N N 76  
CYS C   OXT  sing N N 77  
CYS CB  SG   sing N N 78  
CYS CB  HB2  sing N N 79  
CYS CB  HB3  sing N N 80  
CYS SG  HG   sing N N 81  
CYS OXT HXT  sing N N 82  
EDO C1  O1   sing N N 83  
EDO C1  C2   sing N N 84  
EDO C1  H11  sing N N 85  
EDO C1  H12  sing N N 86  
EDO O1  HO1  sing N N 87  
EDO C2  O2   sing N N 88  
EDO C2  H21  sing N N 89  
EDO C2  H22  sing N N 90  
EDO O2  HO2  sing N N 91  
GLN N   CA   sing N N 92  
GLN N   H    sing N N 93  
GLN N   H2   sing N N 94  
GLN CA  C    sing N N 95  
GLN CA  CB   sing N N 96  
GLN CA  HA   sing N N 97  
GLN C   O    doub N N 98  
GLN C   OXT  sing N N 99  
GLN CB  CG   sing N N 100 
GLN CB  HB2  sing N N 101 
GLN CB  HB3  sing N N 102 
GLN CG  CD   sing N N 103 
GLN CG  HG2  sing N N 104 
GLN CG  HG3  sing N N 105 
GLN CD  OE1  doub N N 106 
GLN CD  NE2  sing N N 107 
GLN NE2 HE21 sing N N 108 
GLN NE2 HE22 sing N N 109 
GLN OXT HXT  sing N N 110 
GLU N   CA   sing N N 111 
GLU N   H    sing N N 112 
GLU N   H2   sing N N 113 
GLU CA  C    sing N N 114 
GLU CA  CB   sing N N 115 
GLU CA  HA   sing N N 116 
GLU C   O    doub N N 117 
GLU C   OXT  sing N N 118 
GLU CB  CG   sing N N 119 
GLU CB  HB2  sing N N 120 
GLU CB  HB3  sing N N 121 
GLU CG  CD   sing N N 122 
GLU CG  HG2  sing N N 123 
GLU CG  HG3  sing N N 124 
GLU CD  OE1  doub N N 125 
GLU CD  OE2  sing N N 126 
GLU OE2 HE2  sing N N 127 
GLU OXT HXT  sing N N 128 
GLY N   CA   sing N N 129 
GLY N   H    sing N N 130 
GLY N   H2   sing N N 131 
GLY CA  C    sing N N 132 
GLY CA  HA2  sing N N 133 
GLY CA  HA3  sing N N 134 
GLY C   O    doub N N 135 
GLY C   OXT  sing N N 136 
GLY OXT HXT  sing N N 137 
GOL C1  O1   sing N N 138 
GOL C1  C2   sing N N 139 
GOL C1  H11  sing N N 140 
GOL C1  H12  sing N N 141 
GOL O1  HO1  sing N N 142 
GOL C2  O2   sing N N 143 
GOL C2  C3   sing N N 144 
GOL C2  H2   sing N N 145 
GOL O2  HO2  sing N N 146 
GOL C3  O3   sing N N 147 
GOL C3  H31  sing N N 148 
GOL C3  H32  sing N N 149 
GOL O3  HO3  sing N N 150 
HIS N   CA   sing N N 151 
HIS N   H    sing N N 152 
HIS N   H2   sing N N 153 
HIS CA  C    sing N N 154 
HIS CA  CB   sing N N 155 
HIS CA  HA   sing N N 156 
HIS C   O    doub N N 157 
HIS C   OXT  sing N N 158 
HIS CB  CG   sing N N 159 
HIS CB  HB2  sing N N 160 
HIS CB  HB3  sing N N 161 
HIS CG  ND1  sing Y N 162 
HIS CG  CD2  doub Y N 163 
HIS ND1 CE1  doub Y N 164 
HIS ND1 HD1  sing N N 165 
HIS CD2 NE2  sing Y N 166 
HIS CD2 HD2  sing N N 167 
HIS CE1 NE2  sing Y N 168 
HIS CE1 HE1  sing N N 169 
HIS NE2 HE2  sing N N 170 
HIS OXT HXT  sing N N 171 
HOH O   H1   sing N N 172 
HOH O   H2   sing N N 173 
ILE N   CA   sing N N 174 
ILE N   H    sing N N 175 
ILE N   H2   sing N N 176 
ILE CA  C    sing N N 177 
ILE CA  CB   sing N N 178 
ILE CA  HA   sing N N 179 
ILE C   O    doub N N 180 
ILE C   OXT  sing N N 181 
ILE CB  CG1  sing N N 182 
ILE CB  CG2  sing N N 183 
ILE CB  HB   sing N N 184 
ILE CG1 CD1  sing N N 185 
ILE CG1 HG12 sing N N 186 
ILE CG1 HG13 sing N N 187 
ILE CG2 HG21 sing N N 188 
ILE CG2 HG22 sing N N 189 
ILE CG2 HG23 sing N N 190 
ILE CD1 HD11 sing N N 191 
ILE CD1 HD12 sing N N 192 
ILE CD1 HD13 sing N N 193 
ILE OXT HXT  sing N N 194 
LEU N   CA   sing N N 195 
LEU N   H    sing N N 196 
LEU N   H2   sing N N 197 
LEU CA  C    sing N N 198 
LEU CA  CB   sing N N 199 
LEU CA  HA   sing N N 200 
LEU C   O    doub N N 201 
LEU C   OXT  sing N N 202 
LEU CB  CG   sing N N 203 
LEU CB  HB2  sing N N 204 
LEU CB  HB3  sing N N 205 
LEU CG  CD1  sing N N 206 
LEU CG  CD2  sing N N 207 
LEU CG  HG   sing N N 208 
LEU CD1 HD11 sing N N 209 
LEU CD1 HD12 sing N N 210 
LEU CD1 HD13 sing N N 211 
LEU CD2 HD21 sing N N 212 
LEU CD2 HD22 sing N N 213 
LEU CD2 HD23 sing N N 214 
LEU OXT HXT  sing N N 215 
LYS N   CA   sing N N 216 
LYS N   H    sing N N 217 
LYS N   H2   sing N N 218 
LYS CA  C    sing N N 219 
LYS CA  CB   sing N N 220 
LYS CA  HA   sing N N 221 
LYS C   O    doub N N 222 
LYS C   OXT  sing N N 223 
LYS CB  CG   sing N N 224 
LYS CB  HB2  sing N N 225 
LYS CB  HB3  sing N N 226 
LYS CG  CD   sing N N 227 
LYS CG  HG2  sing N N 228 
LYS CG  HG3  sing N N 229 
LYS CD  CE   sing N N 230 
LYS CD  HD2  sing N N 231 
LYS CD  HD3  sing N N 232 
LYS CE  NZ   sing N N 233 
LYS CE  HE2  sing N N 234 
LYS CE  HE3  sing N N 235 
LYS NZ  HZ1  sing N N 236 
LYS NZ  HZ2  sing N N 237 
LYS NZ  HZ3  sing N N 238 
LYS OXT HXT  sing N N 239 
MET N   CA   sing N N 240 
MET N   H    sing N N 241 
MET N   H2   sing N N 242 
MET CA  C    sing N N 243 
MET CA  CB   sing N N 244 
MET CA  HA   sing N N 245 
MET C   O    doub N N 246 
MET C   OXT  sing N N 247 
MET CB  CG   sing N N 248 
MET CB  HB2  sing N N 249 
MET CB  HB3  sing N N 250 
MET CG  SD   sing N N 251 
MET CG  HG2  sing N N 252 
MET CG  HG3  sing N N 253 
MET SD  CE   sing N N 254 
MET CE  HE1  sing N N 255 
MET CE  HE2  sing N N 256 
MET CE  HE3  sing N N 257 
MET OXT HXT  sing N N 258 
PHE N   CA   sing N N 259 
PHE N   H    sing N N 260 
PHE N   H2   sing N N 261 
PHE CA  C    sing N N 262 
PHE CA  CB   sing N N 263 
PHE CA  HA   sing N N 264 
PHE C   O    doub N N 265 
PHE C   OXT  sing N N 266 
PHE CB  CG   sing N N 267 
PHE CB  HB2  sing N N 268 
PHE CB  HB3  sing N N 269 
PHE CG  CD1  doub Y N 270 
PHE CG  CD2  sing Y N 271 
PHE CD1 CE1  sing Y N 272 
PHE CD1 HD1  sing N N 273 
PHE CD2 CE2  doub Y N 274 
PHE CD2 HD2  sing N N 275 
PHE CE1 CZ   doub Y N 276 
PHE CE1 HE1  sing N N 277 
PHE CE2 CZ   sing Y N 278 
PHE CE2 HE2  sing N N 279 
PHE CZ  HZ   sing N N 280 
PHE OXT HXT  sing N N 281 
PRO N   CA   sing N N 282 
PRO N   CD   sing N N 283 
PRO N   H    sing N N 284 
PRO CA  C    sing N N 285 
PRO CA  CB   sing N N 286 
PRO CA  HA   sing N N 287 
PRO C   O    doub N N 288 
PRO C   OXT  sing N N 289 
PRO CB  CG   sing N N 290 
PRO CB  HB2  sing N N 291 
PRO CB  HB3  sing N N 292 
PRO CG  CD   sing N N 293 
PRO CG  HG2  sing N N 294 
PRO CG  HG3  sing N N 295 
PRO CD  HD2  sing N N 296 
PRO CD  HD3  sing N N 297 
PRO OXT HXT  sing N N 298 
SER N   CA   sing N N 299 
SER N   H    sing N N 300 
SER N   H2   sing N N 301 
SER CA  C    sing N N 302 
SER CA  CB   sing N N 303 
SER CA  HA   sing N N 304 
SER C   O    doub N N 305 
SER C   OXT  sing N N 306 
SER CB  OG   sing N N 307 
SER CB  HB2  sing N N 308 
SER CB  HB3  sing N N 309 
SER OG  HG   sing N N 310 
SER OXT HXT  sing N N 311 
SO4 S   O1   doub N N 312 
SO4 S   O2   doub N N 313 
SO4 S   O3   sing N N 314 
SO4 S   O4   sing N N 315 
THR N   CA   sing N N 316 
THR N   H    sing N N 317 
THR N   H2   sing N N 318 
THR CA  C    sing N N 319 
THR CA  CB   sing N N 320 
THR CA  HA   sing N N 321 
THR C   O    doub N N 322 
THR C   OXT  sing N N 323 
THR CB  OG1  sing N N 324 
THR CB  CG2  sing N N 325 
THR CB  HB   sing N N 326 
THR OG1 HG1  sing N N 327 
THR CG2 HG21 sing N N 328 
THR CG2 HG22 sing N N 329 
THR CG2 HG23 sing N N 330 
THR OXT HXT  sing N N 331 
TRP N   CA   sing N N 332 
TRP N   H    sing N N 333 
TRP N   H2   sing N N 334 
TRP CA  C    sing N N 335 
TRP CA  CB   sing N N 336 
TRP CA  HA   sing N N 337 
TRP C   O    doub N N 338 
TRP C   OXT  sing N N 339 
TRP CB  CG   sing N N 340 
TRP CB  HB2  sing N N 341 
TRP CB  HB3  sing N N 342 
TRP CG  CD1  doub Y N 343 
TRP CG  CD2  sing Y N 344 
TRP CD1 NE1  sing Y N 345 
TRP CD1 HD1  sing N N 346 
TRP CD2 CE2  doub Y N 347 
TRP CD2 CE3  sing Y N 348 
TRP NE1 CE2  sing Y N 349 
TRP NE1 HE1  sing N N 350 
TRP CE2 CZ2  sing Y N 351 
TRP CE3 CZ3  doub Y N 352 
TRP CE3 HE3  sing N N 353 
TRP CZ2 CH2  doub Y N 354 
TRP CZ2 HZ2  sing N N 355 
TRP CZ3 CH2  sing Y N 356 
TRP CZ3 HZ3  sing N N 357 
TRP CH2 HH2  sing N N 358 
TRP OXT HXT  sing N N 359 
TYR N   CA   sing N N 360 
TYR N   H    sing N N 361 
TYR N   H2   sing N N 362 
TYR CA  C    sing N N 363 
TYR CA  CB   sing N N 364 
TYR CA  HA   sing N N 365 
TYR C   O    doub N N 366 
TYR C   OXT  sing N N 367 
TYR CB  CG   sing N N 368 
TYR CB  HB2  sing N N 369 
TYR CB  HB3  sing N N 370 
TYR CG  CD1  doub Y N 371 
TYR CG  CD2  sing Y N 372 
TYR CD1 CE1  sing Y N 373 
TYR CD1 HD1  sing N N 374 
TYR CD2 CE2  doub Y N 375 
TYR CD2 HD2  sing N N 376 
TYR CE1 CZ   doub Y N 377 
TYR CE1 HE1  sing N N 378 
TYR CE2 CZ   sing Y N 379 
TYR CE2 HE2  sing N N 380 
TYR CZ  OH   sing N N 381 
TYR OH  HH   sing N N 382 
TYR OXT HXT  sing N N 383 
VAL N   CA   sing N N 384 
VAL N   H    sing N N 385 
VAL N   H2   sing N N 386 
VAL CA  C    sing N N 387 
VAL CA  CB   sing N N 388 
VAL CA  HA   sing N N 389 
VAL C   O    doub N N 390 
VAL C   OXT  sing N N 391 
VAL CB  CG1  sing N N 392 
VAL CB  CG2  sing N N 393 
VAL CB  HB   sing N N 394 
VAL CG1 HG11 sing N N 395 
VAL CG1 HG12 sing N N 396 
VAL CG1 HG13 sing N N 397 
VAL CG2 HG21 sing N N 398 
VAL CG2 HG22 sing N N 399 
VAL CG2 HG23 sing N N 400 
VAL OXT HXT  sing N N 401 
# 
loop_
_pdbx_audit_support.funding_organization 
_pdbx_audit_support.country 
_pdbx_audit_support.grant_number 
_pdbx_audit_support.ordinal 
'Slovenian Research Agency' Slovenia J1-50026 1 
'Slovenian Research Agency' Slovenia P1-0201  2 
# 
_pdbx_initial_refinement_model.id               1 
_pdbx_initial_refinement_model.entity_id_list   ? 
_pdbx_initial_refinement_model.type             'experimental model' 
_pdbx_initial_refinement_model.source_name      Other 
_pdbx_initial_refinement_model.accession_code   ? 
_pdbx_initial_refinement_model.details          'nanobody with truncated cdr loops' 
# 
_atom_sites.entry_id                    9GV4 
_atom_sites.Cartn_transf_matrix[1][1]   ? 
_atom_sites.Cartn_transf_matrix[1][2]   ? 
_atom_sites.Cartn_transf_matrix[1][3]   ? 
_atom_sites.Cartn_transf_matrix[2][1]   ? 
_atom_sites.Cartn_transf_matrix[2][2]   ? 
_atom_sites.Cartn_transf_matrix[2][3]   ? 
_atom_sites.Cartn_transf_matrix[3][1]   ? 
_atom_sites.Cartn_transf_matrix[3][2]   ? 
_atom_sites.Cartn_transf_matrix[3][3]   ? 
_atom_sites.Cartn_transf_vector[1]      ? 
_atom_sites.Cartn_transf_vector[2]      ? 
_atom_sites.Cartn_transf_vector[3]      ? 
_atom_sites.Cartn_transform_axes        ? 
_atom_sites.fract_transf_matrix[1][1]   0.00482344 
_atom_sites.fract_transf_matrix[1][2]   -0.02020778 
_atom_sites.fract_transf_matrix[1][3]   0.03586873 
_atom_sites.fract_transf_matrix[2][1]   0.01175421 
_atom_sites.fract_transf_matrix[2][2]   0.00145108 
_atom_sites.fract_transf_matrix[2][3]   -0.00076313 
_atom_sites.fract_transf_matrix[3][1]   -0.00076413 
_atom_sites.fract_transf_matrix[3][2]   0.00887251 
_atom_sites.fract_transf_matrix[3][3]   0.00510136 
_atom_sites.fract_transf_vector[1]      -0.126996 
_atom_sites.fract_transf_vector[2]      -0.016328 
_atom_sites.fract_transf_vector[3]      -0.128443 
_atom_sites.solution_primary            ? 
_atom_sites.solution_secondary          ? 
_atom_sites.solution_hydrogens          ? 
_atom_sites.special_details             ? 
# 
loop_
_atom_type.symbol 
C 
N 
O 
S 
# 
loop_
_atom_site.group_PDB 
_atom_site.id 
_atom_site.type_symbol 
_atom_site.label_atom_id 
_atom_site.label_alt_id 
_atom_site.label_comp_id 
_atom_site.label_asym_id 
_atom_site.label_entity_id 
_atom_site.label_seq_id 
_atom_site.pdbx_PDB_ins_code 
_atom_site.Cartn_x 
_atom_site.Cartn_y 
_atom_site.Cartn_z 
_atom_site.occupancy 
_atom_site.B_iso_or_equiv 
_atom_site.pdbx_formal_charge 
_atom_site.auth_seq_id 
_atom_site.auth_comp_id 
_atom_site.auth_asym_id 
_atom_site.auth_atom_id 
_atom_site.pdbx_PDB_model_num 
ATOM   1    N N   . GLN A 1 1   ? 19.300  -4.339  -9.615  1.00 46.16 ? 1   GLN A N   1 
ATOM   2    C CA  . GLN A 1 1   ? 18.759  -3.017  -9.911  1.00 43.39 ? 1   GLN A CA  1 
ATOM   3    C C   . GLN A 1 1   ? 17.957  -2.476  -8.730  1.00 34.35 ? 1   GLN A C   1 
ATOM   4    O O   . GLN A 1 1   ? 18.523  -2.054  -7.725  1.00 28.31 ? 1   GLN A O   1 
ATOM   5    C CB  . GLN A 1 1   ? 17.885  -3.063  -11.164 1.00 46.91 ? 1   GLN A CB  1 
ATOM   6    C CG  . GLN A 1 1   ? 17.465  -1.702  -11.694 1.00 50.04 ? 1   GLN A CG  1 
ATOM   7    C CD  . GLN A 1 1   ? 17.084  -1.764  -13.148 1.00 58.02 ? 1   GLN A CD  1 
ATOM   8    O OE1 . GLN A 1 1   ? 16.292  -0.963  -13.636 1.00 62.82 ? 1   GLN A OE1 1 
ATOM   9    N NE2 . GLN A 1 1   ? 17.657  -2.718  -13.854 1.00 66.71 ? 1   GLN A NE2 1 
ATOM   10   N N   . VAL A 1 2   ? 16.634  -2.507  -8.853  1.00 22.20 ? 2   VAL A N   1 
ATOM   11   C CA  . VAL A 1 2   ? 15.734  -1.974  -7.840  1.00 19.15 ? 2   VAL A CA  1 
ATOM   12   C C   . VAL A 1 2   ? 14.832  -3.102  -7.370  1.00 20.38 ? 2   VAL A C   1 
ATOM   13   O O   . VAL A 1 2   ? 14.228  -3.801  -8.190  1.00 23.77 ? 2   VAL A O   1 
ATOM   14   C CB  . VAL A 1 2   ? 14.901  -0.797  -8.378  1.00 18.13 ? 2   VAL A CB  1 
ATOM   15   C CG1 . VAL A 1 2   ? 13.837  -0.391  -7.364  1.00 19.52 ? 2   VAL A CG1 1 
ATOM   16   C CG2 . VAL A 1 2   ? 15.804  0.381   -8.712  1.00 23.78 ? 2   VAL A CG2 1 
ATOM   17   N N   . GLN A 1 3   ? 14.735  -3.270  -6.055  1.00 14.39 ? 3   GLN A N   1 
ATOM   18   C CA  . GLN A 1 3   ? 13.862  -4.279  -5.472  1.00 18.92 ? 3   GLN A CA  1 
ATOM   19   C C   . GLN A 1 3   ? 12.925  -3.620  -4.474  1.00 15.95 ? 3   GLN A C   1 
ATOM   20   O O   . GLN A 1 3   ? 13.357  -2.801  -3.658  1.00 19.03 ? 3   GLN A O   1 
ATOM   21   C CB  . GLN A 1 3   ? 14.675  -5.374  -4.786  1.00 25.16 ? 3   GLN A CB  1 
ATOM   22   C CG  . GLN A 1 3   ? 15.663  -6.057  -5.721  1.00 35.87 ? 3   GLN A CG  1 
ATOM   23   C CD  . GLN A 1 3   ? 16.702  -6.874  -4.973  1.00 56.61 ? 3   GLN A CD  1 
ATOM   24   O OE1 . GLN A 1 3   ? 16.461  -7.331  -3.853  1.00 60.78 ? 3   GLN A OE1 1 
ATOM   25   N NE2 . GLN A 1 3   ? 17.868  -7.055  -5.586  1.00 60.61 ? 3   GLN A NE2 1 
ATOM   26   N N   . LEU A 1 4   ? 11.643  -3.993  -4.539  1.00 12.40 ? 4   LEU A N   1 
ATOM   27   C CA  . LEU A 1 4   ? 10.622  -3.520  -3.612  1.00 11.50 ? 4   LEU A CA  1 
ATOM   28   C C   . LEU A 1 4   ? 10.057  -4.698  -2.839  1.00 13.53 ? 4   LEU A C   1 
ATOM   29   O O   . LEU A 1 4   ? 9.788   -5.756  -3.421  1.00 16.55 ? 4   LEU A O   1 
ATOM   30   C CB  . LEU A 1 4   ? 9.474   -2.832  -4.347  1.00 13.00 ? 4   LEU A CB  1 
ATOM   31   C CG  . LEU A 1 4   ? 9.928   -1.749  -5.312  1.00 17.14 ? 4   LEU A CG  1 
ATOM   32   C CD1 . LEU A 1 4   ? 8.749   -1.192  -6.099  1.00 18.84 ? 4   LEU A CD1 1 
ATOM   33   C CD2 . LEU A 1 4   ? 10.616  -0.665  -4.506  1.00 15.44 ? 4   LEU A CD2 1 
ATOM   34   N N   . GLN A 1 5   ? 9.843   -4.515  -1.541  1.00 12.69 ? 5   GLN A N   1 
ATOM   35   C CA  . GLN A 1 5   ? 9.227   -5.571  -0.744  1.00 17.21 ? 5   GLN A CA  1 
ATOM   36   C C   . GLN A 1 5   ? 8.224   -4.982  0.234   1.00 10.87 ? 5   GLN A C   1 
ATOM   37   O O   . GLN A 1 5   ? 8.594   -4.193  1.112   1.00 11.89 ? 5   GLN A O   1 
ATOM   38   C CB  . GLN A 1 5   ? 10.263  -6.399  0.014   1.00 19.65 ? 5   GLN A CB  1 
ATOM   39   C CG  . GLN A 1 5   ? 9.601   -7.459  0.888   1.00 24.59 ? 5   GLN A CG  1 
ATOM   40   C CD  . GLN A 1 5   ? 10.431  -8.713  1.034   1.00 40.57 ? 5   GLN A CD  1 
ATOM   41   O OE1 . GLN A 1 5   ? 11.066  -9.165  0.082   1.00 56.31 ? 5   GLN A OE1 1 
ATOM   42   N NE2 . GLN A 1 5   ? 10.427  -9.287  2.229   1.00 42.09 ? 5   GLN A NE2 1 
ATOM   43   N N   . GLU A 1 6   ? 6.968   -5.394  0.074   1.00 11.79 ? 6   GLU A N   1 
ATOM   44   C CA  . GLU A 1 6   ? 5.888   -5.056  0.988   1.00 11.16 ? 6   GLU A CA  1 
ATOM   45   C C   . GLU A 1 6   ? 5.988   -5.913  2.242   1.00 15.50 ? 6   GLU A C   1 
ATOM   46   O O   . GLU A 1 6   ? 6.390   -7.076  2.193   1.00 20.76 ? 6   GLU A O   1 
ATOM   47   C CB  . GLU A 1 6   ? 4.519   -5.305  0.336   1.00 17.45 ? 6   GLU A CB  1 
ATOM   48   C CG  . GLU A 1 6   ? 4.236   -4.603  -0.978  1.00 17.78 ? 6   GLU A CG  1 
ATOM   49   C CD  . GLU A 1 6   ? 4.752   -5.350  -2.196  1.00 11.81 ? 6   GLU A CD  1 
ATOM   50   O OE1 . GLU A 1 6   ? 5.582   -6.280  -2.046  1.00 13.83 ? 6   GLU A OE1 1 
ATOM   51   O OE2 . GLU A 1 6   ? 4.328   -4.997  -3.309  1.00 12.98 ? 6   GLU A OE2 1 
ATOM   52   N N   A SER A 1 7   ? 5.607   -5.331  3.374   0.57 11.98 ? 7   SER A N   1 
ATOM   53   N N   B SER A 1 7   ? 5.618   -5.321  3.375   0.43 11.97 ? 7   SER A N   1 
ATOM   54   C CA  A SER A 1 7   ? 5.511   -6.079  4.617   0.57 15.80 ? 7   SER A CA  1 
ATOM   55   C CA  B SER A 1 7   ? 5.533   -6.041  4.637   0.43 15.81 ? 7   SER A CA  1 
ATOM   56   C C   A SER A 1 7   ? 4.263   -5.638  5.363   0.57 18.97 ? 7   SER A C   1 
ATOM   57   C C   B SER A 1 7   ? 4.246   -5.643  5.347   0.43 18.88 ? 7   SER A C   1 
ATOM   58   O O   A SER A 1 7   ? 3.747   -4.533  5.168   0.57 14.57 ? 7   SER A O   1 
ATOM   59   O O   B SER A 1 7   ? 3.684   -4.569  5.109   0.43 14.55 ? 7   SER A O   1 
ATOM   60   C CB  A SER A 1 7   ? 6.754   -5.902  5.491   0.57 13.60 ? 7   SER A CB  1 
ATOM   61   C CB  B SER A 1 7   ? 6.739   -5.771  5.541   0.43 13.63 ? 7   SER A CB  1 
ATOM   62   O OG  A SER A 1 7   ? 6.990   -4.535  5.751   0.57 18.04 ? 7   SER A OG  1 
ATOM   63   O OG  B SER A 1 7   ? 6.682   -6.566  6.716   0.43 20.40 ? 7   SER A OG  1 
ATOM   64   N N   . GLY A 1 8   ? 3.796   -6.518  6.235   1.00 16.73 ? 8   GLY A N   1 
ATOM   65   C CA  . GLY A 1 8   ? 2.506   -6.361  6.855   1.00 11.94 ? 8   GLY A CA  1 
ATOM   66   C C   . GLY A 1 8   ? 1.446   -7.049  6.023   1.00 19.35 ? 8   GLY A C   1 
ATOM   67   O O   . GLY A 1 8   ? 1.635   -7.354  4.848   1.00 24.08 ? 8   GLY A O   1 
ATOM   68   N N   . GLY A 1 9   ? 0.327   -7.287  6.639   1.00 17.12 ? 9   GLY A N   1 
ATOM   69   C CA  . GLY A 1 9   ? -0.756  -7.970  5.975   1.00 12.74 ? 9   GLY A CA  1 
ATOM   70   C C   . GLY A 1 9   ? -1.423  -8.912  6.940   1.00 16.03 ? 9   GLY A C   1 
ATOM   71   O O   . GLY A 1 9   ? -1.212  -8.852  8.150   1.00 18.52 ? 9   GLY A O   1 
ATOM   72   N N   . GLY A 1 10  ? -2.246  -9.790  6.398   1.00 11.53 ? 10  GLY A N   1 
ATOM   73   C CA  . GLY A 1 10  ? -2.982  -10.724 7.213   1.00 12.21 ? 10  GLY A CA  1 
ATOM   74   C C   . GLY A 1 10  ? -4.407  -10.279 7.448   1.00 12.16 ? 10  GLY A C   1 
ATOM   75   O O   . GLY A 1 10  ? -4.951  -9.407  6.761   1.00 11.55 ? 10  GLY A O   1 
ATOM   76   N N   . LEU A 1 11  ? -5.012  -10.890 8.463   1.00 11.59 ? 11  LEU A N   1 
ATOM   77   C CA  . LEU A 1 11  ? -6.435  -10.770 8.732   1.00 10.57 ? 11  LEU A CA  1 
ATOM   78   C C   . LEU A 1 11  ? -6.699  -9.722  9.808   1.00 16.68 ? 11  LEU A C   1 
ATOM   79   O O   . LEU A 1 11  ? -5.966  -9.627  10.795  1.00 14.70 ? 11  LEU A O   1 
ATOM   80   C CB  . LEU A 1 11  ? -7.000  -12.139 9.146   1.00 11.88 ? 11  LEU A CB  1 
ATOM   81   C CG  . LEU A 1 11  ? -8.439  -12.239 9.626   1.00 14.40 ? 11  LEU A CG  1 
ATOM   82   C CD1 . LEU A 1 11  ? -9.414  -11.888 8.520   1.00 14.72 ? 11  LEU A CD1 1 
ATOM   83   C CD2 . LEU A 1 11  ? -8.711  -13.651 10.147  1.00 14.60 ? 11  LEU A CD2 1 
ATOM   84   N N   A VAL A 1 12  ? -7.767  -8.952  9.620   0.42 11.09 ? 12  VAL A N   1 
ATOM   85   N N   B VAL A 1 12  ? -7.729  -8.907  9.568   0.58 8.63  ? 12  VAL A N   1 
ATOM   86   C CA  A VAL A 1 12  ? -8.153  -7.913  10.566  0.42 12.18 ? 12  VAL A CA  1 
ATOM   87   C CA  B VAL A 1 12  ? -8.116  -7.796  10.428  0.58 12.19 ? 12  VAL A CA  1 
ATOM   88   C C   A VAL A 1 12  ? -9.672  -7.849  10.579  0.42 13.40 ? 12  VAL A C   1 
ATOM   89   C C   B VAL A 1 12  ? -9.633  -7.811  10.545  0.58 12.99 ? 12  VAL A C   1 
ATOM   90   O O   A VAL A 1 12  ? -10.325 -8.191  9.593   0.42 10.87 ? 12  VAL A O   1 
ATOM   91   O O   B VAL A 1 12  ? -10.333 -8.292  9.653   0.58 11.20 ? 12  VAL A O   1 
ATOM   92   C CB  A VAL A 1 12  ? -7.524  -6.554  10.180  0.42 13.22 ? 12  VAL A CB  1 
ATOM   93   C CB  B VAL A 1 12  ? -7.642  -6.436  9.864   0.58 12.34 ? 12  VAL A CB  1 
ATOM   94   C CG1 A VAL A 1 12  ? -8.037  -6.108  8.826   0.42 11.55 ? 12  VAL A CG1 1 
ATOM   95   C CG1 B VAL A 1 12  ? -7.798  -5.338  10.896  0.58 18.26 ? 12  VAL A CG1 1 
ATOM   96   C CG2 A VAL A 1 12  ? -7.815  -5.509  11.224  0.42 16.97 ? 12  VAL A CG2 1 
ATOM   97   C CG2 B VAL A 1 12  ? -6.202  -6.509  9.362   0.58 15.22 ? 12  VAL A CG2 1 
ATOM   98   N N   A GLN A 1 13  ? -10.245 -7.434  11.707  0.50 13.08 ? 13  GLN A N   1 
ATOM   99   N N   B GLN A 1 13  ? -10.151 -7.291  11.656  0.50 12.93 ? 13  GLN A N   1 
ATOM   100  C CA  A GLN A 1 13  ? -11.692 -7.315  11.764  0.50 12.52 ? 13  GLN A CA  1 
ATOM   101  C CA  B GLN A 1 13  ? -11.594 -7.179  11.814  0.50 12.44 ? 13  GLN A CA  1 
ATOM   102  C C   A GLN A 1 13  ? -12.137 -5.957  11.235  0.50 12.38 ? 13  GLN A C   1 
ATOM   103  C C   B GLN A 1 13  ? -12.104 -5.902  11.158  0.50 12.32 ? 13  GLN A C   1 
ATOM   104  O O   A GLN A 1 13  ? -11.385 -4.979  11.247  0.50 11.54 ? 13  GLN A O   1 
ATOM   105  O O   B GLN A 1 13  ? -11.378 -4.912  11.032  0.50 10.66 ? 13  GLN A O   1 
ATOM   106  C CB  A GLN A 1 13  ? -12.222 -7.541  13.186  0.50 14.92 ? 13  GLN A CB  1 
ATOM   107  C CB  B GLN A 1 13  ? -11.978 -7.188  13.296  0.50 13.37 ? 13  GLN A CB  1 
ATOM   108  C CG  A GLN A 1 13  ? -11.807 -6.517  14.212  0.50 21.33 ? 13  GLN A CG  1 
ATOM   109  C CG  B GLN A 1 13  ? -11.409 -8.359  14.083  0.50 17.19 ? 13  GLN A CG  1 
ATOM   110  C CD  A GLN A 1 13  ? -12.162 -6.941  15.634  0.50 17.15 ? 13  GLN A CD  1 
ATOM   111  C CD  B GLN A 1 13  ? -12.144 -9.654  13.823  0.50 24.14 ? 13  GLN A CD  1 
ATOM   112  O OE1 A GLN A 1 13  ? -12.169 -8.130  15.956  0.50 17.90 ? 13  GLN A OE1 1 
ATOM   113  O OE1 B GLN A 1 13  ? -13.226 -9.662  13.230  0.50 22.65 ? 13  GLN A OE1 1 
ATOM   114  N NE2 A GLN A 1 13  ? -12.456 -5.967  16.485  0.50 18.72 ? 13  GLN A NE2 1 
ATOM   115  N NE2 B GLN A 1 13  ? -11.560 -10.767 14.261  0.50 33.46 ? 13  GLN A NE2 1 
ATOM   116  N N   . ALA A 1 14  ? -13.367 -5.928  10.735  1.00 10.56 ? 14  ALA A N   1 
ATOM   117  C CA  . ALA A 1 14  ? -13.982 -4.713  10.216  1.00 10.15 ? 14  ALA A CA  1 
ATOM   118  C C   . ALA A 1 14  ? -13.937 -3.615  11.268  1.00 11.33 ? 14  ALA A C   1 
ATOM   119  O O   . ALA A 1 14  ? -14.155 -3.866  12.458  1.00 12.05 ? 14  ALA A O   1 
ATOM   120  C CB  . ALA A 1 14  ? -15.432 -5.004  9.806   1.00 13.93 ? 14  ALA A CB  1 
ATOM   121  N N   . GLY A 1 15  ? -13.628 -2.394  10.818  1.00 9.55  ? 15  GLY A N   1 
ATOM   122  C CA  . GLY A 1 15  ? -13.437 -1.255  11.696  1.00 12.41 ? 15  GLY A CA  1 
ATOM   123  C C   . GLY A 1 15  ? -12.060 -1.168  12.316  1.00 13.09 ? 15  GLY A C   1 
ATOM   124  O O   . GLY A 1 15  ? -11.772 -0.194  13.030  1.00 11.26 ? 15  GLY A O   1 
ATOM   125  N N   . GLY A 1 16  ? -11.200 -2.136  12.051  1.00 9.18  ? 16  GLY A N   1 
ATOM   126  C CA  . GLY A 1 16  ? -9.878  -2.173  12.623  1.00 11.31 ? 16  GLY A CA  1 
ATOM   127  C C   . GLY A 1 16  ? -8.870  -1.369  11.828  1.00 7.98  ? 16  GLY A C   1 
ATOM   128  O O   . GLY A 1 16  ? -9.208  -0.523  10.992  1.00 10.45 ? 16  GLY A O   1 
ATOM   129  N N   . SER A 1 17  ? -7.602  -1.639  12.133  1.00 8.99  ? 17  SER A N   1 
ATOM   130  C CA  . SER A 1 17  ? -6.470  -0.901  11.601  1.00 7.82  ? 17  SER A CA  1 
ATOM   131  C C   . SER A 1 17  ? -5.400  -1.890  11.171  1.00 8.92  ? 17  SER A C   1 
ATOM   132  O O   . SER A 1 17  ? -5.390  -3.045  11.607  1.00 10.27 ? 17  SER A O   1 
ATOM   133  C CB  . SER A 1 17  ? -5.900  0.066   12.642  1.00 8.50  ? 17  SER A CB  1 
ATOM   134  O OG  . SER A 1 17  ? -5.508  -0.645  13.811  1.00 11.80 ? 17  SER A OG  1 
ATOM   135  N N   . LEU A 1 18  ? -4.487  -1.421  10.313  1.00 8.17  ? 18  LEU A N   1 
ATOM   136  C CA  . LEU A 1 18  ? -3.385  -2.234  9.819   1.00 8.74  ? 18  LEU A CA  1 
ATOM   137  C C   . LEU A 1 18  ? -2.315  -1.332  9.227   1.00 9.42  ? 18  LEU A C   1 
ATOM   138  O O   . LEU A 1 18  ? -2.636  -0.355  8.548   1.00 9.86  ? 18  LEU A O   1 
ATOM   139  C CB  . LEU A 1 18  ? -3.878  -3.232  8.754   1.00 9.63  ? 18  LEU A CB  1 
ATOM   140  C CG  . LEU A 1 18  ? -2.780  -4.059  8.072   1.00 9.69  ? 18  LEU A CG  1 
ATOM   141  C CD1 . LEU A 1 18  ? -2.119  -5.019  9.041   1.00 14.26 ? 18  LEU A CD1 1 
ATOM   142  C CD2 . LEU A 1 18  ? -3.345  -4.829  6.904   1.00 18.67 ? 18  LEU A CD2 1 
ATOM   143  N N   . ARG A 1 19  ? -1.048  -1.672  9.471   1.00 7.63  ? 19  ARG A N   1 
ATOM   144  C CA  . ARG A 1 19  ? 0.073   -0.904  8.936   1.00 8.75  ? 19  ARG A CA  1 
ATOM   145  C C   . ARG A 1 19  ? 0.829   -1.748  7.921   1.00 11.24 ? 19  ARG A C   1 
ATOM   146  O O   . ARG A 1 19  ? 1.270   -2.857  8.243   1.00 10.37 ? 19  ARG A O   1 
ATOM   147  C CB  . ARG A 1 19  ? 1.006   -0.457  10.056  1.00 9.30  ? 19  ARG A CB  1 
ATOM   148  C CG  . ARG A 1 19  ? 2.155   0.452   9.605   1.00 8.04  ? 19  ARG A CG  1 
ATOM   149  C CD  . ARG A 1 19  ? 2.830   1.032   10.829  1.00 7.55  ? 19  ARG A CD  1 
ATOM   150  N NE  . ARG A 1 19  ? 3.948   1.933   10.553  1.00 10.17 ? 19  ARG A NE  1 
ATOM   151  C CZ  . ARG A 1 19  ? 3.823   3.235   10.321  1.00 9.73  ? 19  ARG A CZ  1 
ATOM   152  N NH1 . ARG A 1 19  ? 2.624   3.785   10.270  1.00 9.83  ? 19  ARG A NH1 1 
ATOM   153  N NH2 . ARG A 1 19  ? 4.895   3.988   10.118  1.00 10.77 ? 19  ARG A NH2 1 
ATOM   154  N N   . LEU A 1 20  ? 0.969   -1.227  6.702   1.00 19.74 ? 20  LEU A N   1 
ATOM   155  C CA  . LEU A 1 20  ? 1.816   -1.826  5.680   1.00 19.74 ? 20  LEU A CA  1 
ATOM   156  C C   . LEU A 1 20  ? 3.051   -0.963  5.476   1.00 19.74 ? 20  LEU A C   1 
ATOM   157  O O   . LEU A 1 20  ? 3.028   0.245   5.709   1.00 19.74 ? 20  LEU A O   1 
ATOM   158  C CB  . LEU A 1 20  ? 1.082   -1.969  4.343   1.00 19.74 ? 20  LEU A CB  1 
ATOM   159  C CG  . LEU A 1 20  ? -0.221  -2.765  4.291   1.00 19.74 ? 20  LEU A CG  1 
ATOM   160  C CD1 . LEU A 1 20  ? -0.694  -2.876  2.854   1.00 19.74 ? 20  LEU A CD1 1 
ATOM   161  C CD2 . LEU A 1 20  ? -0.047  -4.144  4.891   1.00 19.74 ? 20  LEU A CD2 1 
ATOM   162  N N   . SER A 1 21  ? 4.134   -1.589  5.031   1.00 9.37  ? 21  SER A N   1 
ATOM   163  C CA  . SER A 1 21  ? 5.319   -0.838  4.665   1.00 8.88  ? 21  SER A CA  1 
ATOM   164  C C   . SER A 1 21  ? 5.848   -1.367  3.346   1.00 8.29  ? 21  SER A C   1 
ATOM   165  O O   . SER A 1 21  ? 5.531   -2.481  2.928   1.00 11.60 ? 21  SER A O   1 
ATOM   166  C CB  . SER A 1 21  ? 6.418   -0.914  5.740   1.00 15.42 ? 21  SER A CB  1 
ATOM   167  O OG  . SER A 1 21  ? 6.866   -2.240  5.915   1.00 22.44 ? 21  SER A OG  1 
ATOM   168  N N   . CYS A 1 22  ? 6.623   -0.530  2.666   1.00 9.87  ? 22  CYS A N   1 
ATOM   169  C CA  . CYS A 1 22  ? 7.353   -0.978  1.495   1.00 10.74 ? 22  CYS A CA  1 
ATOM   170  C C   . CYS A 1 22  ? 8.789   -0.511  1.624   1.00 14.23 ? 22  CYS A C   1 
ATOM   171  O O   . CYS A 1 22  ? 9.041   0.682   1.834   1.00 12.75 ? 22  CYS A O   1 
ATOM   172  C CB  . CYS A 1 22  ? 6.733   -0.458  0.200   1.00 10.02 ? 22  CYS A CB  1 
ATOM   173  S SG  . CYS A 1 22  ? 7.617   -1.029  -1.292  1.00 14.58 ? 22  CYS A SG  1 
ATOM   174  N N   . ALA A 1 23  ? 9.722   -1.447  1.504   1.00 12.62 ? 23  ALA A N   1 
ATOM   175  C CA  . ALA A 1 23  ? 11.147  -1.154  1.541   1.00 14.29 ? 23  ALA A CA  1 
ATOM   176  C C   . ALA A 1 23  ? 11.713  -1.217  0.132   1.00 12.21 ? 23  ALA A C   1 
ATOM   177  O O   . ALA A 1 23  ? 11.348  -2.098  -0.652  1.00 16.43 ? 23  ALA A O   1 
ATOM   178  C CB  . ALA A 1 23  ? 11.891  -2.155  2.429   1.00 18.52 ? 23  ALA A CB  1 
ATOM   179  N N   . ALA A 1 24  ? 12.608  -0.290  -0.190  1.00 18.67 ? 24  ALA A N   1 
ATOM   180  C CA  . ALA A 1 24  ? 13.209  -0.225  -1.514  1.00 12.28 ? 24  ALA A CA  1 
ATOM   181  C C   . ALA A 1 24  ? 14.715  -0.371  -1.403  1.00 14.88 ? 24  ALA A C   1 
ATOM   182  O O   . ALA A 1 24  ? 15.345  0.245   -0.544  1.00 15.80 ? 24  ALA A O   1 
ATOM   183  C CB  . ALA A 1 24  ? 12.864  1.086   -2.217  1.00 15.17 ? 24  ALA A CB  1 
ATOM   184  N N   A SER A 1 25  ? 15.278  -1.212  -2.254  0.57 16.14 ? 25  SER A N   1 
ATOM   185  N N   B SER A 1 25  ? 15.300  -1.191  -2.272  0.43 16.14 ? 25  SER A N   1 
ATOM   186  C CA  A SER A 1 25  ? 16.715  -1.304  -2.416  0.57 15.14 ? 25  SER A CA  1 
ATOM   187  C CA  B SER A 1 25  ? 16.750  -1.304  -2.361  0.43 15.20 ? 25  SER A CA  1 
ATOM   188  C C   A SER A 1 25  ? 17.062  -0.848  -3.821  0.57 13.63 ? 25  SER A C   1 
ATOM   189  C C   B SER A 1 25  ? 17.173  -0.992  -3.786  0.43 13.83 ? 25  SER A C   1 
ATOM   190  O O   A SER A 1 25  ? 16.339  -1.143  -4.776  0.57 12.10 ? 25  SER A O   1 
ATOM   191  O O   B SER A 1 25  ? 16.628  -1.561  -4.735  0.43 16.18 ? 25  SER A O   1 
ATOM   192  C CB  A SER A 1 25  ? 17.213  -2.727  -2.164  0.57 18.67 ? 25  SER A CB  1 
ATOM   193  C CB  B SER A 1 25  ? 17.247  -2.697  -1.948  0.43 19.02 ? 25  SER A CB  1 
ATOM   194  O OG  A SER A 1 25  ? 16.838  -3.142  -0.863  0.57 24.53 ? 25  SER A OG  1 
ATOM   195  O OG  B SER A 1 25  ? 16.849  -3.690  -2.874  0.43 17.61 ? 25  SER A OG  1 
ATOM   196  N N   . GLY A 1 26  ? 18.136  -0.081  -3.933  1.00 14.34 ? 26  GLY A N   1 
ATOM   197  C CA  . GLY A 1 26  ? 18.612  0.330   -5.236  1.00 15.89 ? 26  GLY A CA  1 
ATOM   198  C C   . GLY A 1 26  ? 18.096  1.665   -5.718  1.00 14.21 ? 26  GLY A C   1 
ATOM   199  O O   . GLY A 1 26  ? 18.513  2.121   -6.788  1.00 13.89 ? 26  GLY A O   1 
ATOM   200  N N   . SER A 1 27  ? 17.196  2.303   -4.976  1.00 13.68 ? 27  SER A N   1 
ATOM   201  C CA  . SER A 1 27  ? 16.635  3.579   -5.391  1.00 15.05 ? 27  SER A CA  1 
ATOM   202  C C   . SER A 1 27  ? 16.021  4.259   -4.178  1.00 13.98 ? 27  SER A C   1 
ATOM   203  O O   . SER A 1 27  ? 15.520  3.589   -3.273  1.00 18.51 ? 27  SER A O   1 
ATOM   204  C CB  . SER A 1 27  ? 15.581  3.388   -6.487  1.00 18.13 ? 27  SER A CB  1 
ATOM   205  O OG  . SER A 1 27  ? 14.945  4.609   -6.807  1.00 18.59 ? 27  SER A OG  1 
ATOM   206  N N   . ARG A 1 28  ? 16.067  5.593   -4.173  1.00 16.26 ? 28  ARG A N   1 
ATOM   207  C CA  . ARG A 1 28  ? 15.477  6.394   -3.103  1.00 16.93 ? 28  ARG A CA  1 
ATOM   208  C C   . ARG A 1 28  ? 14.018  6.703   -3.422  1.00 14.78 ? 28  ARG A C   1 
ATOM   209  O O   . ARG A 1 28  ? 13.717  7.279   -4.475  1.00 18.53 ? 28  ARG A O   1 
ATOM   210  C CB  . ARG A 1 28  ? 16.242  7.704   -2.922  1.00 17.82 ? 28  ARG A CB  1 
ATOM   211  C CG  . ARG A 1 28  ? 17.689  7.537   -2.498  1.00 21.77 ? 28  ARG A CG  1 
ATOM   212  C CD  . ARG A 1 28  ? 18.474  8.810   -2.782  1.00 22.03 ? 28  ARG A CD  1 
ATOM   213  N NE  . ARG A 1 28  ? 18.533  9.112   -4.208  1.00 22.92 ? 28  ARG A NE  1 
ATOM   214  C CZ  . ARG A 1 28  ? 19.109  10.200  -4.716  1.00 26.79 ? 28  ARG A CZ  1 
ATOM   215  N NH1 . ARG A 1 28  ? 19.117  10.401  -6.024  1.00 21.71 ? 28  ARG A NH1 1 
ATOM   216  N NH2 . ARG A 1 28  ? 19.666  11.089  -3.910  1.00 21.61 ? 28  ARG A NH2 1 
ATOM   217  N N   . PHE A 1 29  ? 13.114  6.338   -2.506  1.00 14.15 ? 29  PHE A N   1 
ATOM   218  C CA  . PHE A 1 29  ? 11.734  6.804   -2.617  1.00 17.45 ? 29  PHE A CA  1 
ATOM   219  C C   . PHE A 1 29  ? 11.677  8.321   -2.743  1.00 15.61 ? 29  PHE A C   1 
ATOM   220  O O   . PHE A 1 29  ? 10.872  8.866   -3.505  1.00 16.81 ? 29  PHE A O   1 
ATOM   221  C CB  . PHE A 1 29  ? 10.924  6.366   -1.398  1.00 12.47 ? 29  PHE A CB  1 
ATOM   222  C CG  . PHE A 1 29  ? 10.477  4.940   -1.433  1.00 12.80 ? 29  PHE A CG  1 
ATOM   223  C CD1 . PHE A 1 29  ? 9.683   4.474   -2.473  1.00 12.45 ? 29  PHE A CD1 1 
ATOM   224  C CD2 . PHE A 1 29  ? 10.817  4.067   -0.401  1.00 13.87 ? 29  PHE A CD2 1 
ATOM   225  C CE1 . PHE A 1 29  ? 9.243   3.157   -2.484  1.00 17.65 ? 29  PHE A CE1 1 
ATOM   226  C CE2 . PHE A 1 29  ? 10.387  2.752   -0.407  1.00 13.69 ? 29  PHE A CE2 1 
ATOM   227  C CZ  . PHE A 1 29  ? 9.592   2.297   -1.455  1.00 13.08 ? 29  PHE A CZ  1 
ATOM   228  N N   . SER A 1 30  ? 12.539  9.021   -2.007  1.00 16.87 ? 30  SER A N   1 
ATOM   229  C CA  . SER A 1 30  ? 12.433  10.473  -1.948  1.00 16.30 ? 30  SER A CA  1 
ATOM   230  C C   . SER A 1 30  ? 12.803  11.158  -3.256  1.00 16.52 ? 30  SER A C   1 
ATOM   231  O O   . SER A 1 30  ? 12.532  12.349  -3.408  1.00 13.87 ? 30  SER A O   1 
ATOM   232  C CB  . SER A 1 30  ? 13.318  11.008  -0.837  1.00 14.90 ? 30  SER A CB  1 
ATOM   233  O OG  . SER A 1 30  ? 14.676  10.716  -1.124  1.00 19.93 ? 30  SER A OG  1 
ATOM   234  N N   . SER A 1 31  ? 13.424  10.450  -4.196  1.00 15.95 ? 31  SER A N   1 
ATOM   235  C CA  . SER A 1 31  ? 13.773  11.046  -5.479  1.00 12.11 ? 31  SER A CA  1 
ATOM   236  C C   . SER A 1 31  ? 12.801  10.671  -6.587  1.00 16.40 ? 31  SER A C   1 
ATOM   237  O O   . SER A 1 31  ? 12.981  11.106  -7.728  1.00 18.44 ? 31  SER A O   1 
ATOM   238  C CB  . SER A 1 31  ? 15.195  10.642  -5.888  1.00 17.82 ? 31  SER A CB  1 
ATOM   239  O OG  . SER A 1 31  ? 16.162  11.288  -5.086  1.00 23.66 ? 31  SER A OG  1 
ATOM   240  N N   . ASN A 1 32  ? 11.780  9.872   -6.286  1.00 14.40 ? 32  ASN A N   1 
ATOM   241  C CA  . ASN A 1 32  ? 10.952  9.280   -7.326  1.00 16.37 ? 32  ASN A CA  1 
ATOM   242  C C   . ASN A 1 32  ? 9.502   9.305   -6.865  1.00 17.50 ? 32  ASN A C   1 
ATOM   243  O O   . ASN A 1 32  ? 9.175   9.856   -5.809  1.00 19.45 ? 32  ASN A O   1 
ATOM   244  C CB  . ASN A 1 32  ? 11.444  7.863   -7.638  1.00 17.46 ? 32  ASN A CB  1 
ATOM   245  C CG  . ASN A 1 32  ? 12.859  7.859   -8.177  1.00 17.63 ? 32  ASN A CG  1 
ATOM   246  O OD1 . ASN A 1 32  ? 13.093  8.256   -9.313  1.00 19.05 ? 32  ASN A OD1 1 
ATOM   247  N ND2 . ASN A 1 32  ? 13.814  7.430   -7.350  1.00 17.10 ? 32  ASN A ND2 1 
ATOM   248  N N   . THR A 1 33  ? 8.629   8.707   -7.671  1.00 14.15 ? 33  THR A N   1 
ATOM   249  C CA  . THR A 1 33  ? 7.214   8.567   -7.353  1.00 11.89 ? 33  THR A CA  1 
ATOM   250  C C   . THR A 1 33  ? 6.921   7.121   -6.975  1.00 13.57 ? 33  THR A C   1 
ATOM   251  O O   . THR A 1 33  ? 7.302   6.199   -7.701  1.00 17.87 ? 33  THR A O   1 
ATOM   252  C CB  . THR A 1 33  ? 6.340   8.969   -8.537  1.00 19.51 ? 33  THR A CB  1 
ATOM   253  O OG1 . THR A 1 33  ? 6.473   10.379  -8.771  1.00 26.19 ? 33  THR A OG1 1 
ATOM   254  C CG2 . THR A 1 33  ? 4.891   8.637   -8.271  1.00 18.59 ? 33  THR A CG2 1 
ATOM   255  N N   . MET A 1 34  ? 6.240   6.925   -5.852  1.00 9.62  ? 34  MET A N   1 
ATOM   256  C CA  . MET A 1 34  ? 5.821   5.590   -5.450  1.00 10.67 ? 34  MET A CA  1 
ATOM   257  C C   . MET A 1 34  ? 4.304   5.559   -5.369  1.00 13.72 ? 34  MET A C   1 
ATOM   258  O O   . MET A 1 34  ? 3.665   6.562   -5.042  1.00 11.59 ? 34  MET A O   1 
ATOM   259  C CB  . MET A 1 34  ? 6.474   5.153   -4.131  1.00 19.69 ? 34  MET A CB  1 
ATOM   260  C CG  . MET A 1 34  ? 5.777   5.508   -2.864  1.00 18.87 ? 34  MET A CG  1 
ATOM   261  S SD  . MET A 1 34  ? 4.330   4.500   -2.447  1.00 12.73 ? 34  MET A SD  1 
ATOM   262  C CE  . MET A 1 34  ? 4.874   2.816   -2.636  1.00 19.66 ? 34  MET A CE  1 
ATOM   263  N N   . THR A 1 35  ? 3.727   4.407   -5.700  1.00 9.16  ? 35  THR A N   1 
ATOM   264  C CA  . THR A 1 35  ? 2.284   4.244   -5.677  1.00 8.81  ? 35  THR A CA  1 
ATOM   265  C C   . THR A 1 35  ? 1.936   2.909   -5.035  1.00 9.22  ? 35  THR A C   1 
ATOM   266  O O   . THR A 1 35  ? 2.577   1.892   -5.311  1.00 10.86 ? 35  THR A O   1 
ATOM   267  C CB  . THR A 1 35  ? 1.691   4.297   -7.095  1.00 7.22  ? 35  THR A CB  1 
ATOM   268  O OG1 . THR A 1 35  ? 2.127   5.505   -7.758  1.00 8.84  ? 35  THR A OG1 1 
ATOM   269  C CG2 . THR A 1 35  ? 0.173   4.259   -7.048  1.00 11.19 ? 35  THR A CG2 1 
ATOM   270  N N   . TRP A 1 36  ? 0.934   2.927   -4.162  1.00 9.29  ? 36  TRP A N   1 
ATOM   271  C CA  . TRP A 1 36  ? 0.299   1.709   -3.682  1.00 10.26 ? 36  TRP A CA  1 
ATOM   272  C C   . TRP A 1 36  ? -0.886  1.386   -4.570  1.00 8.96  ? 36  TRP A C   1 
ATOM   273  O O   . TRP A 1 36  ? -1.713  2.262   -4.847  1.00 9.41  ? 36  TRP A O   1 
ATOM   274  C CB  . TRP A 1 36  ? -0.200  1.862   -2.248  1.00 7.93  ? 36  TRP A CB  1 
ATOM   275  C CG  . TRP A 1 36  ? 0.863   1.806   -1.210  1.00 7.01  ? 36  TRP A CG  1 
ATOM   276  C CD1 . TRP A 1 36  ? 1.480   2.871   -0.613  1.00 9.91  ? 36  TRP A CD1 1 
ATOM   277  C CD2 . TRP A 1 36  ? 1.432   0.630   -0.619  1.00 10.47 ? 36  TRP A CD2 1 
ATOM   278  N NE1 . TRP A 1 36  ? 2.398   2.433   0.312   1.00 11.86 ? 36  TRP A NE1 1 
ATOM   279  C CE2 . TRP A 1 36  ? 2.385   1.062   0.329   1.00 9.72  ? 36  TRP A CE2 1 
ATOM   280  C CE3 . TRP A 1 36  ? 1.219   -0.747  -0.789  1.00 9.63  ? 36  TRP A CE3 1 
ATOM   281  C CZ2 . TRP A 1 36  ? 3.136   0.169   1.092   1.00 11.45 ? 36  TRP A CZ2 1 
ATOM   282  C CZ3 . TRP A 1 36  ? 1.969   -1.634  -0.032  1.00 11.25 ? 36  TRP A CZ3 1 
ATOM   283  C CH2 . TRP A 1 36  ? 2.910   -1.172  0.901   1.00 9.86  ? 36  TRP A CH2 1 
ATOM   284  N N   . TYR A 1 37  ? -0.960  0.129   -5.008  1.00 8.52  ? 37  TYR A N   1 
ATOM   285  C CA  . TYR A 1 37  ? -2.116  -0.413  -5.700  1.00 8.89  ? 37  TYR A CA  1 
ATOM   286  C C   . TYR A 1 37  ? -2.724  -1.523  -4.863  1.00 10.02 ? 37  TYR A C   1 
ATOM   287  O O   . TYR A 1 37  ? -2.075  -2.080  -3.981  1.00 10.25 ? 37  TYR A O   1 
ATOM   288  C CB  . TYR A 1 37  ? -1.742  -0.994  -7.064  1.00 10.19 ? 37  TYR A CB  1 
ATOM   289  C CG  . TYR A 1 37  ? -1.426  0.043   -8.102  1.00 9.06  ? 37  TYR A CG  1 
ATOM   290  C CD1 . TYR A 1 37  ? -0.162  0.596   -8.178  1.00 12.19 ? 37  TYR A CD1 1 
ATOM   291  C CD2 . TYR A 1 37  ? -2.383  0.441   -9.035  1.00 11.97 ? 37  TYR A CD2 1 
ATOM   292  C CE1 . TYR A 1 37  ? 0.142   1.545   -9.149  1.00 9.09  ? 37  TYR A CE1 1 
ATOM   293  C CE2 . TYR A 1 37  ? -2.093  1.401   -9.991  1.00 15.00 ? 37  TYR A CE2 1 
ATOM   294  C CZ  . TYR A 1 37  ? -0.823  1.939   -10.042 1.00 12.64 ? 37  TYR A CZ  1 
ATOM   295  O OH  . TYR A 1 37  ? -0.511  2.889   -10.985 1.00 17.32 ? 37  TYR A OH  1 
ATOM   296  N N   . ARG A 1 38  ? -3.970  -1.862  -5.168  1.00 8.94  ? 38  ARG A N   1 
ATOM   297  C CA  . ARG A 1 38  ? -4.555  -3.067  -4.594  1.00 5.93  ? 38  ARG A CA  1 
ATOM   298  C C   . ARG A 1 38  ? -5.349  -3.780  -5.675  1.00 8.79  ? 38  ARG A C   1 
ATOM   299  O O   . ARG A 1 38  ? -5.793  -3.175  -6.653  1.00 11.67 ? 38  ARG A O   1 
ATOM   300  C CB  . ARG A 1 38  ? -5.441  -2.770  -3.367  1.00 7.68  ? 38  ARG A CB  1 
ATOM   301  C CG  . ARG A 1 38  ? -6.719  -2.037  -3.645  1.00 8.71  ? 38  ARG A CG  1 
ATOM   302  C CD  . ARG A 1 38  ? -7.401  -1.663  -2.356  1.00 11.36 ? 38  ARG A CD  1 
ATOM   303  N NE  . ARG A 1 38  ? -8.653  -0.968  -2.598  1.00 13.39 ? 38  ARG A NE  1 
ATOM   304  C CZ  . ARG A 1 38  ? -9.405  -0.469  -1.631  1.00 12.07 ? 38  ARG A CZ  1 
ATOM   305  N NH1 . ARG A 1 38  ? -8.996  -0.566  -0.373  1.00 12.84 ? 38  ARG A NH1 1 
ATOM   306  N NH2 . ARG A 1 38  ? -10.545 0.136   -1.927  1.00 12.31 ? 38  ARG A NH2 1 
ATOM   307  N N   . GLN A 1 39  ? -5.517  -5.085  -5.487  1.00 11.34 ? 39  GLN A N   1 
ATOM   308  C CA  . GLN A 1 39  ? -6.215  -5.905  -6.469  1.00 11.14 ? 39  GLN A CA  1 
ATOM   309  C C   . GLN A 1 39  ? -7.067  -6.933  -5.748  1.00 7.23  ? 39  GLN A C   1 
ATOM   310  O O   . GLN A 1 39  ? -6.546  -7.748  -4.973  1.00 10.80 ? 39  GLN A O   1 
ATOM   311  C CB  . GLN A 1 39  ? -5.229  -6.600  -7.399  1.00 9.76  ? 39  GLN A CB  1 
ATOM   312  C CG  . GLN A 1 39  ? -5.916  -7.439  -8.455  1.00 12.31 ? 39  GLN A CG  1 
ATOM   313  C CD  . GLN A 1 39  ? -4.965  -7.784  -9.581  1.00 15.42 ? 39  GLN A CD  1 
ATOM   314  O OE1 . GLN A 1 39  ? -3.857  -8.246  -9.332  1.00 19.32 ? 39  GLN A OE1 1 
ATOM   315  N NE2 . GLN A 1 39  ? -5.385  -7.543  -10.820 1.00 14.89 ? 39  GLN A NE2 1 
ATOM   316  N N   . ALA A 1 40  ? -8.359  -6.894  -6.018  1.00 10.06 ? 40  ALA A N   1 
ATOM   317  C CA  . ALA A 1 40  ? -9.272  -7.949  -5.610  1.00 13.24 ? 40  ALA A CA  1 
ATOM   318  C C   . ALA A 1 40  ? -9.304  -9.020  -6.691  1.00 10.27 ? 40  ALA A C   1 
ATOM   319  O O   . ALA A 1 40  ? -9.172  -8.702  -7.877  1.00 14.55 ? 40  ALA A O   1 
ATOM   320  C CB  . ALA A 1 40  ? -10.679 -7.388  -5.404  1.00 12.41 ? 40  ALA A CB  1 
ATOM   321  N N   . PRO A 1 41  ? -9.471  -10.289 -6.315  1.00 9.71  ? 41  PRO A N   1 
ATOM   322  C CA  . PRO A 1 41  ? -9.457  -11.366 -7.316  1.00 10.69 ? 41  PRO A CA  1 
ATOM   323  C C   . PRO A 1 41  ? -10.407 -11.085 -8.471  1.00 11.85 ? 41  PRO A C   1 
ATOM   324  O O   . PRO A 1 41  ? -11.577 -10.739 -8.271  1.00 13.79 ? 41  PRO A O   1 
ATOM   325  C CB  . PRO A 1 41  ? -9.889  -12.597 -6.509  1.00 12.67 ? 41  PRO A CB  1 
ATOM   326  C CG  . PRO A 1 41  ? -9.336  -12.310 -5.128  1.00 10.83 ? 41  PRO A CG  1 
ATOM   327  C CD  . PRO A 1 41  ? -9.563  -10.817 -4.938  1.00 15.30 ? 41  PRO A CD  1 
ATOM   328  N N   . GLY A 1 42  ? -9.885  -11.203 -9.691  1.00 11.02 ? 42  GLY A N   1 
ATOM   329  C CA  . GLY A 1 42  ? -10.678 -11.017 -10.882 1.00 12.81 ? 42  GLY A CA  1 
ATOM   330  C C   . GLY A 1 42  ? -10.807 -9.587  -11.362 1.00 11.68 ? 42  GLY A C   1 
ATOM   331  O O   . GLY A 1 42  ? -11.350 -9.365  -12.453 1.00 12.82 ? 42  GLY A O   1 
ATOM   332  N N   . LYS A 1 43  ? -10.327 -8.611  -10.593 1.00 10.65 ? 43  LYS A N   1 
ATOM   333  C CA  . LYS A 1 43  ? -10.487 -7.202  -10.919 1.00 10.36 ? 43  LYS A CA  1 
ATOM   334  C C   . LYS A 1 43  ? -9.155  -6.580  -11.318 1.00 8.81  ? 43  LYS A C   1 
ATOM   335  O O   . LYS A 1 43  ? -8.084  -7.049  -10.910 1.00 9.98  ? 43  LYS A O   1 
ATOM   336  C CB  . LYS A 1 43  ? -11.071 -6.436  -9.723  1.00 9.22  ? 43  LYS A CB  1 
ATOM   337  C CG  . LYS A 1 43  ? -12.340 -7.058  -9.166  1.00 17.24 ? 43  LYS A CG  1 
ATOM   338  C CD  . LYS A 1 43  ? -13.452 -7.141  -10.210 1.00 25.90 ? 43  LYS A CD  1 
ATOM   339  C CE  . LYS A 1 43  ? -14.701 -7.837  -9.657  1.00 34.24 ? 43  LYS A CE  1 
ATOM   340  N NZ  . LYS A 1 43  ? -14.570 -9.327  -9.656  1.00 42.01 ? 43  LYS A NZ  1 
ATOM   341  N N   . GLN A 1 44  ? -9.247  -5.510  -12.117 1.00 9.57  ? 44  GLN A N   1 
ATOM   342  C CA  . GLN A 1 44  ? -8.092  -4.703  -12.484 1.00 9.89  ? 44  GLN A CA  1 
ATOM   343  C C   . GLN A 1 44  ? -7.508  -4.042  -11.242 1.00 10.98 ? 44  GLN A C   1 
ATOM   344  O O   . GLN A 1 44  ? -8.233  -3.686  -10.304 1.00 10.17 ? 44  GLN A O   1 
ATOM   345  C CB  . GLN A 1 44  ? -8.501  -3.637  -13.511 1.00 10.09 ? 44  GLN A CB  1 
ATOM   346  C CG  . GLN A 1 44  ? -7.370  -2.770  -14.038 1.00 12.08 ? 44  GLN A CG  1 
ATOM   347  C CD  . GLN A 1 44  ? -7.793  -1.920  -15.242 1.00 12.12 ? 44  GLN A CD  1 
ATOM   348  O OE1 . GLN A 1 44  ? -8.980  -1.729  -15.504 1.00 11.25 ? 44  GLN A OE1 1 
ATOM   349  N NE2 . GLN A 1 44  ? -6.816  -1.417  -15.977 1.00 16.28 ? 44  GLN A NE2 1 
ATOM   350  N N   . ARG A 1 45  ? -6.182  -3.890  -11.236 1.00 11.18 ? 45  ARG A N   1 
ATOM   351  C CA  . ARG A 1 45  ? -5.523  -3.210  -10.127 1.00 9.86  ? 45  ARG A CA  1 
ATOM   352  C C   . ARG A 1 45  ? -6.074  -1.800  -9.977  1.00 14.06 ? 45  ARG A C   1 
ATOM   353  O O   . ARG A 1 45  ? -6.360  -1.125  -10.969 1.00 12.64 ? 45  ARG A O   1 
ATOM   354  C CB  . ARG A 1 45  ? -4.007  -3.179  -10.343 1.00 13.39 ? 45  ARG A CB  1 
ATOM   355  C CG  . ARG A 1 45  ? -3.367  -4.465  -9.838  1.00 24.26 ? 45  ARG A CG  1 
ATOM   356  C CD  . ARG A 1 45  ? -1.840  -4.519  -9.919  1.00 24.87 ? 45  ARG A CD  1 
ATOM   357  N NE  . ARG A 1 45  ? -1.422  -5.919  -10.012 1.00 28.55 ? 45  ARG A NE  1 
ATOM   358  C CZ  . ARG A 1 45  ? -0.165  -6.346  -9.940  1.00 33.01 ? 45  ARG A CZ  1 
ATOM   359  N NH1 . ARG A 1 45  ? 0.824   -5.484  -9.773  1.00 31.75 ? 45  ARG A NH1 1 
ATOM   360  N NH2 . ARG A 1 45  ? 0.102   -7.644  -10.031 1.00 28.38 ? 45  ARG A NH2 1 
ATOM   361  N N   A GLU A 1 46  ? -6.242  -1.355  -8.735  0.53 7.85  ? 46  GLU A N   1 
ATOM   362  N N   B GLU A 1 46  ? -6.263  -1.396  -8.718  0.47 7.74  ? 46  GLU A N   1 
ATOM   363  C CA  A GLU A 1 46  ? -6.754  -0.017  -8.450  0.53 10.90 ? 46  GLU A CA  1 
ATOM   364  C CA  B GLU A 1 46  ? -6.731  -0.074  -8.313  0.47 10.45 ? 46  GLU A CA  1 
ATOM   365  C C   A GLU A 1 46  ? -5.743  0.743   -7.607  0.53 8.88  ? 46  GLU A C   1 
ATOM   366  C C   B GLU A 1 46  ? -5.579  0.684   -7.675  0.47 9.04  ? 46  GLU A C   1 
ATOM   367  O O   A GLU A 1 46  ? -5.312  0.251   -6.561  0.53 10.07 ? 46  GLU A O   1 
ATOM   368  O O   B GLU A 1 46  ? -4.876  0.136   -6.826  0.47 12.36 ? 46  GLU A O   1 
ATOM   369  C CB  A GLU A 1 46  ? -8.086  -0.057  -7.699  0.53 15.59 ? 46  GLU A CB  1 
ATOM   370  C CB  B GLU A 1 46  ? -7.847  -0.169  -7.263  0.47 15.14 ? 46  GLU A CB  1 
ATOM   371  C CG  A GLU A 1 46  ? -8.995  -1.220  -7.993  0.53 20.23 ? 46  GLU A CG  1 
ATOM   372  C CG  B GLU A 1 46  ? -9.113  -0.883  -7.638  0.47 19.68 ? 46  GLU A CG  1 
ATOM   373  C CD  A GLU A 1 46  ? -10.001 -1.406  -6.875  0.53 16.04 ? 46  GLU A CD  1 
ATOM   374  C CD  B GLU A 1 46  ? -10.173 -0.746  -6.555  0.47 21.56 ? 46  GLU A CD  1 
ATOM   375  O OE1 A GLU A 1 46  ? -10.445 -0.385  -6.300  0.53 25.28 ? 46  GLU A OE1 1 
ATOM   376  O OE1 B GLU A 1 46  ? -9.825  -0.394  -5.401  0.47 14.34 ? 46  GLU A OE1 1 
ATOM   377  O OE2 A GLU A 1 46  ? -10.322 -2.562  -6.545  0.53 20.09 ? 46  GLU A OE2 1 
ATOM   378  O OE2 B GLU A 1 46  ? -11.361 -0.967  -6.862  0.47 20.39 ? 46  GLU A OE2 1 
ATOM   379  N N   . TRP A 1 47  ? -5.395  1.953   -8.035  1.00 9.66  ? 47  TRP A N   1 
ATOM   380  C CA  . TRP A 1 47  ? -4.458  2.737   -7.243  1.00 7.72  ? 47  TRP A CA  1 
ATOM   381  C C   . TRP A 1 47  ? -5.126  3.147   -5.934  1.00 10.16 ? 47  TRP A C   1 
ATOM   382  O O   . TRP A 1 47  ? -6.345  3.301   -5.843  1.00 10.59 ? 47  TRP A O   1 
ATOM   383  C CB  . TRP A 1 47  ? -3.934  3.966   -7.996  1.00 9.62  ? 47  TRP A CB  1 
ATOM   384  C CG  . TRP A 1 47  ? -4.828  5.168   -7.967  1.00 8.06  ? 47  TRP A CG  1 
ATOM   385  C CD1 . TRP A 1 47  ? -5.924  5.376   -8.755  1.00 10.98 ? 47  TRP A CD1 1 
ATOM   386  C CD2 . TRP A 1 47  ? -4.690  6.341   -7.151  1.00 9.15  ? 47  TRP A CD2 1 
ATOM   387  N NE1 . TRP A 1 47  ? -6.493  6.590   -8.467  1.00 9.53  ? 47  TRP A NE1 1 
ATOM   388  C CE2 . TRP A 1 47  ? -5.754  7.211   -7.495  1.00 7.82  ? 47  TRP A CE2 1 
ATOM   389  C CE3 . TRP A 1 47  ? -3.769  6.753   -6.189  1.00 11.49 ? 47  TRP A CE3 1 
ATOM   390  C CZ2 . TRP A 1 47  ? -5.934  8.450   -6.890  1.00 7.34  ? 47  TRP A CZ2 1 
ATOM   391  C CZ3 . TRP A 1 47  ? -3.949  7.998   -5.585  1.00 10.20 ? 47  TRP A CZ3 1 
ATOM   392  C CH2 . TRP A 1 47  ? -5.018  8.833   -5.952  1.00 11.17 ? 47  TRP A CH2 1 
ATOM   393  N N   . VAL A 1 48  ? -4.293  3.268   -4.906  1.00 8.55  ? 48  VAL A N   1 
ATOM   394  C CA  . VAL A 1 48  ? -4.713  3.533   -3.535  1.00 7.49  ? 48  VAL A CA  1 
ATOM   395  C C   . VAL A 1 48  ? -4.173  4.866   -3.043  1.00 10.31 ? 48  VAL A C   1 
ATOM   396  O O   . VAL A 1 48  ? -4.936  5.733   -2.595  1.00 9.52  ? 48  VAL A O   1 
ATOM   397  C CB  . VAL A 1 48  ? -4.274  2.388   -2.594  1.00 10.59 ? 48  VAL A CB  1 
ATOM   398  C CG1 . VAL A 1 48  ? -4.596  2.732   -1.140  1.00 11.66 ? 48  VAL A CG1 1 
ATOM   399  C CG2 . VAL A 1 48  ? -4.914  1.072   -3.075  1.00 14.83 ? 48  VAL A CG2 1 
ATOM   400  N N   . ALA A 1 49  ? -2.858  5.049   -3.110  1.00 10.36 ? 49  ALA A N   1 
ATOM   401  C CA  . ALA A 1 49  ? -2.228  6.291   -2.687  1.00 8.44  ? 49  ALA A CA  1 
ATOM   402  C C   . ALA A 1 49  ? -0.919  6.415   -3.445  1.00 10.71 ? 49  ALA A C   1 
ATOM   403  O O   . ALA A 1 49  ? -0.322  5.412   -3.837  1.00 10.04 ? 49  ALA A O   1 
ATOM   404  C CB  . ALA A 1 49  ? -1.979  6.321   -1.164  1.00 8.26  ? 49  ALA A CB  1 
ATOM   405  N N   . THR A 1 50  ? -0.473  7.648   -3.651  1.00 9.48  ? 50  THR A N   1 
ATOM   406  C CA  . THR A 1 50  ? 0.766   7.878   -4.374  1.00 6.84  ? 50  THR A CA  1 
ATOM   407  C C   . THR A 1 50  ? 1.473   9.075   -3.762  1.00 9.43  ? 50  THR A C   1 
ATOM   408  O O   . THR A 1 50  ? 0.835   9.972   -3.212  1.00 9.20  ? 50  THR A O   1 
ATOM   409  C CB  . THR A 1 50  ? 0.482   8.080   -5.875  1.00 8.47  ? 50  THR A CB  1 
ATOM   410  O OG1 . THR A 1 50  ? 1.711   8.301   -6.584  1.00 9.68  ? 50  THR A OG1 1 
ATOM   411  C CG2 . THR A 1 50  ? -0.453  9.263   -6.063  1.00 10.29 ? 50  THR A CG2 1 
ATOM   412  N N   . MET A 1 51  ? 2.799   9.078   -3.852  1.00 9.37  ? 51  MET A N   1 
ATOM   413  C CA  . MET A 1 51  ? 3.607   10.176  -3.318  1.00 7.38  ? 51  MET A CA  1 
ATOM   414  C C   . MET A 1 51  ? 4.737   10.484  -4.281  1.00 9.77  ? 51  MET A C   1 
ATOM   415  O O   . MET A 1 51  ? 5.523   9.591   -4.596  1.00 9.90  ? 51  MET A O   1 
ATOM   416  C CB  . MET A 1 51  ? 4.184   9.841   -1.937  1.00 10.53 ? 51  MET A CB  1 
ATOM   417  C CG  . MET A 1 51  ? 4.973   11.018  -1.327  1.00 10.45 ? 51  MET A CG  1 
ATOM   418  S SD  . MET A 1 51  ? 5.846   10.591  0.190   1.00 11.91 ? 51  MET A SD  1 
ATOM   419  C CE  . MET A 1 51  ? 4.446   10.262  1.247   1.00 9.71  ? 51  MET A CE  1 
ATOM   420  N N   . ARG A 1 52  ? 4.842   11.752  -4.696  1.00 10.30 ? 52  ARG A N   1 
ATOM   421  C CA  . ARG A 1 52  ? 5.898   12.237  -5.580  1.00 9.87  ? 52  ARG A CA  1 
ATOM   422  C C   . ARG A 1 52  ? 7.164   12.530  -4.787  1.00 8.81  ? 52  ARG A C   1 
ATOM   423  O O   . ARG A 1 52  ? 7.159   12.576  -3.554  1.00 10.57 ? 52  ARG A O   1 
ATOM   424  C CB  . ARG A 1 52  ? 5.472   13.518  -6.306  1.00 15.46 ? 52  ARG A CB  1 
ATOM   425  C CG  . ARG A 1 52  ? 4.167   13.444  -7.045  1.00 18.79 ? 52  ARG A CG  1 
ATOM   426  C CD  . ARG A 1 52  ? 3.950   14.751  -7.795  1.00 17.13 ? 52  ARG A CD  1 
ATOM   427  N NE  . ARG A 1 52  ? 5.100   15.052  -8.638  1.00 15.55 ? 52  ARG A NE  1 
ATOM   428  C CZ  . ARG A 1 52  ? 5.478   16.273  -9.005  1.00 23.63 ? 52  ARG A CZ  1 
ATOM   429  N NH1 . ARG A 1 52  ? 4.795   17.329  -8.609  1.00 20.36 ? 52  ARG A NH1 1 
ATOM   430  N NH2 . ARG A 1 52  ? 6.549   16.436  -9.773  1.00 21.62 ? 52  ARG A NH2 1 
ATOM   431  N N   . SER A 1 53  ? 8.255   12.763  -5.524  1.00 9.95  ? 53  SER A N   1 
ATOM   432  C CA  . SER A 1 53  ? 9.527   13.107  -4.902  1.00 13.87 ? 53  SER A CA  1 
ATOM   433  C C   . SER A 1 53  ? 9.386   14.273  -3.933  1.00 13.37 ? 53  SER A C   1 
ATOM   434  O O   . SER A 1 53  ? 9.920   14.234  -2.819  1.00 12.87 ? 53  SER A O   1 
ATOM   435  C CB  . SER A 1 53  ? 10.554  13.442  -5.984  1.00 15.87 ? 53  SER A CB  1 
ATOM   436  O OG  . SER A 1 53  ? 10.098  14.517  -6.795  1.00 18.45 ? 53  SER A OG  1 
ATOM   437  N N   . ILE A 1 54  ? 8.666   15.324  -4.337  1.00 10.48 ? 54  ILE A N   1 
ATOM   438  C CA  . ILE A 1 54  ? 8.538   16.495  -3.471  1.00 11.90 ? 54  ILE A CA  1 
ATOM   439  C C   . ILE A 1 54  ? 7.536   16.283  -2.351  1.00 11.96 ? 54  ILE A C   1 
ATOM   440  O O   . ILE A 1 54  ? 7.252   17.221  -1.598  1.00 12.06 ? 54  ILE A O   1 
ATOM   441  C CB  . ILE A 1 54  ? 8.135   17.742  -4.276  1.00 13.66 ? 54  ILE A CB  1 
ATOM   442  C CG1 . ILE A 1 54  ? 6.788   17.507  -4.954  1.00 12.38 ? 54  ILE A CG1 1 
ATOM   443  C CG2 . ILE A 1 54  ? 9.235   18.095  -5.270  1.00 17.27 ? 54  ILE A CG2 1 
ATOM   444  C CD1 . ILE A 1 54  ? 6.127   18.771  -5.434  1.00 14.76 ? 54  ILE A CD1 1 
ATOM   445  N N   . GLY A 1 55  ? 6.996   15.083  -2.204  1.00 10.09 ? 55  GLY A N   1 
ATOM   446  C CA  . GLY A 1 55  ? 6.185   14.754  -1.052  1.00 11.89 ? 55  GLY A CA  1 
ATOM   447  C C   . GLY A 1 55  ? 4.689   14.846  -1.268  1.00 5.41  ? 55  GLY A C   1 
ATOM   448  O O   . GLY A 1 55  ? 3.932   14.401  -0.392  1.00 8.87  ? 55  GLY A O   1 
ATOM   449  N N   . THR A 1 56  ? 4.237   15.403  -2.391  1.00 7.15  ? 56  THR A N   1 
ATOM   450  C CA  . THR A 1 56  ? 2.805   15.530  -2.594  1.00 6.25  ? 56  THR A CA  1 
ATOM   451  C C   . THR A 1 56  ? 2.181   14.149  -2.622  1.00 8.13  ? 56  THR A C   1 
ATOM   452  O O   . THR A 1 56  ? 2.597   13.283  -3.399  1.00 9.46  ? 56  THR A O   1 
ATOM   453  C CB  . THR A 1 56  ? 2.504   16.284  -3.887  1.00 10.61 ? 56  THR A CB  1 
ATOM   454  O OG1 . THR A 1 56  ? 3.130   17.570  -3.818  1.00 11.60 ? 56  THR A OG1 1 
ATOM   455  C CG2 . THR A 1 56  ? 0.996   16.454  -4.061  1.00 8.62  ? 56  THR A CG2 1 
ATOM   456  N N   . THR A 1 57  ? 1.175   13.956  -1.782  1.00 8.17  ? 57  THR A N   1 
ATOM   457  C CA  . THR A 1 57  ? 0.556   12.669  -1.548  1.00 6.21  ? 57  THR A CA  1 
ATOM   458  C C   . THR A 1 57  ? -0.896  12.758  -1.966  1.00 8.20  ? 57  THR A C   1 
ATOM   459  O O   . THR A 1 57  ? -1.617  13.669  -1.535  1.00 7.76  ? 57  THR A O   1 
ATOM   460  C CB  . THR A 1 57  ? 0.673   12.300  -0.072  1.00 6.46  ? 57  THR A CB  1 
ATOM   461  O OG1 . THR A 1 57  ? 2.052   12.392  0.306   1.00 7.97  ? 57  THR A OG1 1 
ATOM   462  C CG2 . THR A 1 57  ? 0.126   10.894  0.184   1.00 7.56  ? 57  THR A CG2 1 
ATOM   463  N N   . ARG A 1 58  ? -1.330  11.807  -2.783  1.00 8.59  ? 58  ARG A N   1 
ATOM   464  C CA  . ARG A 1 58  ? -2.691  11.780  -3.287  1.00 7.81  ? 58  ARG A CA  1 
ATOM   465  C C   . ARG A 1 58  ? -3.336  10.464  -2.896  1.00 7.54  ? 58  ARG A C   1 
ATOM   466  O O   . ARG A 1 58  ? -2.645  9.456   -2.717  1.00 8.32  ? 58  ARG A O   1 
ATOM   467  C CB  . ARG A 1 58  ? -2.698  11.969  -4.802  1.00 6.86  ? 58  ARG A CB  1 
ATOM   468  C CG  . ARG A 1 58  ? -2.300  13.405  -5.182  1.00 6.95  ? 58  ARG A CG  1 
ATOM   469  C CD  . ARG A 1 58  ? -2.009  13.564  -6.671  1.00 6.52  ? 58  ARG A CD  1 
ATOM   470  N NE  . ARG A 1 58  ? -1.985  14.977  -7.055  1.00 8.26  ? 58  ARG A NE  1 
ATOM   471  C CZ  . ARG A 1 58  ? -0.882  15.685  -7.283  1.00 8.00  ? 58  ARG A CZ  1 
ATOM   472  N NH1 . ARG A 1 58  ? 0.318   15.127  -7.168  1.00 9.06  ? 58  ARG A NH1 1 
ATOM   473  N NH2 . ARG A 1 58  ? -0.987  16.963  -7.623  1.00 9.51  ? 58  ARG A NH2 1 
ATOM   474  N N   . TYR A 1 59  ? -4.670  10.476  -2.773  1.00 8.34  ? 59  TYR A N   1 
ATOM   475  C CA  . TYR A 1 59  ? -5.429  9.319   -2.311  1.00 6.33  ? 59  TYR A CA  1 
ATOM   476  C C   . TYR A 1 59  ? -6.627  9.047   -3.198  1.00 6.83  ? 59  TYR A C   1 
ATOM   477  O O   . TYR A 1 59  ? -7.326  9.977   -3.620  1.00 9.61  ? 59  TYR A O   1 
ATOM   478  C CB  . TYR A 1 59  ? -5.947  9.525   -0.890  1.00 7.01  ? 59  TYR A CB  1 
ATOM   479  C CG  . TYR A 1 59  ? -4.855  9.716   0.130   1.00 6.55  ? 59  TYR A CG  1 
ATOM   480  C CD1 . TYR A 1 59  ? -4.281  8.615   0.773   1.00 10.20 ? 59  TYR A CD1 1 
ATOM   481  C CD2 . TYR A 1 59  ? -4.396  10.989  0.465   1.00 7.94  ? 59  TYR A CD2 1 
ATOM   482  C CE1 . TYR A 1 59  ? -3.294  8.769   1.712   1.00 8.25  ? 59  TYR A CE1 1 
ATOM   483  C CE2 . TYR A 1 59  ? -3.385  11.150  1.422   1.00 6.69  ? 59  TYR A CE2 1 
ATOM   484  C CZ  . TYR A 1 59  ? -2.850  10.034  2.043   1.00 7.64  ? 59  TYR A CZ  1 
ATOM   485  O OH  . TYR A 1 59  ? -1.874  10.184  3.004   1.00 7.44  ? 59  TYR A OH  1 
ATOM   486  N N   . ALA A 1 60  ? -6.882  7.762   -3.437  1.00 7.99  ? 60  ALA A N   1 
ATOM   487  C CA  . ALA A 1 60  ? -8.074  7.381   -4.170  1.00 8.20  ? 60  ALA A CA  1 
ATOM   488  C C   . ALA A 1 60  ? -9.323  7.712   -3.367  1.00 10.38 ? 60  ALA A C   1 
ATOM   489  O O   . ALA A 1 60  ? -9.312  7.704   -2.137  1.00 11.27 ? 60  ALA A O   1 
ATOM   490  C CB  . ALA A 1 60  ? -8.029  5.883   -4.497  1.00 9.14  ? 60  ALA A CB  1 
ATOM   491  N N   . SER A 1 61  ? -10.414 8.034   -4.081  1.00 9.90  ? 61  SER A N   1 
ATOM   492  C CA  . SER A 1 61  ? -11.630 8.428   -3.374  1.00 9.51  ? 61  SER A CA  1 
ATOM   493  C C   . SER A 1 61  ? -12.118 7.346   -2.406  1.00 10.83 ? 61  SER A C   1 
ATOM   494  O O   . SER A 1 61  ? -12.797 7.667   -1.421  1.00 15.15 ? 61  SER A O   1 
ATOM   495  C CB  . SER A 1 61  ? -12.733 8.772   -4.375  1.00 11.01 ? 61  SER A CB  1 
ATOM   496  O OG  . SER A 1 61  ? -13.117 7.639   -5.139  1.00 12.33 ? 61  SER A OG  1 
ATOM   497  N N   . SER A 1 62  ? -11.759 6.081   -2.649  1.00 13.51 ? 62  SER A N   1 
ATOM   498  C CA  . SER A 1 62  ? -12.190 4.965   -1.810  1.00 17.38 ? 62  SER A CA  1 
ATOM   499  C C   . SER A 1 62  ? -11.538 4.936   -0.425  1.00 13.89 ? 62  SER A C   1 
ATOM   500  O O   . SER A 1 62  ? -12.078 4.283   0.479   1.00 15.09 ? 62  SER A O   1 
ATOM   501  C CB  . SER A 1 62  ? -11.880 3.654   -2.534  1.00 16.14 ? 62  SER A CB  1 
ATOM   502  O OG  . SER A 1 62  ? -10.559 3.701   -3.057  1.00 18.73 ? 62  SER A OG  1 
ATOM   503  N N   . VAL A 1 63  ? -10.393 5.598   -0.231  1.00 12.72 ? 63  VAL A N   1 
ATOM   504  C CA  . VAL A 1 63  ? -9.627  5.428   1.002   1.00 10.99 ? 63  VAL A CA  1 
ATOM   505  C C   . VAL A 1 63  ? -9.294  6.770   1.636   1.00 9.74  ? 63  VAL A C   1 
ATOM   506  O O   . VAL A 1 63  ? -8.723  6.823   2.737   1.00 10.16 ? 63  VAL A O   1 
ATOM   507  C CB  . VAL A 1 63  ? -8.339  4.620   0.751   1.00 7.23  ? 63  VAL A CB  1 
ATOM   508  C CG1 . VAL A 1 63  ? -8.674  3.263   0.124   1.00 12.56 ? 63  VAL A CG1 1 
ATOM   509  C CG2 . VAL A 1 63  ? -7.359  5.399   -0.133  1.00 8.69  ? 63  VAL A CG2 1 
ATOM   510  N N   . GLU A 1 64  ? -9.623  7.853   0.935   1.00 14.69 ? 64  GLU A N   1 
ATOM   511  C CA  . GLU A 1 64  ? -9.421  9.197   1.457   1.00 11.07 ? 64  GLU A CA  1 
ATOM   512  C C   . GLU A 1 64  ? -10.048 9.322   2.839   1.00 9.54  ? 64  GLU A C   1 
ATOM   513  O O   . GLU A 1 64  ? -11.184 8.896   3.052   1.00 13.25 ? 64  GLU A O   1 
ATOM   514  C CB  . GLU A 1 64  ? -10.042 10.206  0.479   1.00 20.12 ? 64  GLU A CB  1 
ATOM   515  C CG  . GLU A 1 64  ? -10.213 11.614  1.006   1.00 22.93 ? 64  GLU A CG  1 
ATOM   516  C CD  . GLU A 1 64  ? -11.518 11.816  1.769   1.00 16.02 ? 64  GLU A CD  1 
ATOM   517  O OE1 . GLU A 1 64  ? -12.616 11.447  1.271   1.00 26.35 ? 64  GLU A OE1 1 
ATOM   518  O OE2 . GLU A 1 64  ? -11.442 12.333  2.884   1.00 20.91 ? 64  GLU A OE2 1 
ATOM   519  N N   . GLY A 1 65  ? -9.294  9.893   3.778   1.00 11.29 ? 65  GLY A N   1 
ATOM   520  C CA  . GLY A 1 65  ? -9.770  10.118  5.128   1.00 11.47 ? 65  GLY A CA  1 
ATOM   521  C C   . GLY A 1 65  ? -9.628  8.937   6.061   1.00 9.01  ? 65  GLY A C   1 
ATOM   522  O O   . GLY A 1 65  ? -9.962  9.063   7.249   1.00 10.28 ? 65  GLY A O   1 
ATOM   523  N N   . ARG A 1 66  ? -9.164  7.800   5.564   1.00 8.83  ? 66  ARG A N   1 
ATOM   524  C CA  . ARG A 1 66  ? -8.970  6.582   6.355   1.00 8.68  ? 66  ARG A CA  1 
ATOM   525  C C   . ARG A 1 66  ? -7.549  6.050   6.275   1.00 8.80  ? 66  ARG A C   1 
ATOM   526  O O   . ARG A 1 66  ? -7.029  5.543   7.275   1.00 10.60 ? 66  ARG A O   1 
ATOM   527  C CB  . ARG A 1 66  ? -9.947  5.467   5.913   1.00 10.23 ? 66  ARG A CB  1 
ATOM   528  C CG  . ARG A 1 66  ? -11.417 5.848   6.000   1.00 11.01 ? 66  ARG A CG  1 
ATOM   529  C CD  . ARG A 1 66  ? -12.364 4.682   5.637   1.00 12.87 ? 66  ARG A CD  1 
ATOM   530  N NE  . ARG A 1 66  ? -12.169 4.208   4.261   1.00 10.55 ? 66  ARG A NE  1 
ATOM   531  C CZ  . ARG A 1 66  ? -11.729 2.994   3.950   1.00 11.91 ? 66  ARG A CZ  1 
ATOM   532  N NH1 . ARG A 1 66  ? -11.571 2.650   2.672   1.00 9.59  ? 66  ARG A NH1 1 
ATOM   533  N NH2 . ARG A 1 66  ? -11.460 2.117   4.914   1.00 9.98  ? 66  ARG A NH2 1 
ATOM   534  N N   . PHE A 1 67  ? -6.924  6.119   5.101   1.00 10.45 ? 67  PHE A N   1 
ATOM   535  C CA  . PHE A 1 67  ? -5.569  5.626   4.882   1.00 9.11  ? 67  PHE A CA  1 
ATOM   536  C C   . PHE A 1 67  ? -4.594  6.795   4.848   1.00 9.42  ? 67  PHE A C   1 
ATOM   537  O O   . PHE A 1 67  ? -4.874  7.816   4.231   1.00 10.98 ? 67  PHE A O   1 
ATOM   538  C CB  . PHE A 1 67  ? -5.453  4.879   3.544   1.00 7.34  ? 67  PHE A CB  1 
ATOM   539  C CG  . PHE A 1 67  ? -6.163  3.551   3.493   1.00 9.89  ? 67  PHE A CG  1 
ATOM   540  C CD1 . PHE A 1 67  ? -7.078  3.163   4.473   1.00 11.17 ? 67  PHE A CD1 1 
ATOM   541  C CD2 . PHE A 1 67  ? -5.903  2.684   2.448   1.00 10.44 ? 67  PHE A CD2 1 
ATOM   542  C CE1 . PHE A 1 67  ? -7.714  1.925   4.393   1.00 11.87 ? 67  PHE A CE1 1 
ATOM   543  C CE2 . PHE A 1 67  ? -6.527  1.456   2.367   1.00 13.54 ? 67  PHE A CE2 1 
ATOM   544  C CZ  . PHE A 1 67  ? -7.433  1.082   3.336   1.00 11.32 ? 67  PHE A CZ  1 
ATOM   545  N N   . THR A 1 68  ? -3.424  6.626   5.454   1.00 7.40  ? 68  THR A N   1 
ATOM   546  C CA  . THR A 1 68  ? -2.384  7.648   5.419   1.00 7.69  ? 68  THR A CA  1 
ATOM   547  C C   . THR A 1 68  ? -1.112  7.069   4.820   1.00 6.64  ? 68  THR A C   1 
ATOM   548  O O   . THR A 1 68  ? -0.626  6.038   5.285   1.00 8.84  ? 68  THR A O   1 
ATOM   549  C CB  . THR A 1 68  ? -2.097  8.192   6.813   1.00 8.13  ? 68  THR A CB  1 
ATOM   550  O OG1 . THR A 1 68  ? -3.289  8.781   7.327   1.00 10.43 ? 68  THR A OG1 1 
ATOM   551  C CG2 . THR A 1 68  ? -1.003  9.262   6.778   1.00 9.55  ? 68  THR A CG2 1 
ATOM   552  N N   . LEU A 1 69  ? -0.590  7.723   3.786   1.00 8.78  ? 69  LEU A N   1 
ATOM   553  C CA  . LEU A 1 69  ? 0.664   7.336   3.156   1.00 9.93  ? 69  LEU A CA  1 
ATOM   554  C C   . LEU A 1 69  ? 1.771   8.268   3.624   1.00 7.52  ? 69  LEU A C   1 
ATOM   555  O O   . LEU A 1 69  ? 1.646   9.493   3.514   1.00 9.64  ? 69  LEU A O   1 
ATOM   556  C CB  . LEU A 1 69  ? 0.550   7.375   1.628   1.00 8.85  ? 69  LEU A CB  1 
ATOM   557  C CG  . LEU A 1 69  ? 1.864   7.158   0.859   1.00 8.92  ? 69  LEU A CG  1 
ATOM   558  C CD1 . LEU A 1 69  ? 2.509   5.822   1.263   1.00 6.43  ? 69  LEU A CD1 1 
ATOM   559  C CD2 . LEU A 1 69  ? 1.600   7.157   -0.618  1.00 13.78 ? 69  LEU A CD2 1 
ATOM   560  N N   . SER A 1 70  ? 2.849   7.689   4.142   1.00 6.49  ? 70  SER A N   1 
ATOM   561  C CA  . SER A 1 70  ? 3.958   8.457   4.678   1.00 8.92  ? 70  SER A CA  1 
ATOM   562  C C   . SER A 1 70  ? 5.272   7.912   4.132   1.00 12.78 ? 70  SER A C   1 
ATOM   563  O O   . SER A 1 70  ? 5.346   6.797   3.606   1.00 9.96  ? 70  SER A O   1 
ATOM   564  C CB  . SER A 1 70  ? 3.965   8.425   6.214   1.00 8.90  ? 70  SER A CB  1 
ATOM   565  O OG  . SER A 1 70  ? 4.021   7.077   6.681   1.00 9.41  ? 70  SER A OG  1 
ATOM   566  N N   . ARG A 1 71  ? 6.314   8.714   4.282   1.00 8.97  ? 71  ARG A N   1 
ATOM   567  C CA  . ARG A 1 71  ? 7.639   8.365   3.794   1.00 11.82 ? 71  ARG A CA  1 
ATOM   568  C C   . ARG A 1 71  ? 8.658   8.809   4.825   1.00 10.50 ? 71  ARG A C   1 
ATOM   569  O O   . ARG A 1 71  ? 8.615   9.948   5.298   1.00 13.25 ? 71  ARG A O   1 
ATOM   570  C CB  . ARG A 1 71  ? 7.926   9.033   2.446   1.00 11.09 ? 71  ARG A CB  1 
ATOM   571  C CG  . ARG A 1 71  ? 9.302   8.720   1.865   1.00 11.38 ? 71  ARG A CG  1 
ATOM   572  C CD  . ARG A 1 71  ? 9.428   9.288   0.449   1.00 11.86 ? 71  ARG A CD  1 
ATOM   573  N NE  . ARG A 1 71  ? 9.583   10.743  0.470   1.00 12.27 ? 71  ARG A NE  1 
ATOM   574  C CZ  . ARG A 1 71  ? 9.245   11.554  -0.527  1.00 9.10  ? 71  ARG A CZ  1 
ATOM   575  N NH1 . ARG A 1 71  ? 8.698   11.069  -1.635  1.00 11.01 ? 71  ARG A NH1 1 
ATOM   576  N NH2 . ARG A 1 71  ? 9.433   12.864  -0.416  1.00 11.58 ? 71  ARG A NH2 1 
ATOM   577  N N   . ASP A 1 72  ? 9.570   7.928   5.162   1.00 12.91 ? 72  ASP A N   1 
ATOM   578  C CA  . ASP A 1 72  ? 10.685  8.300   6.017   1.00 17.65 ? 72  ASP A CA  1 
ATOM   579  C C   . ASP A 1 72  ? 11.922  8.272   5.131   1.00 16.50 ? 72  ASP A C   1 
ATOM   580  O O   . ASP A 1 72  ? 12.418  7.201   4.779   1.00 16.54 ? 72  ASP A O   1 
ATOM   581  C CB  . ASP A 1 72  ? 10.796  7.380   7.223   1.00 13.86 ? 72  ASP A CB  1 
ATOM   582  C CG  . ASP A 1 72  ? 11.779  7.910   8.236   1.00 27.78 ? 72  ASP A CG  1 
ATOM   583  O OD1 . ASP A 1 72  ? 12.984  7.762   7.984   1.00 23.37 ? 72  ASP A OD1 1 
ATOM   584  O OD2 . ASP A 1 72  ? 11.341  8.538   9.227   1.00 35.17 ? 72  ASP A OD2 1 
ATOM   585  N N   . ASN A 1 73  ? 12.372  9.462   4.731   1.00 14.21 ? 73  ASN A N   1 
ATOM   586  C CA  . ASN A 1 73  ? 13.485  9.570   3.798   1.00 13.23 ? 73  ASN A CA  1 
ATOM   587  C C   . ASN A 1 73  ? 14.719  8.874   4.335   1.00 18.35 ? 73  ASN A C   1 
ATOM   588  O O   . ASN A 1 73  ? 15.393  8.138   3.609   1.00 18.90 ? 73  ASN A O   1 
ATOM   589  C CB  . ASN A 1 73  ? 13.790  11.038  3.521   1.00 16.29 ? 73  ASN A CB  1 
ATOM   590  C CG  . ASN A 1 73  ? 12.751  11.690  2.644   1.00 16.30 ? 73  ASN A CG  1 
ATOM   591  O OD1 . ASN A 1 73  ? 11.692  11.120  2.401   1.00 14.08 ? 73  ASN A OD1 1 
ATOM   592  N ND2 . ASN A 1 73  ? 13.037  12.906  2.182   1.00 15.33 ? 73  ASN A ND2 1 
ATOM   593  N N   . ALA A 1 74  ? 15.020  9.095   5.615   1.00 17.78 ? 74  ALA A N   1 
ATOM   594  C CA  . ALA A 1 74  ? 16.253  8.566   6.189   1.00 23.04 ? 74  ALA A CA  1 
ATOM   595  C C   . ALA A 1 74  ? 16.295  7.042   6.108   1.00 26.66 ? 74  ALA A C   1 
ATOM   596  O O   . ALA A 1 74  ? 17.336  6.455   5.784   1.00 24.51 ? 74  ALA A O   1 
ATOM   597  C CB  . ALA A 1 74  ? 16.395  9.045   7.633   1.00 26.32 ? 74  ALA A CB  1 
ATOM   598  N N   . LYS A 1 75  ? 15.166  6.383   6.357   1.00 22.17 ? 75  LYS A N   1 
ATOM   599  C CA  . LYS A 1 75  ? 15.104  4.927   6.326   1.00 19.82 ? 75  LYS A CA  1 
ATOM   600  C C   . LYS A 1 75  ? 14.690  4.356   4.971   1.00 20.27 ? 75  LYS A C   1 
ATOM   601  O O   . LYS A 1 75  ? 14.606  3.134   4.840   1.00 24.76 ? 75  LYS A O   1 
ATOM   602  C CB  . LYS A 1 75  ? 14.132  4.419   7.407   1.00 24.87 ? 75  LYS A CB  1 
ATOM   603  C CG  . LYS A 1 75  ? 14.482  4.817   8.845   1.00 27.70 ? 75  LYS A CG  1 
ATOM   604  C CD  . LYS A 1 75  ? 13.353  4.420   9.802   1.00 30.71 ? 75  LYS A CD  1 
ATOM   605  C CE  . LYS A 1 75  ? 13.621  4.841   11.242  1.00 31.52 ? 75  LYS A CE  1 
ATOM   606  N NZ  . LYS A 1 75  ? 14.674  4.011   11.899  1.00 27.39 ? 75  LYS A NZ  1 
ATOM   607  N N   . ASN A 1 76  ? 14.426  5.199   3.971   1.00 18.94 ? 76  ASN A N   1 
ATOM   608  C CA  . ASN A 1 76  ? 13.975  4.771   2.638   1.00 11.90 ? 76  ASN A CA  1 
ATOM   609  C C   . ASN A 1 76  ? 12.811  3.788   2.712   1.00 14.40 ? 76  ASN A C   1 
ATOM   610  O O   . ASN A 1 76  ? 12.803  2.740   2.061   1.00 18.32 ? 76  ASN A O   1 
ATOM   611  C CB  . ASN A 1 76  ? 15.109  4.167   1.804   1.00 18.33 ? 76  ASN A CB  1 
ATOM   612  C CG  . ASN A 1 76  ? 14.817  4.240   0.309   1.00 17.75 ? 76  ASN A CG  1 
ATOM   613  O OD1 . ASN A 1 76  ? 14.255  5.226   -0.167  1.00 15.78 ? 76  ASN A OD1 1 
ATOM   614  N ND2 . ASN A 1 76  ? 15.165  3.191   -0.432  1.00 19.40 ? 76  ASN A ND2 1 
ATOM   615  N N   . THR A 1 77  ? 11.807  4.139   3.505   1.00 17.74 ? 77  THR A N   1 
ATOM   616  C CA  . THR A 1 77  ? 10.646  3.283   3.689   1.00 15.12 ? 77  THR A CA  1 
ATOM   617  C C   . THR A 1 77  ? 9.386   4.119   3.581   1.00 11.74 ? 77  THR A C   1 
ATOM   618  O O   . THR A 1 77  ? 9.331   5.237   4.103   1.00 13.17 ? 77  THR A O   1 
ATOM   619  C CB  . THR A 1 77  ? 10.678  2.584   5.058   1.00 15.80 ? 77  THR A CB  1 
ATOM   620  O OG1 . THR A 1 77  ? 11.935  1.922   5.225   1.00 18.95 ? 77  THR A OG1 1 
ATOM   621  C CG2 . THR A 1 77  ? 9.562   1.549   5.157   1.00 14.63 ? 77  THR A CG2 1 
ATOM   622  N N   . VAL A 1 78  ? 8.373   3.583   2.905   1.00 11.73 ? 78  VAL A N   1 
ATOM   623  C CA  . VAL A 1 78  ? 7.063   4.210   2.914   1.00 8.72  ? 78  VAL A CA  1 
ATOM   624  C C   . VAL A 1 78  ? 6.118   3.324   3.703   1.00 10.34 ? 78  VAL A C   1 
ATOM   625  O O   . VAL A 1 78  ? 6.318   2.110   3.827   1.00 10.92 ? 78  VAL A O   1 
ATOM   626  C CB  . VAL A 1 78  ? 6.498   4.487   1.505   1.00 9.28  ? 78  VAL A CB  1 
ATOM   627  C CG1 . VAL A 1 78  ? 7.403   5.472   0.767   1.00 10.90 ? 78  VAL A CG1 1 
ATOM   628  C CG2 . VAL A 1 78  ? 6.375   3.186   0.725   1.00 16.47 ? 78  VAL A CG2 1 
ATOM   629  N N   . TYR A 1 79  ? 5.089   3.953   4.260   1.00 9.32  ? 79  TYR A N   1 
ATOM   630  C CA  . TYR A 1 79  ? 4.120   3.260   5.090   1.00 6.73  ? 79  TYR A CA  1 
ATOM   631  C C   . TYR A 1 79  ? 2.716   3.627   4.658   1.00 7.71  ? 79  TYR A C   1 
ATOM   632  O O   . TYR A 1 79  ? 2.438   4.786   4.338   1.00 9.36  ? 79  TYR A O   1 
ATOM   633  C CB  . TYR A 1 79  ? 4.280   3.648   6.551   1.00 6.14  ? 79  TYR A CB  1 
ATOM   634  C CG  . TYR A 1 79  ? 5.647   3.392   7.089   1.00 11.70 ? 79  TYR A CG  1 
ATOM   635  C CD1 . TYR A 1 79  ? 5.982   2.154   7.615   1.00 11.95 ? 79  TYR A CD1 1 
ATOM   636  C CD2 . TYR A 1 79  ? 6.605   4.395   7.080   1.00 12.61 ? 79  TYR A CD2 1 
ATOM   637  C CE1 . TYR A 1 79  ? 7.257   1.915   8.113   1.00 15.50 ? 79  TYR A CE1 1 
ATOM   638  C CE2 . TYR A 1 79  ? 7.869   4.167   7.574   1.00 14.38 ? 79  TYR A CE2 1 
ATOM   639  C CZ  . TYR A 1 79  ? 8.183   2.932   8.091   1.00 19.39 ? 79  TYR A CZ  1 
ATOM   640  O OH  . TYR A 1 79  ? 9.455   2.727   8.585   1.00 26.36 ? 79  TYR A OH  1 
ATOM   641  N N   . LEU A 1 80  ? 1.828   2.644   4.686   1.00 8.29  ? 80  LEU A N   1 
ATOM   642  C CA  . LEU A 1 80  ? 0.410   2.845   4.426   1.00 10.03 ? 80  LEU A CA  1 
ATOM   643  C C   . LEU A 1 80  ? -0.305  2.506   5.724   1.00 8.08  ? 80  LEU A C   1 
ATOM   644  O O   . LEU A 1 80  ? -0.387  1.328   6.101   1.00 8.39  ? 80  LEU A O   1 
ATOM   645  C CB  . LEU A 1 80  ? -0.079  1.967   3.277   1.00 10.99 ? 80  LEU A CB  1 
ATOM   646  C CG  . LEU A 1 80  ? -1.501  2.310   2.816   1.00 10.01 ? 80  LEU A CG  1 
ATOM   647  C CD1 . LEU A 1 80  ? -1.552  3.751   2.362   1.00 11.22 ? 80  LEU A CD1 1 
ATOM   648  C CD2 . LEU A 1 80  ? -1.984  1.393   1.693   1.00 11.79 ? 80  LEU A CD2 1 
ATOM   649  N N   . GLN A 1 81  ? -0.777  3.532   6.429   1.00 7.78  ? 81  GLN A N   1 
ATOM   650  C CA  . GLN A 1 81  ? -1.451  3.340   7.713   1.00 8.17  ? 81  GLN A CA  1 
ATOM   651  C C   . GLN A 1 81  ? -2.950  3.327   7.456   1.00 6.15  ? 81  GLN A C   1 
ATOM   652  O O   . GLN A 1 81  ? -3.534  4.351   7.087   1.00 8.93  ? 81  GLN A O   1 
ATOM   653  C CB  . GLN A 1 81  ? -1.072  4.428   8.715   1.00 7.78  ? 81  GLN A CB  1 
ATOM   654  C CG  . GLN A 1 81  ? -1.639  4.178   10.113  1.00 6.46  ? 81  GLN A CG  1 
ATOM   655  C CD  . GLN A 1 81  ? -1.100  2.898   10.684  1.00 10.75 ? 81  GLN A CD  1 
ATOM   656  O OE1 . GLN A 1 81  ? 0.093   2.632   10.603  1.00 11.95 ? 81  GLN A OE1 1 
ATOM   657  N NE2 . GLN A 1 81  ? -1.986  2.065   11.210  1.00 13.67 ? 81  GLN A NE2 1 
ATOM   658  N N   . MET A 1 82  ? -3.569  2.170   7.668   1.00 7.62  ? 82  MET A N   1 
ATOM   659  C CA  . MET A 1 82  ? -4.965  1.947   7.314   1.00 7.66  ? 82  MET A CA  1 
ATOM   660  C C   . MET A 1 82  ? -5.809  1.987   8.580   1.00 12.71 ? 82  MET A C   1 
ATOM   661  O O   . MET A 1 82  ? -5.673  1.125   9.454   1.00 13.63 ? 82  MET A O   1 
ATOM   662  C CB  . MET A 1 82  ? -5.098  0.610   6.593   1.00 9.01  ? 82  MET A CB  1 
ATOM   663  C CG  . MET A 1 82  ? -4.217  0.521   5.358   1.00 12.43 ? 82  MET A CG  1 
ATOM   664  S SD  . MET A 1 82  ? -3.974  -1.194  4.804   1.00 24.08 ? 82  MET A SD  1 
ATOM   665  C CE  . MET A 1 82  ? -5.341  -1.434  3.705   1.00 26.02 ? 82  MET A CE  1 
ATOM   666  N N   . ASN A 1 83  ? -6.675  2.986   8.682   1.00 8.39  ? 83  ASN A N   1 
ATOM   667  C CA  . ASN A 1 83  ? -7.608  3.087   9.792   1.00 9.08  ? 83  ASN A CA  1 
ATOM   668  C C   . ASN A 1 83  ? -9.027  2.879   9.287   1.00 8.13  ? 83  ASN A C   1 
ATOM   669  O O   . ASN A 1 83  ? -9.297  2.939   8.086   1.00 10.80 ? 83  ASN A O   1 
ATOM   670  C CB  . ASN A 1 83  ? -7.472  4.445   10.492  1.00 9.58  ? 83  ASN A CB  1 
ATOM   671  C CG  . ASN A 1 83  ? -6.302  4.481   11.449  1.00 12.74 ? 83  ASN A CG  1 
ATOM   672  O OD1 . ASN A 1 83  ? -6.274  3.734   12.421  1.00 16.86 ? 83  ASN A OD1 1 
ATOM   673  N ND2 . ASN A 1 83  ? -5.339  5.360   11.189  1.00 12.63 ? 83  ASN A ND2 1 
ATOM   674  N N   . SER A 1 84  ? -9.920  2.572   10.220  1.00 9.17  ? 84  SER A N   1 
ATOM   675  C CA  . SER A 1 84  ? -11.340 2.411   9.919   1.00 9.24  ? 84  SER A CA  1 
ATOM   676  C C   . SER A 1 84  ? -11.555 1.466   8.740   1.00 8.51  ? 84  SER A C   1 
ATOM   677  O O   . SER A 1 84  ? -12.274 1.769   7.784   1.00 12.01 ? 84  SER A O   1 
ATOM   678  C CB  . SER A 1 84  ? -11.992 3.767   9.657   1.00 12.17 ? 84  SER A CB  1 
ATOM   679  O OG  . SER A 1 84  ? -11.984 4.554   10.841  1.00 18.26 ? 84  SER A OG  1 
ATOM   680  N N   . LEU A 1 85  ? -10.937 0.292   8.827   1.00 9.12  ? 85  LEU A N   1 
ATOM   681  C CA  . LEU A 1 85  ? -10.978 -0.636  7.706   1.00 9.94  ? 85  LEU A CA  1 
ATOM   682  C C   . LEU A 1 85  ? -12.393 -1.154  7.437   1.00 8.66  ? 85  LEU A C   1 
ATOM   683  O O   . LEU A 1 85  ? -13.216 -1.313  8.349   1.00 10.84 ? 85  LEU A O   1 
ATOM   684  C CB  . LEU A 1 85  ? -10.028 -1.799  7.961   1.00 10.71 ? 85  LEU A CB  1 
ATOM   685  C CG  . LEU A 1 85  ? -8.567  -1.458  7.685   1.00 11.52 ? 85  LEU A CG  1 
ATOM   686  C CD1 . LEU A 1 85  ? -7.677  -2.504  8.328   1.00 13.53 ? 85  LEU A CD1 1 
ATOM   687  C CD2 . LEU A 1 85  ? -8.328  -1.415  6.178   1.00 11.90 ? 85  LEU A CD2 1 
ATOM   688  N N   . LYS A 1 86  ? -12.672 -1.404  6.150   1.00 8.24  ? 86  LYS A N   1 
ATOM   689  C CA  . LYS A 1 86  ? -13.926 -1.938  5.632   1.00 9.99  ? 86  LYS A CA  1 
ATOM   690  C C   . LYS A 1 86  ? -13.674 -3.302  5.002   1.00 10.79 ? 86  LYS A C   1 
ATOM   691  O O   . LYS A 1 86  ? -12.594 -3.540  4.451   1.00 9.78  ? 86  LYS A O   1 
ATOM   692  C CB  . LYS A 1 86  ? -14.550 -1.017  4.569   1.00 13.70 ? 86  LYS A CB  1 
ATOM   693  C CG  . LYS A 1 86  ? -14.811 0.405   5.024   1.00 16.58 ? 86  LYS A CG  1 
ATOM   694  C CD  . LYS A 1 86  ? -15.434 1.239   3.901   1.00 16.58 ? 86  LYS A CD  1 
ATOM   695  C CE  . LYS A 1 86  ? -15.661 2.682   4.362   1.00 21.81 ? 86  LYS A CE  1 
ATOM   696  N NZ  . LYS A 1 86  ? -16.234 3.529   3.276   1.00 33.27 ? 86  LYS A NZ  1 
ATOM   697  N N   . PRO A 1 87  ? -14.645 -4.214  5.057   1.00 11.26 ? 87  PRO A N   1 
ATOM   698  C CA  . PRO A 1 87  ? -14.483 -5.493  4.347   1.00 8.56  ? 87  PRO A CA  1 
ATOM   699  C C   . PRO A 1 87  ? -14.065 -5.312  2.901   1.00 12.25 ? 87  PRO A C   1 
ATOM   700  O O   . PRO A 1 87  ? -13.254 -6.093  2.385   1.00 11.72 ? 87  PRO A O   1 
ATOM   701  C CB  . PRO A 1 87  ? -15.880 -6.124  4.461   1.00 8.94  ? 87  PRO A CB  1 
ATOM   702  C CG  . PRO A 1 87  ? -16.438 -5.539  5.709   1.00 11.90 ? 87  PRO A CG  1 
ATOM   703  C CD  . PRO A 1 87  ? -15.941 -4.126  5.752   1.00 10.98 ? 87  PRO A CD  1 
ATOM   704  N N   . GLU A 1 88  ? -14.559 -4.259  2.249   1.00 8.99  ? 88  GLU A N   1 
ATOM   705  C CA  . GLU A 1 88  ? -14.236 -3.983  0.858   1.00 10.79 ? 88  GLU A CA  1 
ATOM   706  C C   . GLU A 1 88  ? -12.774 -3.584  0.653   1.00 11.63 ? 88  GLU A C   1 
ATOM   707  O O   . GLU A 1 88  ? -12.343 -3.466  -0.499  1.00 12.80 ? 88  GLU A O   1 
ATOM   708  C CB  . GLU A 1 88  ? -15.160 -2.877  0.343   1.00 14.80 ? 88  GLU A CB  1 
ATOM   709  C CG  . GLU A 1 88  ? -16.653 -3.255  0.247   1.00 18.67 ? 88  GLU A CG  1 
ATOM   710  C CD  . GLU A 1 88  ? -17.392 -3.353  1.592   1.00 29.17 ? 88  GLU A CD  1 
ATOM   711  O OE1 . GLU A 1 88  ? -16.940 -2.777  2.611   1.00 17.04 ? 88  GLU A OE1 1 
ATOM   712  O OE2 . GLU A 1 88  ? -18.448 -4.024  1.621   1.00 28.86 ? 88  GLU A OE2 1 
ATOM   713  N N   . ASP A 1 89  ? -12.005 -3.381  1.733   1.00 9.17  ? 89  ASP A N   1 
ATOM   714  C CA  . ASP A 1 89  ? -10.578 -3.115  1.605   1.00 10.77 ? 89  ASP A CA  1 
ATOM   715  C C   . ASP A 1 89  ? -9.776  -4.395  1.416   1.00 10.16 ? 89  ASP A C   1 
ATOM   716  O O   . ASP A 1 89  ? -8.558  -4.322  1.229   1.00 10.13 ? 89  ASP A O   1 
ATOM   717  C CB  . ASP A 1 89  ? -10.064 -2.351  2.832   1.00 11.72 ? 89  ASP A CB  1 
ATOM   718  C CG  . ASP A 1 89  ? -10.646 -0.941  2.935   1.00 9.88  ? 89  ASP A CG  1 
ATOM   719  O OD1 . ASP A 1 89  ? -10.780 -0.257  1.900   1.00 10.93 ? 89  ASP A OD1 1 
ATOM   720  O OD2 . ASP A 1 89  ? -10.965 -0.503  4.058   1.00 10.86 ? 89  ASP A OD2 1 
ATOM   721  N N   . THR A 1 90  ? -10.438 -5.555  1.446   1.00 8.99  ? 90  THR A N   1 
ATOM   722  C CA  . THR A 1 90  ? -9.766  -6.832  1.245   1.00 7.03  ? 90  THR A CA  1 
ATOM   723  C C   . THR A 1 90  ? -9.190  -6.905  -0.161  1.00 9.49  ? 90  THR A C   1 
ATOM   724  O O   . THR A 1 90  ? -9.919  -6.722  -1.142  1.00 11.61 ? 90  THR A O   1 
ATOM   725  C CB  . THR A 1 90  ? -10.762 -7.971  1.457   1.00 6.39  ? 90  THR A CB  1 
ATOM   726  O OG1 . THR A 1 90  ? -11.252 -7.937  2.804   1.00 10.82 ? 90  THR A OG1 1 
ATOM   727  C CG2 . THR A 1 90  ? -10.131 -9.332  1.156   1.00 9.35  ? 90  THR A CG2 1 
ATOM   728  N N   . ALA A 1 91  ? -7.890  -7.189  -0.252  1.00 8.67  ? 91  ALA A N   1 
ATOM   729  C CA  . ALA A 1 91  ? -7.182  -7.174  -1.532  1.00 7.92  ? 91  ALA A CA  1 
ATOM   730  C C   . ALA A 1 91  ? -5.734  -7.560  -1.280  1.00 7.49  ? 91  ALA A C   1 
ATOM   731  O O   . ALA A 1 91  ? -5.264  -7.562  -0.138  1.00 9.99  ? 91  ALA A O   1 
ATOM   732  C CB  . ALA A 1 91  ? -7.234  -5.790  -2.197  1.00 10.59 ? 91  ALA A CB  1 
ATOM   733  N N   . VAL A 1 92  ? -5.018  -7.866  -2.368  1.00 9.19  ? 92  VAL A N   1 
ATOM   734  C CA  . VAL A 1 92  ? -3.560  -7.901  -2.326  1.00 8.22  ? 92  VAL A CA  1 
ATOM   735  C C   . VAL A 1 92  ? -3.051  -6.502  -2.633  1.00 10.27 ? 92  VAL A C   1 
ATOM   736  O O   . VAL A 1 92  ? -3.467  -5.884  -3.622  1.00 9.56  ? 92  VAL A O   1 
ATOM   737  C CB  . VAL A 1 92  ? -2.989  -8.929  -3.312  1.00 6.70  ? 92  VAL A CB  1 
ATOM   738  C CG1 . VAL A 1 92  ? -1.441  -8.917  -3.255  1.00 8.38  ? 92  VAL A CG1 1 
ATOM   739  C CG2 . VAL A 1 92  ? -3.515  -10.333 -2.985  1.00 8.72  ? 92  VAL A CG2 1 
ATOM   740  N N   . TYR A 1 93  ? -2.177  -5.991  -1.766  1.00 8.22  ? 93  TYR A N   1 
ATOM   741  C CA  . TYR A 1 93  ? -1.685  -4.623  -1.858  1.00 7.67  ? 93  TYR A CA  1 
ATOM   742  C C   . TYR A 1 93  ? -0.270  -4.659  -2.409  1.00 8.71  ? 93  TYR A C   1 
ATOM   743  O O   . TYR A 1 93  ? 0.572   -5.411  -1.902  1.00 9.26  ? 93  TYR A O   1 
ATOM   744  C CB  . TYR A 1 93  ? -1.728  -3.929  -0.487  1.00 9.14  ? 93  TYR A CB  1 
ATOM   745  C CG  . TYR A 1 93  ? -3.108  -3.456  -0.104  1.00 7.95  ? 93  TYR A CG  1 
ATOM   746  C CD1 . TYR A 1 93  ? -4.083  -4.360  0.285   1.00 7.61  ? 93  TYR A CD1 1 
ATOM   747  C CD2 . TYR A 1 93  ? -3.450  -2.102  -0.164  1.00 11.18 ? 93  TYR A CD2 1 
ATOM   748  C CE1 . TYR A 1 93  ? -5.345  -3.941  0.611   1.00 7.97  ? 93  TYR A CE1 1 
ATOM   749  C CE2 . TYR A 1 93  ? -4.723  -1.672  0.182   1.00 10.36 ? 93  TYR A CE2 1 
ATOM   750  C CZ  . TYR A 1 93  ? -5.662  -2.596  0.559   1.00 8.52  ? 93  TYR A CZ  1 
ATOM   751  O OH  . TYR A 1 93  ? -6.936  -2.199  0.901   1.00 11.59 ? 93  TYR A OH  1 
ATOM   752  N N   . TYR A 1 94  ? -0.015  -3.843  -3.439  1.00 8.53  ? 94  TYR A N   1 
ATOM   753  C CA  . TYR A 1 94  ? 1.241   -3.833  -4.174  1.00 7.96  ? 94  TYR A CA  1 
ATOM   754  C C   . TYR A 1 94  ? 1.919   -2.480  -4.062  1.00 12.06 ? 94  TYR A C   1 
ATOM   755  O O   . TYR A 1 94  ? 1.279   -1.438  -4.220  1.00 10.53 ? 94  TYR A O   1 
ATOM   756  C CB  . TYR A 1 94  ? 1.019   -4.116  -5.667  1.00 9.82  ? 94  TYR A CB  1 
ATOM   757  C CG  . TYR A 1 94  ? 0.513   -5.498  -5.961  1.00 12.33 ? 94  TYR A CG  1 
ATOM   758  C CD1 . TYR A 1 94  ? 1.400   -6.546  -6.176  1.00 15.43 ? 94  TYR A CD1 1 
ATOM   759  C CD2 . TYR A 1 94  ? -0.847  -5.760  -6.011  1.00 11.59 ? 94  TYR A CD2 1 
ATOM   760  C CE1 . TYR A 1 94  ? 0.944   -7.816  -6.442  1.00 14.01 ? 94  TYR A CE1 1 
ATOM   761  C CE2 . TYR A 1 94  ? -1.313  -7.023  -6.279  1.00 13.32 ? 94  TYR A CE2 1 
ATOM   762  C CZ  . TYR A 1 94  ? -0.416  -8.049  -6.489  1.00 12.41 ? 94  TYR A CZ  1 
ATOM   763  O OH  . TYR A 1 94  ? -0.896  -9.316  -6.755  1.00 15.15 ? 94  TYR A OH  1 
ATOM   764  N N   . CYS A 1 95  ? 3.220   -2.496  -3.847  1.00 11.30 ? 95  CYS A N   1 
ATOM   765  C CA  A CYS A 1 95  ? 3.934   -1.236  -3.937  0.32 10.17 ? 95  CYS A CA  1 
ATOM   766  C CA  B CYS A 1 95  ? 4.059   -1.309  -3.878  0.68 10.31 ? 95  CYS A CA  1 
ATOM   767  C C   . CYS A 1 95  ? 4.667   -1.158  -5.269  1.00 14.53 ? 95  CYS A C   1 
ATOM   768  O O   . CYS A 1 95  ? 5.069   -2.157  -5.870  1.00 13.88 ? 95  CYS A O   1 
ATOM   769  C CB  A CYS A 1 95  ? 4.886   -0.968  -2.750  0.32 15.25 ? 95  CYS A CB  1 
ATOM   770  C CB  B CYS A 1 95  ? 5.152   -1.470  -2.820  0.68 14.20 ? 95  CYS A CB  1 
ATOM   771  S SG  A CYS A 1 95  ? 6.220   -2.114  -2.332  0.32 13.40 ? 95  CYS A SG  1 
ATOM   772  S SG  B CYS A 1 95  ? 6.505   -0.310  -2.833  0.68 11.81 ? 95  CYS A SG  1 
ATOM   773  N N   . ASN A 1 96  ? 4.747   0.070   -5.759  1.00 10.92 ? 96  ASN A N   1 
ATOM   774  C CA  . ASN A 1 96  ? 5.196   0.376   -7.106  1.00 11.31 ? 96  ASN A CA  1 
ATOM   775  C C   . ASN A 1 96  ? 6.107   1.593   -7.029  1.00 12.86 ? 96  ASN A C   1 
ATOM   776  O O   . ASN A 1 96  ? 5.905   2.476   -6.192  1.00 13.93 ? 96  ASN A O   1 
ATOM   777  C CB  . ASN A 1 96  ? 3.947   0.590   -7.995  1.00 17.09 ? 96  ASN A CB  1 
ATOM   778  C CG  . ASN A 1 96  ? 4.242   1.270   -9.303  1.00 21.24 ? 96  ASN A CG  1 
ATOM   779  O OD1 . ASN A 1 96  ? 4.324   2.488   -9.369  1.00 24.74 ? 96  ASN A OD1 1 
ATOM   780  N ND2 . ASN A 1 96  ? 4.367   0.487   -10.362 1.00 32.05 ? 96  ASN A ND2 1 
ATOM   781  N N   . LEU A 1 97  ? 7.144   1.612   -7.858  1.00 11.76 ? 97  LEU A N   1 
ATOM   782  C CA  . LEU A 1 97  ? 8.083   2.723   -7.890  1.00 13.96 ? 97  LEU A CA  1 
ATOM   783  C C   . LEU A 1 97  ? 8.364   3.069   -9.339  1.00 22.86 ? 97  LEU A C   1 
ATOM   784  O O   . LEU A 1 97  ? 8.729   2.189   -10.125 1.00 15.86 ? 97  LEU A O   1 
ATOM   785  C CB  . LEU A 1 97  ? 9.379   2.364   -7.167  1.00 16.31 ? 97  LEU A CB  1 
ATOM   786  C CG  . LEU A 1 97  ? 10.447  3.457   -7.136  1.00 17.32 ? 97  LEU A CG  1 
ATOM   787  C CD1 . LEU A 1 97  ? 10.028  4.586   -6.211  1.00 18.50 ? 97  LEU A CD1 1 
ATOM   788  C CD2 . LEU A 1 97  ? 11.783  2.879   -6.719  1.00 26.89 ? 97  LEU A CD2 1 
ATOM   789  N N   . ARG A 1 98  ? 8.176   4.334   -9.700  1.00 14.95 ? 98  ARG A N   1 
ATOM   790  C CA  . ARG A 1 98  ? 8.547   4.803   -11.028 1.00 16.79 ? 98  ARG A CA  1 
ATOM   791  C C   . ARG A 1 98  ? 9.847   5.579   -10.938 1.00 19.20 ? 98  ARG A C   1 
ATOM   792  O O   . ARG A 1 98  ? 9.959   6.543   -10.169 1.00 17.91 ? 98  ARG A O   1 
ATOM   793  C CB  . ARG A 1 98  ? 7.474   5.675   -11.668 1.00 18.15 ? 98  ARG A CB  1 
ATOM   794  C CG  . ARG A 1 98  ? 7.967   6.282   -12.981 1.00 24.52 ? 98  ARG A CG  1 
ATOM   795  C CD  . ARG A 1 98  ? 6.917   7.118   -13.635 1.00 23.16 ? 98  ARG A CD  1 
ATOM   796  N NE  . ARG A 1 98  ? 6.510   8.240   -12.794 1.00 25.08 ? 98  ARG A NE  1 
ATOM   797  C CZ  . ARG A 1 98  ? 7.121   9.414   -12.777 1.00 26.11 ? 98  ARG A CZ  1 
ATOM   798  N NH1 . ARG A 1 98  ? 8.175   9.617   -13.554 1.00 27.51 ? 98  ARG A NH1 1 
ATOM   799  N NH2 . ARG A 1 98  ? 6.676   10.380  -11.981 1.00 24.88 ? 98  ARG A NH2 1 
ATOM   800  N N   . ARG A 1 99  ? 10.820  5.150   -11.727 1.00 18.93 ? 99  ARG A N   1 
ATOM   801  C CA  . ARG A 1 99  ? 12.159  5.718   -11.743 1.00 25.37 ? 99  ARG A CA  1 
ATOM   802  C C   . ARG A 1 99  ? 12.447  6.072   -13.197 1.00 29.15 ? 99  ARG A C   1 
ATOM   803  O O   . ARG A 1 99  ? 12.831  5.200   -13.982 1.00 33.07 ? 99  ARG A O   1 
ATOM   804  C CB  . ARG A 1 99  ? 13.157  4.716   -11.188 1.00 25.26 ? 99  ARG A CB  1 
ATOM   805  C CG  . ARG A 1 99  ? 14.527  5.252   -10.922 1.00 34.95 ? 99  ARG A CG  1 
ATOM   806  C CD  . ARG A 1 99  ? 15.300  4.263   -10.082 1.00 32.42 ? 99  ARG A CD  1 
ATOM   807  N NE  . ARG A 1 99  ? 16.713  4.600   -10.046 1.00 37.94 ? 99  ARG A NE  1 
ATOM   808  C CZ  . ARG A 1 99  ? 17.641  3.965   -10.743 1.00 42.53 ? 99  ARG A CZ  1 
ATOM   809  N NH1 . ARG A 1 99  ? 18.908  4.349   -10.659 1.00 50.15 ? 99  ARG A NH1 1 
ATOM   810  N NH2 . ARG A 1 99  ? 17.302  2.939   -11.514 1.00 39.57 ? 99  ARG A NH2 1 
ATOM   811  N N   . GLY A 1 100 ? 12.227  7.330   -13.554 1.00 30.21 ? 100 GLY A N   1 
ATOM   812  C CA  . GLY A 1 100 ? 12.431  7.742   -14.932 1.00 34.35 ? 100 GLY A CA  1 
ATOM   813  C C   . GLY A 1 100 ? 11.454  7.021   -15.835 1.00 39.66 ? 100 GLY A C   1 
ATOM   814  O O   . GLY A 1 100 ? 10.233  7.122   -15.676 1.00 34.53 ? 100 GLY A O   1 
ATOM   815  N N   . GLY A 1 101 ? 11.985  6.277   -16.803 1.00 41.98 ? 101 GLY A N   1 
ATOM   816  C CA  . GLY A 1 101 ? 11.134  5.422   -17.604 1.00 46.76 ? 101 GLY A CA  1 
ATOM   817  C C   . GLY A 1 101 ? 10.875  4.055   -17.012 1.00 45.54 ? 101 GLY A C   1 
ATOM   818  O O   . GLY A 1 101 ? 9.992   3.338   -17.491 1.00 47.91 ? 101 GLY A O   1 
ATOM   819  N N   . GLY A 1 102 ? 11.625  3.680   -15.978 1.00 32.05 ? 102 GLY A N   1 
ATOM   820  C CA  . GLY A 1 102 ? 11.485  2.355   -15.398 1.00 31.93 ? 102 GLY A CA  1 
ATOM   821  C C   . GLY A 1 102 ? 10.350  2.292   -14.387 1.00 30.28 ? 102 GLY A C   1 
ATOM   822  O O   . GLY A 1 102 ? 10.110  3.228   -13.624 1.00 26.54 ? 102 GLY A O   1 
ATOM   823  N N   . ILE A 1 103 ? 9.644   1.165   -14.399 1.00 23.06 ? 103 ILE A N   1 
ATOM   824  C CA  . ILE A 1 103 ? 8.571   0.869   -13.457 1.00 20.12 ? 103 ILE A CA  1 
ATOM   825  C C   . ILE A 1 103 ? 8.955   -0.394  -12.701 1.00 24.74 ? 103 ILE A C   1 
ATOM   826  O O   . ILE A 1 103 ? 9.311   -1.403  -13.320 1.00 25.38 ? 103 ILE A O   1 
ATOM   827  C CB  . ILE A 1 103 ? 7.224   0.675   -14.174 1.00 26.38 ? 103 ILE A CB  1 
ATOM   828  C CG1 . ILE A 1 103 ? 6.915   1.877   -15.067 1.00 37.38 ? 103 ILE A CG1 1 
ATOM   829  C CG2 . ILE A 1 103 ? 6.112   0.452   -13.158 1.00 26.45 ? 103 ILE A CG2 1 
ATOM   830  C CD1 . ILE A 1 103 ? 6.703   3.163   -14.299 1.00 39.72 ? 103 ILE A CD1 1 
ATOM   831  N N   . TYR A 1 104 ? 8.884   -0.342  -11.372 1.00 16.79 ? 104 TYR A N   1 
ATOM   832  C CA  . TYR A 1 104 ? 9.244   -1.472  -10.526 1.00 14.92 ? 104 TYR A CA  1 
ATOM   833  C C   . TYR A 1 104 ? 8.080   -1.827  -9.616  1.00 18.36 ? 104 TYR A C   1 
ATOM   834  O O   . TYR A 1 104 ? 7.330   -0.955  -9.169  1.00 16.67 ? 104 TYR A O   1 
ATOM   835  C CB  . TYR A 1 104 ? 10.488  -1.175  -9.693  1.00 14.83 ? 104 TYR A CB  1 
ATOM   836  C CG  . TYR A 1 104 ? 11.644  -0.767  -10.558 1.00 16.74 ? 104 TYR A CG  1 
ATOM   837  C CD1 . TYR A 1 104 ? 12.497  -1.713  -11.105 1.00 22.21 ? 104 TYR A CD1 1 
ATOM   838  C CD2 . TYR A 1 104 ? 11.863  0.570   -10.853 1.00 20.45 ? 104 TYR A CD2 1 
ATOM   839  C CE1 . TYR A 1 104 ? 13.553  -1.331  -11.912 1.00 22.67 ? 104 TYR A CE1 1 
ATOM   840  C CE2 . TYR A 1 104 ? 12.903  0.960   -11.649 1.00 26.42 ? 104 TYR A CE2 1 
ATOM   841  C CZ  . TYR A 1 104 ? 13.745  0.011   -12.180 1.00 28.24 ? 104 TYR A CZ  1 
ATOM   842  O OH  . TYR A 1 104 ? 14.775  0.438   -12.979 1.00 30.64 ? 104 TYR A OH  1 
ATOM   843  N N   . TRP A 1 105 ? 7.937   -3.125  -9.353  1.00 13.16 ? 105 TRP A N   1 
ATOM   844  C CA  . TRP A 1 105 ? 6.803   -3.657  -8.610  1.00 12.57 ? 105 TRP A CA  1 
ATOM   845  C C   . TRP A 1 105 ? 7.277   -4.606  -7.520  1.00 16.28 ? 105 TRP A C   1 
ATOM   846  O O   . TRP A 1 105 ? 8.198   -5.402  -7.732  1.00 17.35 ? 105 TRP A O   1 
ATOM   847  C CB  . TRP A 1 105 ? 5.833   -4.429  -9.527  1.00 17.57 ? 105 TRP A CB  1 
ATOM   848  C CG  . TRP A 1 105 ? 4.991   -3.607  -10.447 1.00 18.06 ? 105 TRP A CG  1 
ATOM   849  C CD1 . TRP A 1 105 ? 5.263   -3.273  -11.745 1.00 21.77 ? 105 TRP A CD1 1 
ATOM   850  C CD2 . TRP A 1 105 ? 3.716   -3.033  -10.144 1.00 16.02 ? 105 TRP A CD2 1 
ATOM   851  N NE1 . TRP A 1 105 ? 4.233   -2.520  -12.265 1.00 24.43 ? 105 TRP A NE1 1 
ATOM   852  C CE2 . TRP A 1 105 ? 3.274   -2.355  -11.299 1.00 20.68 ? 105 TRP A CE2 1 
ATOM   853  C CE3 . TRP A 1 105 ? 2.910   -3.012  -9.001  1.00 14.58 ? 105 TRP A CE3 1 
ATOM   854  C CZ2 . TRP A 1 105 ? 2.058   -1.671  -11.343 1.00 17.89 ? 105 TRP A CZ2 1 
ATOM   855  C CZ3 . TRP A 1 105 ? 1.706   -2.350  -9.051  1.00 18.84 ? 105 TRP A CZ3 1 
ATOM   856  C CH2 . TRP A 1 105 ? 1.291   -1.684  -10.209 1.00 20.52 ? 105 TRP A CH2 1 
ATOM   857  N N   . GLY A 1 106 ? 6.642   -4.532  -6.362  1.00 14.70 ? 106 GLY A N   1 
ATOM   858  C CA  . GLY A 1 106 ? 6.706   -5.628  -5.419  1.00 16.03 ? 106 GLY A CA  1 
ATOM   859  C C   . GLY A 1 106 ? 5.707   -6.722  -5.769  1.00 14.99 ? 106 GLY A C   1 
ATOM   860  O O   . GLY A 1 106 ? 4.872   -6.575  -6.666  1.00 14.79 ? 106 GLY A O   1 
ATOM   861  N N   . GLN A 1 107 ? 5.807   -7.843  -5.050  1.00 12.61 ? 107 GLN A N   1 
ATOM   862  C CA  . GLN A 1 107 ? 4.939   -8.980  -5.321  1.00 11.16 ? 107 GLN A CA  1 
ATOM   863  C C   . GLN A 1 107 ? 3.642   -8.947  -4.536  1.00 17.24 ? 107 GLN A C   1 
ATOM   864  O O   . GLN A 1 107 ? 2.796   -9.826  -4.730  1.00 18.88 ? 107 GLN A O   1 
ATOM   865  C CB  . GLN A 1 107 ? 5.666   -10.294 -5.025  1.00 20.74 ? 107 GLN A CB  1 
ATOM   866  C CG  . GLN A 1 107 ? 6.529   -10.803 -6.151  1.00 29.11 ? 107 GLN A CG  1 
ATOM   867  C CD  . GLN A 1 107 ? 7.021   -12.219 -5.893  1.00 28.74 ? 107 GLN A CD  1 
ATOM   868  O OE1 . GLN A 1 107 ? 6.227   -13.158 -5.734  1.00 26.56 ? 107 GLN A OE1 1 
ATOM   869  N NE2 . GLN A 1 107 ? 8.337   -12.380 -5.838  1.00 26.18 ? 107 GLN A NE2 1 
ATOM   870  N N   . GLY A 1 108 ? 3.473   -7.977  -3.651  1.00 11.68 ? 108 GLY A N   1 
ATOM   871  C CA  . GLY A 1 108 ? 2.208   -7.773  -2.983  1.00 12.41 ? 108 GLY A CA  1 
ATOM   872  C C   . GLY A 1 108 ? 2.136   -8.459  -1.626  1.00 12.49 ? 108 GLY A C   1 
ATOM   873  O O   . GLY A 1 108 ? 2.935   -9.335  -1.289  1.00 13.65 ? 108 GLY A O   1 
ATOM   874  N N   A THR A 1 109 ? 1.136   -8.056  -0.843  0.69 12.06 ? 109 THR A N   1 
ATOM   875  N N   B THR A 1 109 ? 1.178   -8.001  -0.826  0.31 12.32 ? 109 THR A N   1 
ATOM   876  C CA  A THR A 1 109 ? 0.819   -8.702  0.429   0.69 11.95 ? 109 THR A CA  1 
ATOM   877  C CA  B THR A 1 109 ? 0.824   -8.611  0.445   0.31 11.75 ? 109 THR A CA  1 
ATOM   878  C C   A THR A 1 109 ? -0.696  -8.725  0.606   0.69 10.09 ? 109 THR A C   1 
ATOM   879  C C   B THR A 1 109 ? -0.691  -8.626  0.550   0.31 10.07 ? 109 THR A C   1 
ATOM   880  O O   A THR A 1 109 ? -1.374  -7.726  0.349   0.69 10.90 ? 109 THR A O   1 
ATOM   881  O O   B THR A 1 109 ? -1.352  -7.630  0.245   0.31 10.63 ? 109 THR A O   1 
ATOM   882  C CB  A THR A 1 109 ? 1.529   -8.001  1.612   0.69 11.17 ? 109 THR A CB  1 
ATOM   883  C CB  B THR A 1 109 ? 1.430   -7.860  1.637   0.31 11.80 ? 109 THR A CB  1 
ATOM   884  O OG1 A THR A 1 109 ? 1.287   -8.710  2.839   0.69 11.16 ? 109 THR A OG1 1 
ATOM   885  O OG1 B THR A 1 109 ? 1.166   -6.455  1.513   0.31 16.16 ? 109 THR A OG1 1 
ATOM   886  C CG2 A THR A 1 109 ? 1.081   -6.538  1.771   0.69 16.34 ? 109 THR A CG2 1 
ATOM   887  C CG2 B THR A 1 109 ? 2.924   -8.093  1.709   0.31 13.46 ? 109 THR A CG2 1 
ATOM   888  N N   A GLN A 1 110 ? -1.231  -9.882  0.998   0.69 10.37 ? 110 GLN A N   1 
ATOM   889  N N   B GLN A 1 110 ? -1.237  -9.761  0.964   0.31 10.24 ? 110 GLN A N   1 
ATOM   890  C CA  A GLN A 1 110 ? -2.673  -10.042 1.158   0.69 8.59  ? 110 GLN A CA  1 
ATOM   891  C CA  B GLN A 1 110 ? -2.679  -9.926  1.032   0.31 8.61  ? 110 GLN A CA  1 
ATOM   892  C C   A GLN A 1 110 ? -3.159  -9.340  2.417   0.69 11.18 ? 110 GLN A C   1 
ATOM   893  C C   B GLN A 1 110 ? -3.202  -9.395  2.362   0.31 11.36 ? 110 GLN A C   1 
ATOM   894  O O   A GLN A 1 110 ? -2.600  -9.536  3.500   0.69 11.63 ? 110 GLN A O   1 
ATOM   895  O O   B GLN A 1 110 ? -2.685  -9.742  3.429   0.31 11.25 ? 110 GLN A O   1 
ATOM   896  C CB  A GLN A 1 110 ? -3.046  -11.522 1.239   0.69 12.55 ? 110 GLN A CB  1 
ATOM   897  C CB  B GLN A 1 110 ? -3.055  -11.395 0.843   0.31 12.49 ? 110 GLN A CB  1 
ATOM   898  C CG  A GLN A 1 110 ? -4.525  -11.759 1.586   0.69 9.11  ? 110 GLN A CG  1 
ATOM   899  C CG  B GLN A 1 110 ? -4.495  -11.615 0.407   0.31 11.37 ? 110 GLN A CG  1 
ATOM   900  C CD  A GLN A 1 110 ? -5.446  -11.593 0.384   0.69 13.44 ? 110 GLN A CD  1 
ATOM   901  C CD  B GLN A 1 110 ? -5.478  -11.473 1.551   0.31 11.38 ? 110 GLN A CD  1 
ATOM   902  O OE1 A GLN A 1 110 ? -5.257  -12.237 -0.645  0.69 12.52 ? 110 GLN A OE1 1 
ATOM   903  O OE1 B GLN A 1 110 ? -5.156  -11.768 2.701   0.31 10.35 ? 110 GLN A OE1 1 
ATOM   904  N NE2 A GLN A 1 110 ? -6.459  -10.740 0.519   0.69 8.33  ? 110 GLN A NE2 1 
ATOM   905  N NE2 B GLN A 1 110 ? -6.690  -11.022 1.238   0.31 13.02 ? 110 GLN A NE2 1 
ATOM   906  N N   . VAL A 1 111 ? -4.217  -8.538  2.280   1.00 9.96  ? 111 VAL A N   1 
ATOM   907  C CA  . VAL A 1 111 ? -4.910  -7.968  3.427   1.00 11.26 ? 111 VAL A CA  1 
ATOM   908  C C   . VAL A 1 111 ? -6.346  -8.466  3.377   1.00 9.80  ? 111 VAL A C   1 
ATOM   909  O O   . VAL A 1 111 ? -7.003  -8.355  2.339   1.00 11.25 ? 111 VAL A O   1 
ATOM   910  C CB  . VAL A 1 111 ? -4.858  -6.430  3.402   1.00 9.24  ? 111 VAL A CB  1 
ATOM   911  C CG1 . VAL A 1 111 ? -5.780  -5.815  4.476   1.00 12.14 ? 111 VAL A CG1 1 
ATOM   912  C CG2 . VAL A 1 111 ? -3.429  -5.951  3.580   1.00 10.69 ? 111 VAL A CG2 1 
ATOM   913  N N   . THR A 1 112 ? -6.829  -9.006  4.489   1.00 10.04 ? 112 THR A N   1 
ATOM   914  C CA  . THR A 1 112 ? -8.203  -9.479  4.600   1.00 9.29  ? 112 THR A CA  1 
ATOM   915  C C   . THR A 1 112 ? -8.891  -8.746  5.738   1.00 7.86  ? 112 THR A C   1 
ATOM   916  O O   . THR A 1 112 ? -8.431  -8.807  6.883   1.00 12.24 ? 112 THR A O   1 
ATOM   917  C CB  . THR A 1 112 ? -8.253  -10.984 4.860   1.00 7.70  ? 112 THR A CB  1 
ATOM   918  O OG1 . THR A 1 112 ? -7.569  -11.669 3.812   1.00 11.23 ? 112 THR A OG1 1 
ATOM   919  C CG2 . THR A 1 112 ? -9.691  -11.464 4.925   1.00 10.78 ? 112 THR A CG2 1 
ATOM   920  N N   . VAL A 1 113 ? -9.997  -8.071  5.426   1.00 10.10 ? 113 VAL A N   1 
ATOM   921  C CA  . VAL A 1 113 ? -10.842 -7.438  6.429   1.00 9.14  ? 113 VAL A CA  1 
ATOM   922  C C   . VAL A 1 113 ? -12.119 -8.265  6.496   1.00 9.67  ? 113 VAL A C   1 
ATOM   923  O O   . VAL A 1 113 ? -12.898 -8.297  5.536   1.00 10.99 ? 113 VAL A O   1 
ATOM   924  C CB  . VAL A 1 113 ? -11.134 -5.967  6.093   1.00 8.02  ? 113 VAL A CB  1 
ATOM   925  C CG1 . VAL A 1 113 ? -11.953 -5.325  7.221   1.00 9.08  ? 113 VAL A CG1 1 
ATOM   926  C CG2 . VAL A 1 113 ? -9.826  -5.179  5.877   1.00 7.61  ? 113 VAL A CG2 1 
ATOM   927  N N   A SER A 1 114 ? -12.324 -8.942  7.624   0.43 9.86  ? 114 SER A N   1 
ATOM   928  N N   B SER A 1 114 ? -12.322 -8.966  7.606   0.57 10.53 ? 114 SER A N   1 
ATOM   929  C CA  A SER A 1 114 ? -13.507 -9.770  7.806   0.43 11.44 ? 114 SER A CA  1 
ATOM   930  C CA  B SER A 1 114 ? -13.492 -9.826  7.703   0.57 11.39 ? 114 SER A CA  1 
ATOM   931  C C   A SER A 1 114 ? -14.781 -8.941  7.677   0.43 11.79 ? 114 SER A C   1 
ATOM   932  C C   B SER A 1 114 ? -14.773 -8.997  7.755   0.57 11.86 ? 114 SER A C   1 
ATOM   933  O O   A SER A 1 114 ? -14.794 -7.726  7.892   0.43 12.13 ? 114 SER A O   1 
ATOM   934  O O   B SER A 1 114 ? -14.775 -7.831  8.157   0.57 12.60 ? 114 SER A O   1 
ATOM   935  C CB  A SER A 1 114 ? -13.490 -10.452 9.176   0.43 13.37 ? 114 SER A CB  1 
ATOM   936  C CB  B SER A 1 114 ? -13.396 -10.743 8.927   0.57 14.08 ? 114 SER A CB  1 
ATOM   937  O OG  A SER A 1 114 ? -12.430 -11.382 9.285   0.43 12.24 ? 114 SER A OG  1 
ATOM   938  O OG  B SER A 1 114 ? -13.097 -10.021 10.106  0.57 14.95 ? 114 SER A OG  1 
ATOM   939  N N   . SER A 1 115 ? -15.869 -9.621  7.330   1.00 12.86 ? 115 SER A N   1 
ATOM   940  C CA  . SER A 1 115 ? -17.154 -8.946  7.240   1.00 12.27 ? 115 SER A CA  1 
ATOM   941  C C   . SER A 1 115 ? -17.576 -8.404  8.602   1.00 12.66 ? 115 SER A C   1 
ATOM   942  O O   . SER A 1 115 ? -17.122 -8.863  9.654   1.00 15.62 ? 115 SER A O   1 
ATOM   943  C CB  . SER A 1 115 ? -18.216 -9.912  6.723   1.00 16.11 ? 115 SER A CB  1 
ATOM   944  O OG  . SER A 1 115 ? -18.303 -11.021 7.601   1.00 17.83 ? 115 SER A OG  1 
ATOM   945  N N   . HIS A 1 116 ? -18.459 -7.408  8.573   1.00 12.29 ? 116 HIS A N   1 
ATOM   946  C CA  . HIS A 1 116 ? -19.011 -6.882  9.810   1.00 17.36 ? 116 HIS A CA  1 
ATOM   947  C C   . HIS A 1 116 ? -19.739 -7.985  10.559  1.00 13.77 ? 116 HIS A C   1 
ATOM   948  O O   . HIS A 1 116 ? -20.499 -8.756  9.963   1.00 14.03 ? 116 HIS A O   1 
ATOM   949  C CB  . HIS A 1 116 ? -19.963 -5.727  9.519   1.00 16.65 ? 116 HIS A CB  1 
ATOM   950  C CG  . HIS A 1 116 ? -19.269 -4.453  9.163   1.00 19.22 ? 116 HIS A CG  1 
ATOM   951  N ND1 . HIS A 1 116 ? -18.649 -3.660  10.102  1.00 19.96 ? 116 HIS A ND1 1 
ATOM   952  C CD2 . HIS A 1 116 ? -19.104 -3.832  7.971   1.00 18.83 ? 116 HIS A CD2 1 
ATOM   953  C CE1 . HIS A 1 116 ? -18.123 -2.606  9.503   1.00 25.76 ? 116 HIS A CE1 1 
ATOM   954  N NE2 . HIS A 1 116 ? -18.387 -2.686  8.211   1.00 20.58 ? 116 HIS A NE2 1 
ATOM   955  N N   . HIS A 1 117 ? -19.476 -8.077  11.862  1.00 15.31 ? 117 HIS A N   1 
ATOM   956  C CA  . HIS A 1 117 ? -20.091 -9.082  12.722  1.00 17.79 ? 117 HIS A CA  1 
ATOM   957  C C   . HIS A 1 117 ? -19.933 -10.475 12.120  1.00 16.78 ? 117 HIS A C   1 
ATOM   958  O O   . HIS A 1 117 ? -20.871 -11.274 12.071  1.00 18.74 ? 117 HIS A O   1 
ATOM   959  C CB  . HIS A 1 117 ? -21.557 -8.733  12.982  1.00 16.13 ? 117 HIS A CB  1 
ATOM   960  C CG  . HIS A 1 117 ? -21.737 -7.390  13.619  1.00 19.00 ? 117 HIS A CG  1 
ATOM   961  N ND1 . HIS A 1 117 ? -21.429 -7.149  14.939  1.00 20.89 ? 117 HIS A ND1 1 
ATOM   962  C CD2 . HIS A 1 117 ? -22.164 -6.209  13.111  1.00 16.58 ? 117 HIS A CD2 1 
ATOM   963  C CE1 . HIS A 1 117 ? -21.670 -5.882  15.222  1.00 21.87 ? 117 HIS A CE1 1 
ATOM   964  N NE2 . HIS A 1 117 ? -22.123 -5.291  14.131  1.00 20.19 ? 117 HIS A NE2 1 
ATOM   965  N N   . HIS A 1 118 ? -18.716 -10.755 11.656  1.00 17.08 ? 118 HIS A N   1 
ATOM   966  C CA  . HIS A 1 118 ? -18.378 -12.018 11.014  1.00 19.17 ? 118 HIS A CA  1 
ATOM   967  C C   . HIS A 1 118 ? -18.700 -13.207 11.916  1.00 25.28 ? 118 HIS A C   1 
ATOM   968  O O   . HIS A 1 118 ? -19.051 -14.288 11.441  1.00 31.03 ? 118 HIS A O   1 
ATOM   969  C CB  . HIS A 1 118 ? -16.894 -12.027 10.639  1.00 18.07 ? 118 HIS A CB  1 
ATOM   970  C CG  . HIS A 1 118 ? -16.448 -13.276 9.946   1.00 25.29 ? 118 HIS A CG  1 
ATOM   971  N ND1 . HIS A 1 118 ? -16.655 -13.496 8.602   1.00 34.10 ? 118 HIS A ND1 1 
ATOM   972  C CD2 . HIS A 1 118 ? -15.810 -14.374 10.414  1.00 30.30 ? 118 HIS A CD2 1 
ATOM   973  C CE1 . HIS A 1 118 ? -16.161 -14.675 8.270   1.00 33.75 ? 118 HIS A CE1 1 
ATOM   974  N NE2 . HIS A 1 118 ? -15.643 -15.229 9.351   1.00 30.98 ? 118 HIS A NE2 1 
ATOM   975  N N   . HIS A 1 119 ? -18.574 -12.991 13.220  1.00 22.67 ? 119 HIS A N   1 
ATOM   976  C CA  . HIS A 1 119 ? -18.913 -14.004 14.211  1.00 38.42 ? 119 HIS A CA  1 
HETATM 977  C C1  . EDO B 2 .   ? 4.351   -2.860  8.597   1.00 20.83 ? 201 EDO A C1  1 
HETATM 978  O O1  . EDO B 2 .   ? 4.584   -2.126  9.805   1.00 27.23 ? 201 EDO A O1  1 
HETATM 979  C C2  . EDO B 2 .   ? 5.514   -3.809  8.376   1.00 26.32 ? 201 EDO A C2  1 
HETATM 980  O O2  . EDO B 2 .   ? 6.738   -3.070  8.495   1.00 35.81 ? 201 EDO A O2  1 
HETATM 981  S S   . SO4 C 3 .   ? 17.744  7.047   -7.419  1.00 24.85 ? 202 SO4 A S   1 
HETATM 982  O O1  . SO4 C 3 .   ? 17.831  6.873   -5.982  1.00 20.65 ? 202 SO4 A O1  1 
HETATM 983  O O2  . SO4 C 3 .   ? 16.585  6.392   -7.996  1.00 24.21 ? 202 SO4 A O2  1 
HETATM 984  O O3  . SO4 C 3 .   ? 17.707  8.464   -7.741  1.00 32.70 ? 202 SO4 A O3  1 
HETATM 985  O O4  . SO4 C 3 .   ? 18.949  6.456   -7.997  1.00 31.98 ? 202 SO4 A O4  1 
HETATM 986  S S   . SO4 D 3 .   ? 8.344   12.989  -9.343  1.00 32.65 ? 203 SO4 A S   1 
HETATM 987  O O1  . SO4 D 3 .   ? 8.286   11.937  -8.317  1.00 26.61 ? 203 SO4 A O1  1 
HETATM 988  O O2  . SO4 D 3 .   ? 7.147   12.937  -10.187 1.00 29.24 ? 203 SO4 A O2  1 
HETATM 989  O O3  . SO4 D 3 .   ? 8.379   14.301  -8.713  1.00 28.72 ? 203 SO4 A O3  1 
HETATM 990  O O4  . SO4 D 3 .   ? 9.549   12.770  -10.122 1.00 31.89 ? 203 SO4 A O4  1 
HETATM 991  S S   . SO4 E 3 .   ? -3.517  -6.267  -13.456 0.50 32.05 ? 204 SO4 A S   1 
HETATM 992  O O1  . SO4 E 3 .   ? -4.188  -7.569  -13.410 0.50 18.37 ? 204 SO4 A O1  1 
HETATM 993  O O2  . SO4 E 3 .   ? -2.739  -6.153  -14.680 0.50 31.01 ? 204 SO4 A O2  1 
HETATM 994  O O3  . SO4 E 3 .   ? -4.484  -5.168  -13.398 0.50 18.37 ? 204 SO4 A O3  1 
HETATM 995  O O4  . SO4 E 3 .   ? -2.585  -6.171  -12.345 0.50 31.01 ? 204 SO4 A O4  1 
HETATM 996  S S   . SO4 F 3 .   ? 2.090   19.034  -7.010  1.00 10.72 ? 205 SO4 A S   1 
HETATM 997  O O1  . SO4 F 3 .   ? 2.336   17.596  -7.158  1.00 10.48 ? 205 SO4 A O1  1 
HETATM 998  O O2  . SO4 F 3 .   ? 0.775   19.365  -7.554  1.00 10.95 ? 205 SO4 A O2  1 
HETATM 999  O O3  . SO4 F 3 .   ? 2.208   19.376  -5.603  1.00 11.43 ? 205 SO4 A O3  1 
HETATM 1000 O O4  . SO4 F 3 .   ? 3.118   19.771  -7.727  1.00 11.68 ? 205 SO4 A O4  1 
HETATM 1001 S S   . SO4 G 3 .   ? 20.864  13.390  -7.106  1.00 72.85 ? 206 SO4 A S   1 
HETATM 1002 O O1  . SO4 G 3 .   ? 21.352  12.038  -7.365  1.00 69.99 ? 206 SO4 A O1  1 
HETATM 1003 O O2  . SO4 G 3 .   ? 21.167  14.239  -8.256  1.00 74.55 ? 206 SO4 A O2  1 
HETATM 1004 O O3  . SO4 G 3 .   ? 19.419  13.355  -6.900  1.00 74.32 ? 206 SO4 A O3  1 
HETATM 1005 O O4  . SO4 G 3 .   ? 21.508  13.922  -5.909  1.00 59.39 ? 206 SO4 A O4  1 
HETATM 1006 C C1  . GOL H 4 .   ? -4.783  11.461  5.188   1.00 29.55 ? 207 GOL A C1  1 
HETATM 1007 O O1  . GOL H 4 .   ? -4.677  10.867  6.431   1.00 13.16 ? 207 GOL A O1  1 
HETATM 1008 C C2  . GOL H 4 .   ? -6.256  11.338  4.785   1.00 29.65 ? 207 GOL A C2  1 
HETATM 1009 O O2  . GOL H 4 .   ? -6.744  12.465  4.134   1.00 31.12 ? 207 GOL A O2  1 
HETATM 1010 C C3  . GOL H 4 .   ? -6.224  10.188  3.830   1.00 18.90 ? 207 GOL A C3  1 
HETATM 1011 O O3  . GOL H 4 .   ? -6.980  10.559  2.768   1.00 31.90 ? 207 GOL A O3  1 
HETATM 1012 C C1  . GOL I 4 .   ? 6.646   7.749   9.599   1.00 22.20 ? 208 GOL A C1  1 
HETATM 1013 O O1  . GOL I 4 .   ? 6.572   8.140   8.251   1.00 20.86 ? 208 GOL A O1  1 
HETATM 1014 C C2  . GOL I 4 .   ? 5.186   7.458   10.070  1.00 17.47 ? 208 GOL A C2  1 
HETATM 1015 O O2  . GOL I 4 .   ? 4.530   6.585   9.203   1.00 15.80 ? 208 GOL A O2  1 
HETATM 1016 C C3  . GOL I 4 .   ? 4.473   8.861   10.199  1.00 13.51 ? 208 GOL A C3  1 
HETATM 1017 O O3  . GOL I 4 .   ? 3.180   8.677   10.838  1.00 12.34 ? 208 GOL A O3  1 
HETATM 1018 O O   . HOH J 5 .   ? 23.128  12.413  -5.397  1.00 29.92 ? 301 HOH A O   1 
HETATM 1019 O O   . HOH J 5 .   ? 13.968  0.794   2.353   1.00 31.83 ? 302 HOH A O   1 
HETATM 1020 O O   . HOH J 5 .   ? -11.371 -3.565  -4.647  1.00 29.90 ? 303 HOH A O   1 
HETATM 1021 O O   . HOH J 5 .   ? 16.970  13.380  -6.858  1.00 34.10 ? 304 HOH A O   1 
HETATM 1022 O O   . HOH J 5 .   ? 9.150   -13.595 -3.871  1.00 21.52 ? 305 HOH A O   1 
HETATM 1023 O O   . HOH J 5 .   ? 16.177  12.156  -2.793  1.00 27.06 ? 306 HOH A O   1 
HETATM 1024 O O   . HOH J 5 .   ? 20.841  -2.111  -6.878  1.00 34.83 ? 307 HOH A O   1 
HETATM 1025 O O   . HOH J 5 .   ? 18.077  -4.163  -4.968  1.00 36.65 ? 308 HOH A O   1 
HETATM 1026 O O   . HOH J 5 .   ? -17.553 -0.914  6.676   1.00 29.51 ? 309 HOH A O   1 
HETATM 1027 O O   . HOH J 5 .   ? 12.398  10.785  9.655   1.00 32.19 ? 310 HOH A O   1 
HETATM 1028 O O   . HOH J 5 .   ? -11.741 -11.549 11.710  1.00 30.19 ? 311 HOH A O   1 
HETATM 1029 O O   . HOH J 5 .   ? -6.632  -12.705 -2.726  0.50 20.11 ? 312 HOH A O   1 
HETATM 1030 O O   . HOH J 5 .   ? -11.911 1.281   -7.913  1.00 27.48 ? 313 HOH A O   1 
HETATM 1031 O O   . HOH J 5 .   ? 19.302  7.736   4.797   1.00 42.40 ? 314 HOH A O   1 
HETATM 1032 O O   . HOH J 5 .   ? 15.138  2.850   -13.749 1.00 38.20 ? 315 HOH A O   1 
HETATM 1033 O O   . HOH J 5 .   ? 1.631   6.272   7.115   1.00 11.39 ? 316 HOH A O   1 
HETATM 1034 O O   . HOH J 5 .   ? -1.672  12.555  4.018   1.00 13.90 ? 317 HOH A O   1 
HETATM 1035 O O   . HOH J 5 .   ? 4.553   5.038   -8.948  1.00 14.65 ? 318 HOH A O   1 
HETATM 1036 O O   . HOH J 5 .   ? -2.322  4.783   -11.144 1.00 17.53 ? 319 HOH A O   1 
HETATM 1037 O O   . HOH J 5 .   ? -15.115 -8.403  11.285  1.00 17.51 ? 320 HOH A O   1 
HETATM 1038 O O   . HOH J 5 .   ? -11.984 -8.121  -1.973  1.00 28.22 ? 321 HOH A O   1 
HETATM 1039 O O   . HOH J 5 .   ? -3.481  -9.753  -7.190  1.00 18.55 ? 322 HOH A O   1 
HETATM 1040 O O   . HOH J 5 .   ? 1.306   -4.441  10.370  1.00 17.91 ? 323 HOH A O   1 
HETATM 1041 O O   . HOH J 5 .   ? 9.372   -2.131  5.039   1.00 30.95 ? 324 HOH A O   1 
HETATM 1042 O O   . HOH J 5 .   ? 13.929  7.819   0.357   1.00 19.22 ? 325 HOH A O   1 
HETATM 1043 O O   . HOH J 5 .   ? -3.321  0.547   14.767  1.00 9.32  ? 326 HOH A O   1 
HETATM 1044 O O   . HOH J 5 .   ? -18.007 -16.471 12.599  1.00 43.02 ? 327 HOH A O   1 
HETATM 1045 O O   . HOH J 5 .   ? -10.237 -4.008  -2.076  1.00 19.83 ? 328 HOH A O   1 
HETATM 1046 O O   . HOH J 5 .   ? -14.450 3.039   0.682   1.00 28.84 ? 329 HOH A O   1 
HETATM 1047 O O   . HOH J 5 .   ? 8.825   -4.030  3.852   1.00 23.23 ? 330 HOH A O   1 
HETATM 1048 O O   . HOH J 5 .   ? 9.312   9.112   -10.701 1.00 31.00 ? 331 HOH A O   1 
HETATM 1049 O O   . HOH J 5 .   ? -7.687  -0.652  15.411  1.00 13.23 ? 332 HOH A O   1 
HETATM 1050 O O   . HOH J 5 .   ? -15.592 8.322   -5.990  1.00 22.81 ? 333 HOH A O   1 
HETATM 1051 O O   . HOH J 5 .   ? -12.475 6.538   2.717   1.00 21.84 ? 334 HOH A O   1 
HETATM 1052 O O   . HOH J 5 .   ? -5.816  -10.248 -5.724  1.00 18.49 ? 335 HOH A O   1 
HETATM 1053 O O   . HOH J 5 .   ? -14.183 -9.848  3.719   1.00 23.22 ? 336 HOH A O   1 
HETATM 1054 O O   . HOH J 5 .   ? 10.392  -3.895  -13.246 1.00 37.39 ? 337 HOH A O   1 
HETATM 1055 O O   . HOH J 5 .   ? -13.900 10.151  -0.755  1.00 26.80 ? 338 HOH A O   1 
HETATM 1056 O O   . HOH J 5 .   ? -9.052  -4.617  -7.815  1.00 14.10 ? 339 HOH A O   1 
HETATM 1057 O O   . HOH J 5 .   ? 12.177  -5.408  -9.016  1.00 28.40 ? 340 HOH A O   1 
HETATM 1058 O O   . HOH J 5 .   ? 6.088   -0.201  11.044  1.00 14.51 ? 341 HOH A O   1 
HETATM 1059 O O   . HOH J 5 .   ? 10.449  7.673   11.672  1.00 28.52 ? 342 HOH A O   1 
HETATM 1060 O O   . HOH J 5 .   ? 2.271   10.861  -7.402  1.00 16.17 ? 343 HOH A O   1 
HETATM 1061 O O   . HOH J 5 .   ? 0.911   7.192   -9.577  1.00 27.23 ? 344 HOH A O   1 
HETATM 1062 O O   . HOH J 5 .   ? 1.418   -11.711 -3.248  0.50 14.34 ? 345 HOH A O   1 
HETATM 1063 O O   . HOH J 5 .   ? -9.731  0.893   14.548  1.00 16.05 ? 346 HOH A O   1 
HETATM 1064 O O   . HOH J 5 .   ? 16.472  11.115  0.947   1.00 38.28 ? 347 HOH A O   1 
HETATM 1065 O O   . HOH J 5 .   ? -9.666  11.262  -2.879  1.00 13.44 ? 348 HOH A O   1 
HETATM 1066 O O   . HOH J 5 .   ? -13.096 -10.160 -6.024  1.00 18.49 ? 349 HOH A O   1 
HETATM 1067 O O   . HOH J 5 .   ? 4.497   18.655  -1.659  1.00 8.41  ? 350 HOH A O   1 
HETATM 1068 O O   . HOH J 5 .   ? -12.560 0.601   -0.055  1.00 19.77 ? 351 HOH A O   1 
HETATM 1069 O O   . HOH J 5 .   ? -4.932  6.822   8.579   1.00 13.53 ? 352 HOH A O   1 
HETATM 1070 O O   . HOH J 5 .   ? -8.548  3.459   -7.537  1.00 14.54 ? 353 HOH A O   1 
HETATM 1071 O O   . HOH J 5 .   ? -15.795 -0.535  9.048   1.00 25.65 ? 354 HOH A O   1 
HETATM 1072 O O   . HOH J 5 .   ? 2.152   3.614   -11.361 1.00 20.35 ? 355 HOH A O   1 
HETATM 1073 O O   . HOH J 5 .   ? -13.421 2.022   13.390  1.00 31.45 ? 356 HOH A O   1 
HETATM 1074 O O   . HOH J 5 .   ? 19.625  0.935   -9.052  1.00 25.35 ? 357 HOH A O   1 
HETATM 1075 O O   . HOH J 5 .   ? -3.818  2.858   13.406  1.00 11.03 ? 358 HOH A O   1 
HETATM 1076 O O   . HOH J 5 .   ? -0.087  -11.812 -5.810  1.00 23.66 ? 359 HOH A O   1 
HETATM 1077 O O   . HOH J 5 .   ? -3.118  -8.984  10.184  1.00 13.30 ? 360 HOH A O   1 
HETATM 1078 O O   . HOH J 5 .   ? -18.614 -1.917  4.679   1.00 31.74 ? 361 HOH A O   1 
HETATM 1079 O O   . HOH J 5 .   ? 10.771  -5.812  -6.705  1.00 20.97 ? 362 HOH A O   1 
HETATM 1080 O O   . HOH J 5 .   ? -18.126 -6.063  13.286  1.00 24.73 ? 363 HOH A O   1 
HETATM 1081 O O   . HOH J 5 .   ? 8.083   8.694   -3.140  1.00 14.22 ? 364 HOH A O   1 
HETATM 1082 O O   . HOH J 5 .   ? 1.131   12.788  -5.756  1.00 11.09 ? 365 HOH A O   1 
HETATM 1083 O O   . HOH J 5 .   ? -13.595 -10.844 -13.305 1.00 25.61 ? 366 HOH A O   1 
HETATM 1084 O O   . HOH J 5 .   ? 2.705   -11.358 -7.097  1.00 24.39 ? 367 HOH A O   1 
HETATM 1085 O O   . HOH J 5 .   ? -4.124  -2.038  -15.365 1.00 31.44 ? 368 HOH A O   1 
HETATM 1086 O O   . HOH J 5 .   ? 0.050   -11.489 -8.311  1.00 28.92 ? 369 HOH A O   1 
HETATM 1087 O O   . HOH J 5 .   ? 1.377   6.800   9.708   1.00 17.01 ? 370 HOH A O   1 
HETATM 1088 O O   . HOH J 5 .   ? -14.870 2.896   7.563   1.00 22.39 ? 371 HOH A O   1 
HETATM 1089 O O   . HOH J 5 .   ? 14.356  8.382   10.399  1.00 25.26 ? 372 HOH A O   1 
HETATM 1090 O O   . HOH J 5 .   ? 20.281  11.341  -1.138  1.00 37.84 ? 373 HOH A O   1 
HETATM 1091 O O   . HOH J 5 .   ? -12.064 8.292   9.017   1.00 21.04 ? 374 HOH A O   1 
HETATM 1092 O O   . HOH J 5 .   ? 15.739  9.238   -9.746  1.00 34.17 ? 375 HOH A O   1 
HETATM 1093 O O   . HOH J 5 .   ? -19.787 -6.841  6.101   1.00 16.88 ? 376 HOH A O   1 
HETATM 1094 O O   . HOH J 5 .   ? 3.468   -7.467  -8.997  1.00 36.02 ? 377 HOH A O   1 
HETATM 1095 O O   . HOH J 5 .   ? -8.960  2.918   13.081  1.00 16.27 ? 378 HOH A O   1 
HETATM 1096 O O   . HOH J 5 .   ? -15.713 -6.103  13.409  1.00 27.85 ? 379 HOH A O   1 
HETATM 1097 O O   . HOH J 5 .   ? -0.374  -3.053  11.918  1.00 13.79 ? 380 HOH A O   1 
HETATM 1098 O O   . HOH J 5 .   ? 16.704  8.358   1.043   1.00 32.30 ? 381 HOH A O   1 
HETATM 1099 O O   . HOH J 5 .   ? -8.484  2.057   -4.339  1.00 28.44 ? 382 HOH A O   1 
HETATM 1100 O O   . HOH J 5 .   ? 9.691   -4.925  -10.795 1.00 21.00 ? 383 HOH A O   1 
HETATM 1101 O O   . HOH J 5 .   ? 12.324  0.626   7.820   1.00 27.31 ? 384 HOH A O   1 
HETATM 1102 O O   . HOH J 5 .   ? 8.576   10.337  8.198   1.00 18.28 ? 385 HOH A O   1 
HETATM 1103 O O   . HOH J 5 .   ? 11.452  9.463   -11.424 1.00 36.60 ? 386 HOH A O   1 
HETATM 1104 O O   . HOH J 5 .   ? 8.080   -8.288  -8.248  1.00 36.05 ? 387 HOH A O   1 
HETATM 1105 O O   . HOH J 5 .   ? -8.223  -10.573 -1.824  1.00 18.25 ? 388 HOH A O   1 
HETATM 1106 O O   . HOH J 5 .   ? -1.581  -0.458  12.669  1.00 11.06 ? 389 HOH A O   1 
HETATM 1107 O O   . HOH J 5 .   ? 12.657  14.843  -1.824  1.00 27.87 ? 390 HOH A O   1 
HETATM 1108 O O   . HOH J 5 .   ? -15.419 -12.196 5.943   1.00 23.27 ? 391 HOH A O   1 
HETATM 1109 O O   . HOH J 5 .   ? -7.011  -3.997  13.901  1.00 11.66 ? 392 HOH A O   1 
HETATM 1110 O O   . HOH J 5 .   ? -0.217  -11.311 3.945   1.00 19.87 ? 393 HOH A O   1 
HETATM 1111 O O   . HOH J 5 .   ? -16.172 -9.314  13.419  1.00 34.65 ? 394 HOH A O   1 
HETATM 1112 O O   . HOH J 5 .   ? 15.425  4.651   14.720  1.00 29.49 ? 395 HOH A O   1 
HETATM 1113 O O   . HOH J 5 .   ? -15.212 12.230  2.559   1.00 45.01 ? 396 HOH A O   1 
HETATM 1114 O O   . HOH J 5 .   ? -20.137 -14.094 8.627   1.00 33.37 ? 397 HOH A O   1 
HETATM 1115 O O   . HOH J 5 .   ? -12.611 -13.518 7.144   1.00 31.63 ? 398 HOH A O   1 
HETATM 1116 O O   . HOH J 5 .   ? -10.892 3.501   -6.097  1.00 24.65 ? 399 HOH A O   1 
HETATM 1117 O O   . HOH J 5 .   ? -13.695 8.659   4.816   1.00 27.51 ? 400 HOH A O   1 
HETATM 1118 O O   . HOH J 5 .   ? -11.428 5.618   -6.760  1.00 17.09 ? 401 HOH A O   1 
HETATM 1119 O O   . HOH J 5 .   ? 13.895  -4.224  -0.549  1.00 33.39 ? 402 HOH A O   1 
HETATM 1120 O O   . HOH J 5 .   ? 16.340  1.039   2.351   1.00 46.73 ? 403 HOH A O   1 
HETATM 1121 O O   . HOH J 5 .   ? 4.898   -9.473  6.565   1.00 31.82 ? 404 HOH A O   1 
HETATM 1122 O O   . HOH J 5 .   ? 4.123   -2.634  -15.524 1.00 33.31 ? 405 HOH A O   1 
HETATM 1123 O O   . HOH J 5 .   ? 21.630  2.871   -9.447  1.00 25.39 ? 406 HOH A O   1 
HETATM 1124 O O   . HOH J 5 .   ? -13.364 -17.601 8.503   1.00 35.12 ? 407 HOH A O   1 
HETATM 1125 O O   . HOH J 5 .   ? -12.369 12.230  -2.051  1.00 27.43 ? 408 HOH A O   1 
HETATM 1126 O O   . HOH J 5 .   ? -13.715 -13.249 -9.245  1.00 37.99 ? 409 HOH A O   1 
HETATM 1127 O O   . HOH J 5 .   ? 16.467  13.219  2.203   1.00 40.56 ? 410 HOH A O   1 
HETATM 1128 O O   . HOH J 5 .   ? 17.207  11.810  4.975   1.00 35.97 ? 411 HOH A O   1 
HETATM 1129 O O   . HOH J 5 .   ? 12.551  16.443  -3.868  1.00 37.04 ? 412 HOH A O   1 
HETATM 1130 O O   . HOH J 5 .   ? -19.793 -9.951  16.665  1.00 42.67 ? 413 HOH A O   1 
HETATM 1131 O O   . HOH J 5 .   ? -16.691 -9.999  3.667   1.00 39.35 ? 414 HOH A O   1 
HETATM 1132 O O   . HOH J 5 .   ? -10.235 5.197   14.150  1.00 27.94 ? 415 HOH A O   1 
HETATM 1133 O O   . HOH J 5 .   ? -1.197  0.561   -13.906 1.00 34.63 ? 416 HOH A O   1 
HETATM 1134 O O   . HOH J 5 .   ? -12.117 -15.166 11.099  1.00 39.36 ? 417 HOH A O   1 
HETATM 1135 O O   . HOH J 5 .   ? -13.168 -1.129  16.672  1.00 39.76 ? 418 HOH A O   1 
HETATM 1136 O O   . HOH J 5 .   ? -11.045 1.361   16.739  1.00 26.68 ? 419 HOH A O   1 
HETATM 1137 O O   . HOH J 5 .   ? 15.439  13.186  6.465   1.00 21.99 ? 420 HOH A O   1 
HETATM 1138 O O   . HOH J 5 .   ? 15.319  7.377   14.435  1.00 35.00 ? 421 HOH A O   1 
HETATM 1139 O O   . HOH J 5 .   ? -15.181 5.302   8.109   1.00 30.83 ? 422 HOH A O   1 
HETATM 1140 O O   . HOH J 5 .   ? -12.715 -12.030 2.793   1.00 28.75 ? 423 HOH A O   1 
HETATM 1141 O O   . HOH J 5 .   ? -12.861 -11.996 -3.948  1.00 23.09 ? 424 HOH A O   1 
HETATM 1142 O O   . HOH J 5 .   ? -11.063 -11.025 -1.897  1.00 20.62 ? 425 HOH A O   1 
HETATM 1143 O O   . HOH J 5 .   ? -12.534 -14.569 -4.776  1.00 21.64 ? 426 HOH A O   1 
# 
